data_6IZB
# 
_entry.id   6IZB 
# 
_audit_conform.dict_name       mmcif_pdbx.dic 
_audit_conform.dict_version    5.397 
_audit_conform.dict_location   http://mmcif.pdb.org/dictionaries/ascii/mmcif_pdbx.dic 
# 
loop_
_database_2.database_id 
_database_2.database_code 
_database_2.pdbx_database_accession 
_database_2.pdbx_DOI 
PDB   6IZB         pdb_00006izb 10.2210/pdb6izb/pdb 
WWPDB D_1300010198 ?            ?                   
# 
loop_
_pdbx_audit_revision_history.ordinal 
_pdbx_audit_revision_history.data_content_type 
_pdbx_audit_revision_history.major_revision 
_pdbx_audit_revision_history.minor_revision 
_pdbx_audit_revision_history.revision_date 
1 'Structure model' 1 0 2019-12-25 
2 'Structure model' 1 1 2024-10-16 
# 
_pdbx_audit_revision_details.ordinal             1 
_pdbx_audit_revision_details.revision_ordinal    1 
_pdbx_audit_revision_details.data_content_type   'Structure model' 
_pdbx_audit_revision_details.provider            repository 
_pdbx_audit_revision_details.type                'Initial release' 
_pdbx_audit_revision_details.description         ? 
_pdbx_audit_revision_details.details             ? 
# 
loop_
_pdbx_audit_revision_group.ordinal 
_pdbx_audit_revision_group.revision_ordinal 
_pdbx_audit_revision_group.data_content_type 
_pdbx_audit_revision_group.group 
1 2 'Structure model' 'Data collection'     
2 2 'Structure model' 'Database references' 
3 2 'Structure model' 'Structure summary'   
# 
loop_
_pdbx_audit_revision_category.ordinal 
_pdbx_audit_revision_category.revision_ordinal 
_pdbx_audit_revision_category.data_content_type 
_pdbx_audit_revision_category.category 
1 2 'Structure model' chem_comp_atom            
2 2 'Structure model' chem_comp_bond            
3 2 'Structure model' database_2                
4 2 'Structure model' pdbx_entry_details        
5 2 'Structure model' pdbx_modification_feature 
# 
loop_
_pdbx_audit_revision_item.ordinal 
_pdbx_audit_revision_item.revision_ordinal 
_pdbx_audit_revision_item.data_content_type 
_pdbx_audit_revision_item.item 
1 2 'Structure model' '_database_2.pdbx_DOI'                
2 2 'Structure model' '_database_2.pdbx_database_accession' 
# 
_pdbx_database_status.status_code                     REL 
_pdbx_database_status.status_code_sf                  REL 
_pdbx_database_status.status_code_mr                  ? 
_pdbx_database_status.entry_id                        6IZB 
_pdbx_database_status.recvd_initial_deposition_date   2018-12-19 
_pdbx_database_status.SG_entry                        N 
_pdbx_database_status.deposit_site                    PDBJ 
_pdbx_database_status.process_site                    PDBJ 
_pdbx_database_status.status_code_cs                  ? 
_pdbx_database_status.methods_development_category    ? 
_pdbx_database_status.pdb_format_compatible           Y 
_pdbx_database_status.status_code_nmr_data            ? 
# 
loop_
_audit_author.name 
_audit_author.pdbx_ordinal 
_audit_author.identifier_ORCID 
'Shin, D.H.' 1 0000-0002-2205-1453 
'Kim, M.S.'  2 0000-0002-4092-4203 
# 
_citation.abstract                  ? 
_citation.abstract_id_CAS           ? 
_citation.book_id_ISBN              ? 
_citation.book_publisher            ? 
_citation.book_publisher_city       ? 
_citation.book_title                ? 
_citation.coordinate_linkage        ? 
_citation.country                   ? 
_citation.database_id_Medline       ? 
_citation.details                   ? 
_citation.id                        primary 
_citation.journal_abbrev            'To Be Published' 
_citation.journal_id_ASTM           ? 
_citation.journal_id_CSD            0353 
_citation.journal_id_ISSN           ? 
_citation.journal_full              ? 
_citation.journal_issue             ? 
_citation.journal_volume            ? 
_citation.language                  ? 
_citation.page_first                ? 
_citation.page_last                 ? 
_citation.title                     'Flexible loop truncated human TCTP' 
_citation.year                      ? 
_citation.database_id_CSD           ? 
_citation.pdbx_database_id_DOI      ? 
_citation.pdbx_database_id_PubMed   ? 
_citation.unpublished_flag          ? 
# 
loop_
_citation_author.citation_id 
_citation_author.name 
_citation_author.ordinal 
_citation_author.identifier_ORCID 
primary 'Shin, D.H.' 1 0000-0002-2205-1453 
primary 'Kim, M.S.'  2 0000-0002-4092-4203 
# 
loop_
_entity.id 
_entity.type 
_entity.src_method 
_entity.pdbx_description 
_entity.formula_weight 
_entity.pdbx_number_of_molecules 
_entity.pdbx_ec 
_entity.pdbx_mutation 
_entity.pdbx_fragment 
_entity.details 
1 polymer man 'Translationally-controlled tumor protein' 17958.723 1  ? ? ? ? 
2 water   nat water                                      18.015    91 ? ? ? ? 
# 
_entity_name_com.entity_id   1 
_entity_name_com.name        'TCTP,Fortilin,Histamine-releasing factor,HRF,p23' 
# 
_entity_poly.entity_id                      1 
_entity_poly.type                           'polypeptide(L)' 
_entity_poly.nstd_linkage                   no 
_entity_poly.nstd_monomer                   no 
_entity_poly.pdbx_seq_one_letter_code       
;MIIYRDLISHDEMFSDIYKIREIADGLCLEVEGKMVSGGITGVDIVMNHHLQETSFTKEAYKKYIKDYMKSIKGKLEEQR
PERVKPFMTGAAEQIKHILANFKNYQFFIGENMNPDGMVALLDYREDGVTPYMIFFKDGLEMEKCLEHHHHHH
;
_entity_poly.pdbx_seq_one_letter_code_can   
;MIIYRDLISHDEMFSDIYKIREIADGLCLEVEGKMVSGGITGVDIVMNHHLQETSFTKEAYKKYIKDYMKSIKGKLEEQR
PERVKPFMTGAAEQIKHILANFKNYQFFIGENMNPDGMVALLDYREDGVTPYMIFFKDGLEMEKCLEHHHHHH
;
_entity_poly.pdbx_strand_id                 A 
_entity_poly.pdbx_target_identifier         ? 
# 
_pdbx_entity_nonpoly.entity_id   2 
_pdbx_entity_nonpoly.name        water 
_pdbx_entity_nonpoly.comp_id     HOH 
# 
loop_
_entity_poly_seq.entity_id 
_entity_poly_seq.num 
_entity_poly_seq.mon_id 
_entity_poly_seq.hetero 
1 1   MET n 
1 2   ILE n 
1 3   ILE n 
1 4   TYR n 
1 5   ARG n 
1 6   ASP n 
1 7   LEU n 
1 8   ILE n 
1 9   SER n 
1 10  HIS n 
1 11  ASP n 
1 12  GLU n 
1 13  MET n 
1 14  PHE n 
1 15  SER n 
1 16  ASP n 
1 17  ILE n 
1 18  TYR n 
1 19  LYS n 
1 20  ILE n 
1 21  ARG n 
1 22  GLU n 
1 23  ILE n 
1 24  ALA n 
1 25  ASP n 
1 26  GLY n 
1 27  LEU n 
1 28  CYS n 
1 29  LEU n 
1 30  GLU n 
1 31  VAL n 
1 32  GLU n 
1 33  GLY n 
1 34  LYS n 
1 35  MET n 
1 36  VAL n 
1 37  SER n 
1 38  GLY n 
1 39  GLY n 
1 40  ILE n 
1 41  THR n 
1 42  GLY n 
1 43  VAL n 
1 44  ASP n 
1 45  ILE n 
1 46  VAL n 
1 47  MET n 
1 48  ASN n 
1 49  HIS n 
1 50  HIS n 
1 51  LEU n 
1 52  GLN n 
1 53  GLU n 
1 54  THR n 
1 55  SER n 
1 56  PHE n 
1 57  THR n 
1 58  LYS n 
1 59  GLU n 
1 60  ALA n 
1 61  TYR n 
1 62  LYS n 
1 63  LYS n 
1 64  TYR n 
1 65  ILE n 
1 66  LYS n 
1 67  ASP n 
1 68  TYR n 
1 69  MET n 
1 70  LYS n 
1 71  SER n 
1 72  ILE n 
1 73  LYS n 
1 74  GLY n 
1 75  LYS n 
1 76  LEU n 
1 77  GLU n 
1 78  GLU n 
1 79  GLN n 
1 80  ARG n 
1 81  PRO n 
1 82  GLU n 
1 83  ARG n 
1 84  VAL n 
1 85  LYS n 
1 86  PRO n 
1 87  PHE n 
1 88  MET n 
1 89  THR n 
1 90  GLY n 
1 91  ALA n 
1 92  ALA n 
1 93  GLU n 
1 94  GLN n 
1 95  ILE n 
1 96  LYS n 
1 97  HIS n 
1 98  ILE n 
1 99  LEU n 
1 100 ALA n 
1 101 ASN n 
1 102 PHE n 
1 103 LYS n 
1 104 ASN n 
1 105 TYR n 
1 106 GLN n 
1 107 PHE n 
1 108 PHE n 
1 109 ILE n 
1 110 GLY n 
1 111 GLU n 
1 112 ASN n 
1 113 MET n 
1 114 ASN n 
1 115 PRO n 
1 116 ASP n 
1 117 GLY n 
1 118 MET n 
1 119 VAL n 
1 120 ALA n 
1 121 LEU n 
1 122 LEU n 
1 123 ASP n 
1 124 TYR n 
1 125 ARG n 
1 126 GLU n 
1 127 ASP n 
1 128 GLY n 
1 129 VAL n 
1 130 THR n 
1 131 PRO n 
1 132 TYR n 
1 133 MET n 
1 134 ILE n 
1 135 PHE n 
1 136 PHE n 
1 137 LYS n 
1 138 ASP n 
1 139 GLY n 
1 140 LEU n 
1 141 GLU n 
1 142 MET n 
1 143 GLU n 
1 144 LYS n 
1 145 CYS n 
1 146 LEU n 
1 147 GLU n 
1 148 HIS n 
1 149 HIS n 
1 150 HIS n 
1 151 HIS n 
1 152 HIS n 
1 153 HIS n 
# 
_entity_src_gen.entity_id                          1 
_entity_src_gen.pdbx_src_id                        1 
_entity_src_gen.pdbx_alt_source_flag               sample 
_entity_src_gen.pdbx_seq_type                      'Biological sequence' 
_entity_src_gen.pdbx_beg_seq_num                   1 
_entity_src_gen.pdbx_end_seq_num                   153 
_entity_src_gen.gene_src_common_name               Human 
_entity_src_gen.gene_src_genus                     ? 
_entity_src_gen.pdbx_gene_src_gene                 TPT1 
_entity_src_gen.gene_src_species                   ? 
_entity_src_gen.gene_src_strain                    ? 
_entity_src_gen.gene_src_tissue                    ? 
_entity_src_gen.gene_src_tissue_fraction           ? 
_entity_src_gen.gene_src_details                   ? 
_entity_src_gen.pdbx_gene_src_fragment             ? 
_entity_src_gen.pdbx_gene_src_scientific_name      'Homo sapiens' 
_entity_src_gen.pdbx_gene_src_ncbi_taxonomy_id     9606 
_entity_src_gen.pdbx_gene_src_variant              ? 
_entity_src_gen.pdbx_gene_src_cell_line            ? 
_entity_src_gen.pdbx_gene_src_atcc                 ? 
_entity_src_gen.pdbx_gene_src_organ                ? 
_entity_src_gen.pdbx_gene_src_organelle            ? 
_entity_src_gen.pdbx_gene_src_cell                 ? 
_entity_src_gen.pdbx_gene_src_cellular_location    ? 
_entity_src_gen.host_org_common_name               ? 
_entity_src_gen.pdbx_host_org_scientific_name      'Escherichia coli' 
_entity_src_gen.pdbx_host_org_ncbi_taxonomy_id     562 
_entity_src_gen.host_org_genus                     ? 
_entity_src_gen.pdbx_host_org_gene                 ? 
_entity_src_gen.pdbx_host_org_organ                ? 
_entity_src_gen.host_org_species                   ? 
_entity_src_gen.pdbx_host_org_tissue               ? 
_entity_src_gen.pdbx_host_org_tissue_fraction      ? 
_entity_src_gen.pdbx_host_org_strain               ? 
_entity_src_gen.pdbx_host_org_variant              ? 
_entity_src_gen.pdbx_host_org_cell_line            ? 
_entity_src_gen.pdbx_host_org_atcc                 ? 
_entity_src_gen.pdbx_host_org_culture_collection   ? 
_entity_src_gen.pdbx_host_org_cell                 ? 
_entity_src_gen.pdbx_host_org_organelle            ? 
_entity_src_gen.pdbx_host_org_cellular_location    ? 
_entity_src_gen.pdbx_host_org_vector_type          ? 
_entity_src_gen.pdbx_host_org_vector               ? 
_entity_src_gen.host_org_details                   ? 
_entity_src_gen.expression_system_id               ? 
_entity_src_gen.plasmid_name                       ? 
_entity_src_gen.plasmid_details                    ? 
_entity_src_gen.pdbx_description                   ? 
# 
loop_
_chem_comp.id 
_chem_comp.type 
_chem_comp.mon_nstd_flag 
_chem_comp.name 
_chem_comp.pdbx_synonyms 
_chem_comp.formula 
_chem_comp.formula_weight 
ALA 'L-peptide linking' y ALANINE         ? 'C3 H7 N O2'     89.093  
ARG 'L-peptide linking' y ARGININE        ? 'C6 H15 N4 O2 1' 175.209 
ASN 'L-peptide linking' y ASPARAGINE      ? 'C4 H8 N2 O3'    132.118 
ASP 'L-peptide linking' y 'ASPARTIC ACID' ? 'C4 H7 N O4'     133.103 
CYS 'L-peptide linking' y CYSTEINE        ? 'C3 H7 N O2 S'   121.158 
GLN 'L-peptide linking' y GLUTAMINE       ? 'C5 H10 N2 O3'   146.144 
GLU 'L-peptide linking' y 'GLUTAMIC ACID' ? 'C5 H9 N O4'     147.129 
GLY 'peptide linking'   y GLYCINE         ? 'C2 H5 N O2'     75.067  
HIS 'L-peptide linking' y HISTIDINE       ? 'C6 H10 N3 O2 1' 156.162 
HOH non-polymer         . WATER           ? 'H2 O'           18.015  
ILE 'L-peptide linking' y ISOLEUCINE      ? 'C6 H13 N O2'    131.173 
LEU 'L-peptide linking' y LEUCINE         ? 'C6 H13 N O2'    131.173 
LYS 'L-peptide linking' y LYSINE          ? 'C6 H15 N2 O2 1' 147.195 
MET 'L-peptide linking' y METHIONINE      ? 'C5 H11 N O2 S'  149.211 
PHE 'L-peptide linking' y PHENYLALANINE   ? 'C9 H11 N O2'    165.189 
PRO 'L-peptide linking' y PROLINE         ? 'C5 H9 N O2'     115.130 
SER 'L-peptide linking' y SERINE          ? 'C3 H7 N O3'     105.093 
THR 'L-peptide linking' y THREONINE       ? 'C4 H9 N O3'     119.119 
TYR 'L-peptide linking' y TYROSINE        ? 'C9 H11 N O3'    181.189 
VAL 'L-peptide linking' y VALINE          ? 'C5 H11 N O2'    117.146 
# 
loop_
_pdbx_poly_seq_scheme.asym_id 
_pdbx_poly_seq_scheme.entity_id 
_pdbx_poly_seq_scheme.seq_id 
_pdbx_poly_seq_scheme.mon_id 
_pdbx_poly_seq_scheme.ndb_seq_num 
_pdbx_poly_seq_scheme.pdb_seq_num 
_pdbx_poly_seq_scheme.auth_seq_num 
_pdbx_poly_seq_scheme.pdb_mon_id 
_pdbx_poly_seq_scheme.auth_mon_id 
_pdbx_poly_seq_scheme.pdb_strand_id 
_pdbx_poly_seq_scheme.pdb_ins_code 
_pdbx_poly_seq_scheme.hetero 
A 1 1   MET 1   1   1   MET MET A . n 
A 1 2   ILE 2   2   2   ILE ILE A . n 
A 1 3   ILE 3   3   3   ILE ILE A . n 
A 1 4   TYR 4   4   4   TYR TYR A . n 
A 1 5   ARG 5   5   5   ARG ARG A . n 
A 1 6   ASP 6   6   6   ASP ASP A . n 
A 1 7   LEU 7   7   7   LEU LEU A . n 
A 1 8   ILE 8   8   8   ILE ILE A . n 
A 1 9   SER 9   9   9   SER SER A . n 
A 1 10  HIS 10  10  10  HIS HIS A . n 
A 1 11  ASP 11  11  11  ASP ASP A . n 
A 1 12  GLU 12  12  12  GLU GLU A . n 
A 1 13  MET 13  13  13  MET MET A . n 
A 1 14  PHE 14  14  14  PHE PHE A . n 
A 1 15  SER 15  15  15  SER SER A . n 
A 1 16  ASP 16  16  16  ASP ASP A . n 
A 1 17  ILE 17  17  17  ILE ILE A . n 
A 1 18  TYR 18  18  18  TYR TYR A . n 
A 1 19  LYS 19  19  19  LYS LYS A . n 
A 1 20  ILE 20  20  20  ILE ILE A . n 
A 1 21  ARG 21  21  21  ARG ARG A . n 
A 1 22  GLU 22  22  22  GLU GLU A . n 
A 1 23  ILE 23  23  23  ILE ILE A . n 
A 1 24  ALA 24  24  24  ALA ALA A . n 
A 1 25  ASP 25  25  25  ASP ASP A . n 
A 1 26  GLY 26  26  26  GLY GLY A . n 
A 1 27  LEU 27  27  27  LEU LEU A . n 
A 1 28  CYS 28  28  28  CYS CYS A . n 
A 1 29  LEU 29  29  29  LEU LEU A . n 
A 1 30  GLU 30  30  30  GLU GLU A . n 
A 1 31  VAL 31  31  31  VAL VAL A . n 
A 1 32  GLU 32  32  32  GLU GLU A . n 
A 1 33  GLY 33  33  33  GLY GLY A . n 
A 1 34  LYS 34  34  34  LYS LYS A . n 
A 1 35  MET 35  35  35  MET MET A . n 
A 1 36  VAL 36  36  36  VAL VAL A . n 
A 1 37  SER 37  37  37  SER SER A . n 
A 1 38  GLY 38  38  38  GLY GLY A . n 
A 1 39  GLY 39  39  39  GLY GLY A . n 
A 1 40  ILE 40  40  40  ILE ILE A . n 
A 1 41  THR 41  41  41  THR THR A . n 
A 1 42  GLY 42  42  42  GLY GLY A . n 
A 1 43  VAL 43  43  43  VAL VAL A . n 
A 1 44  ASP 44  44  44  ASP ASP A . n 
A 1 45  ILE 45  45  45  ILE ILE A . n 
A 1 46  VAL 46  46  46  VAL VAL A . n 
A 1 47  MET 47  47  47  MET MET A . n 
A 1 48  ASN 48  48  48  ASN ASN A . n 
A 1 49  HIS 49  49  49  HIS HIS A . n 
A 1 50  HIS 50  50  50  HIS HIS A . n 
A 1 51  LEU 51  51  51  LEU LEU A . n 
A 1 52  GLN 52  52  52  GLN GLN A . n 
A 1 53  GLU 53  53  53  GLU GLU A . n 
A 1 54  THR 54  54  54  THR THR A . n 
A 1 55  SER 55  55  55  SER SER A . n 
A 1 56  PHE 56  56  56  PHE PHE A . n 
A 1 57  THR 57  57  57  THR THR A . n 
A 1 58  LYS 58  58  58  LYS LYS A . n 
A 1 59  GLU 59  59  59  GLU GLU A . n 
A 1 60  ALA 60  60  60  ALA ALA A . n 
A 1 61  TYR 61  61  61  TYR TYR A . n 
A 1 62  LYS 62  62  62  LYS LYS A . n 
A 1 63  LYS 63  63  63  LYS LYS A . n 
A 1 64  TYR 64  64  64  TYR TYR A . n 
A 1 65  ILE 65  65  65  ILE ILE A . n 
A 1 66  LYS 66  66  66  LYS LYS A . n 
A 1 67  ASP 67  67  67  ASP ASP A . n 
A 1 68  TYR 68  68  68  TYR TYR A . n 
A 1 69  MET 69  69  69  MET MET A . n 
A 1 70  LYS 70  70  70  LYS LYS A . n 
A 1 71  SER 71  71  71  SER SER A . n 
A 1 72  ILE 72  72  72  ILE ILE A . n 
A 1 73  LYS 73  73  73  LYS LYS A . n 
A 1 74  GLY 74  74  74  GLY GLY A . n 
A 1 75  LYS 75  75  75  LYS LYS A . n 
A 1 76  LEU 76  76  76  LEU LEU A . n 
A 1 77  GLU 77  77  77  GLU GLU A . n 
A 1 78  GLU 78  78  78  GLU GLU A . n 
A 1 79  GLN 79  79  79  GLN GLN A . n 
A 1 80  ARG 80  80  80  ARG ARG A . n 
A 1 81  PRO 81  81  81  PRO PRO A . n 
A 1 82  GLU 82  82  82  GLU GLU A . n 
A 1 83  ARG 83  83  83  ARG ARG A . n 
A 1 84  VAL 84  84  84  VAL VAL A . n 
A 1 85  LYS 85  85  85  LYS LYS A . n 
A 1 86  PRO 86  86  86  PRO PRO A . n 
A 1 87  PHE 87  87  87  PHE PHE A . n 
A 1 88  MET 88  88  88  MET MET A . n 
A 1 89  THR 89  89  89  THR THR A . n 
A 1 90  GLY 90  90  90  GLY GLY A . n 
A 1 91  ALA 91  91  91  ALA ALA A . n 
A 1 92  ALA 92  92  92  ALA ALA A . n 
A 1 93  GLU 93  93  93  GLU GLU A . n 
A 1 94  GLN 94  94  94  GLN GLN A . n 
A 1 95  ILE 95  95  95  ILE ILE A . n 
A 1 96  LYS 96  96  96  LYS LYS A . n 
A 1 97  HIS 97  97  97  HIS HIS A . n 
A 1 98  ILE 98  98  98  ILE ILE A . n 
A 1 99  LEU 99  99  99  LEU LEU A . n 
A 1 100 ALA 100 100 100 ALA ALA A . n 
A 1 101 ASN 101 101 101 ASN ASN A . n 
A 1 102 PHE 102 102 102 PHE PHE A . n 
A 1 103 LYS 103 103 103 LYS LYS A . n 
A 1 104 ASN 104 104 104 ASN ASN A . n 
A 1 105 TYR 105 105 105 TYR TYR A . n 
A 1 106 GLN 106 106 106 GLN GLN A . n 
A 1 107 PHE 107 107 107 PHE PHE A . n 
A 1 108 PHE 108 108 108 PHE PHE A . n 
A 1 109 ILE 109 109 109 ILE ILE A . n 
A 1 110 GLY 110 110 110 GLY GLY A . n 
A 1 111 GLU 111 111 111 GLU GLU A . n 
A 1 112 ASN 112 112 112 ASN ASN A . n 
A 1 113 MET 113 113 113 MET MET A . n 
A 1 114 ASN 114 114 114 ASN ASN A . n 
A 1 115 PRO 115 115 115 PRO PRO A . n 
A 1 116 ASP 116 116 116 ASP ASP A . n 
A 1 117 GLY 117 117 117 GLY GLY A . n 
A 1 118 MET 118 118 118 MET MET A . n 
A 1 119 VAL 119 119 119 VAL VAL A . n 
A 1 120 ALA 120 120 120 ALA ALA A . n 
A 1 121 LEU 121 121 121 LEU LEU A . n 
A 1 122 LEU 122 122 122 LEU LEU A . n 
A 1 123 ASP 123 123 123 ASP ASP A . n 
A 1 124 TYR 124 124 124 TYR TYR A . n 
A 1 125 ARG 125 125 125 ARG ARG A . n 
A 1 126 GLU 126 126 126 GLU GLU A . n 
A 1 127 ASP 127 127 127 ASP ASP A . n 
A 1 128 GLY 128 128 128 GLY GLY A . n 
A 1 129 VAL 129 129 129 VAL VAL A . n 
A 1 130 THR 130 130 130 THR THR A . n 
A 1 131 PRO 131 131 131 PRO PRO A . n 
A 1 132 TYR 132 132 132 TYR TYR A . n 
A 1 133 MET 133 133 133 MET MET A . n 
A 1 134 ILE 134 134 134 ILE ILE A . n 
A 1 135 PHE 135 135 135 PHE PHE A . n 
A 1 136 PHE 136 136 136 PHE PHE A . n 
A 1 137 LYS 137 137 137 LYS LYS A . n 
A 1 138 ASP 138 138 138 ASP ASP A . n 
A 1 139 GLY 139 139 139 GLY GLY A . n 
A 1 140 LEU 140 140 140 LEU LEU A . n 
A 1 141 GLU 141 141 141 GLU GLU A . n 
A 1 142 MET 142 142 142 MET MET A . n 
A 1 143 GLU 143 143 143 GLU GLU A . n 
A 1 144 LYS 144 144 144 LYS LYS A . n 
A 1 145 CYS 145 145 145 CYS CYS A . n 
A 1 146 LEU 146 146 146 LEU LEU A . n 
A 1 147 GLU 147 147 147 GLU GLU A . n 
A 1 148 HIS 148 148 148 HIS HIS A . n 
A 1 149 HIS 149 149 149 HIS HIS A . n 
A 1 150 HIS 150 150 ?   ?   ?   A . n 
A 1 151 HIS 151 151 ?   ?   ?   A . n 
A 1 152 HIS 152 152 ?   ?   ?   A . n 
A 1 153 HIS 153 153 ?   ?   ?   A . n 
# 
loop_
_pdbx_nonpoly_scheme.asym_id 
_pdbx_nonpoly_scheme.entity_id 
_pdbx_nonpoly_scheme.mon_id 
_pdbx_nonpoly_scheme.ndb_seq_num 
_pdbx_nonpoly_scheme.pdb_seq_num 
_pdbx_nonpoly_scheme.auth_seq_num 
_pdbx_nonpoly_scheme.pdb_mon_id 
_pdbx_nonpoly_scheme.auth_mon_id 
_pdbx_nonpoly_scheme.pdb_strand_id 
_pdbx_nonpoly_scheme.pdb_ins_code 
B 2 HOH 1  201 77 HOH HOH A . 
B 2 HOH 2  202 46 HOH HOH A . 
B 2 HOH 3  203 71 HOH HOH A . 
B 2 HOH 4  204 85 HOH HOH A . 
B 2 HOH 5  205 47 HOH HOH A . 
B 2 HOH 6  206 7  HOH HOH A . 
B 2 HOH 7  207 35 HOH HOH A . 
B 2 HOH 8  208 39 HOH HOH A . 
B 2 HOH 9  209 53 HOH HOH A . 
B 2 HOH 10 210 20 HOH HOH A . 
B 2 HOH 11 211 2  HOH HOH A . 
B 2 HOH 12 212 72 HOH HOH A . 
B 2 HOH 13 213 23 HOH HOH A . 
B 2 HOH 14 214 26 HOH HOH A . 
B 2 HOH 15 215 36 HOH HOH A . 
B 2 HOH 16 216 3  HOH HOH A . 
B 2 HOH 17 217 5  HOH HOH A . 
B 2 HOH 18 218 78 HOH HOH A . 
B 2 HOH 19 219 9  HOH HOH A . 
B 2 HOH 20 220 89 HOH HOH A . 
B 2 HOH 21 221 41 HOH HOH A . 
B 2 HOH 22 222 12 HOH HOH A . 
B 2 HOH 23 223 28 HOH HOH A . 
B 2 HOH 24 224 4  HOH HOH A . 
B 2 HOH 25 225 55 HOH HOH A . 
B 2 HOH 26 226 34 HOH HOH A . 
B 2 HOH 27 227 18 HOH HOH A . 
B 2 HOH 28 228 1  HOH HOH A . 
B 2 HOH 29 229 63 HOH HOH A . 
B 2 HOH 30 230 13 HOH HOH A . 
B 2 HOH 31 231 44 HOH HOH A . 
B 2 HOH 32 232 32 HOH HOH A . 
B 2 HOH 33 233 6  HOH HOH A . 
B 2 HOH 34 234 17 HOH HOH A . 
B 2 HOH 35 235 8  HOH HOH A . 
B 2 HOH 36 236 69 HOH HOH A . 
B 2 HOH 37 237 21 HOH HOH A . 
B 2 HOH 38 238 14 HOH HOH A . 
B 2 HOH 39 239 83 HOH HOH A . 
B 2 HOH 40 240 43 HOH HOH A . 
B 2 HOH 41 241 11 HOH HOH A . 
B 2 HOH 42 242 19 HOH HOH A . 
B 2 HOH 43 243 15 HOH HOH A . 
B 2 HOH 44 244 87 HOH HOH A . 
B 2 HOH 45 245 22 HOH HOH A . 
B 2 HOH 46 246 33 HOH HOH A . 
B 2 HOH 47 247 58 HOH HOH A . 
B 2 HOH 48 248 88 HOH HOH A . 
B 2 HOH 49 249 91 HOH HOH A . 
B 2 HOH 50 250 73 HOH HOH A . 
B 2 HOH 51 251 80 HOH HOH A . 
B 2 HOH 52 252 57 HOH HOH A . 
B 2 HOH 53 253 79 HOH HOH A . 
B 2 HOH 54 254 50 HOH HOH A . 
B 2 HOH 55 255 48 HOH HOH A . 
B 2 HOH 56 256 10 HOH HOH A . 
B 2 HOH 57 257 49 HOH HOH A . 
B 2 HOH 58 258 38 HOH HOH A . 
B 2 HOH 59 259 84 HOH HOH A . 
B 2 HOH 60 260 75 HOH HOH A . 
B 2 HOH 61 261 76 HOH HOH A . 
B 2 HOH 62 262 61 HOH HOH A . 
B 2 HOH 63 263 66 HOH HOH A . 
B 2 HOH 64 264 60 HOH HOH A . 
B 2 HOH 65 265 27 HOH HOH A . 
B 2 HOH 66 266 42 HOH HOH A . 
B 2 HOH 67 267 82 HOH HOH A . 
B 2 HOH 68 268 86 HOH HOH A . 
B 2 HOH 69 269 45 HOH HOH A . 
B 2 HOH 70 270 59 HOH HOH A . 
B 2 HOH 71 271 68 HOH HOH A . 
B 2 HOH 72 272 31 HOH HOH A . 
B 2 HOH 73 273 74 HOH HOH A . 
B 2 HOH 74 274 67 HOH HOH A . 
B 2 HOH 75 275 25 HOH HOH A . 
B 2 HOH 76 276 70 HOH HOH A . 
B 2 HOH 77 277 29 HOH HOH A . 
B 2 HOH 78 278 90 HOH HOH A . 
B 2 HOH 79 279 65 HOH HOH A . 
B 2 HOH 80 280 37 HOH HOH A . 
B 2 HOH 81 281 52 HOH HOH A . 
B 2 HOH 82 282 30 HOH HOH A . 
B 2 HOH 83 283 81 HOH HOH A . 
B 2 HOH 84 284 62 HOH HOH A . 
B 2 HOH 85 285 40 HOH HOH A . 
B 2 HOH 86 286 16 HOH HOH A . 
B 2 HOH 87 287 24 HOH HOH A . 
B 2 HOH 88 288 64 HOH HOH A . 
B 2 HOH 89 289 51 HOH HOH A . 
B 2 HOH 90 290 56 HOH HOH A . 
B 2 HOH 91 291 54 HOH HOH A . 
# 
loop_
_software.citation_id 
_software.classification 
_software.compiler_name 
_software.compiler_version 
_software.contact_author 
_software.contact_author_email 
_software.date 
_software.description 
_software.dependencies 
_software.hardware 
_software.language 
_software.location 
_software.mods 
_software.name 
_software.os 
_software.os_version 
_software.type 
_software.version 
_software.pdbx_ordinal 
? refinement       ? ? ? ? ? ? ? ? ? ? ? PHENIX    ? ? ? '(1.13_2998: ???)' 1 
? 'data reduction' ? ? ? ? ? ? ? ? ? ? ? iMOSFLM   ? ? ? .                  2 
? 'data scaling'   ? ? ? ? ? ? ? ? ? ? ? pointless ? ? ? .                  3 
? phasing          ? ? ? ? ? ? ? ? ? ? ? PHENIX    ? ? ? .                  4 
# 
_cell.angle_alpha                  90.00 
_cell.angle_alpha_esd              ? 
_cell.angle_beta                   90.00 
_cell.angle_beta_esd               ? 
_cell.angle_gamma                  120.00 
_cell.angle_gamma_esd              ? 
_cell.entry_id                     6IZB 
_cell.details                      ? 
_cell.formula_units_Z              ? 
_cell.length_a                     69.295 
_cell.length_a_esd                 ? 
_cell.length_b                     69.295 
_cell.length_b_esd                 ? 
_cell.length_c                     146.062 
_cell.length_c_esd                 ? 
_cell.volume                       ? 
_cell.volume_esd                   ? 
_cell.Z_PDB                        12 
_cell.reciprocal_angle_alpha       ? 
_cell.reciprocal_angle_beta        ? 
_cell.reciprocal_angle_gamma       ? 
_cell.reciprocal_angle_alpha_esd   ? 
_cell.reciprocal_angle_beta_esd    ? 
_cell.reciprocal_angle_gamma_esd   ? 
_cell.reciprocal_length_a          ? 
_cell.reciprocal_length_b          ? 
_cell.reciprocal_length_c          ? 
_cell.reciprocal_length_a_esd      ? 
_cell.reciprocal_length_b_esd      ? 
_cell.reciprocal_length_c_esd      ? 
_cell.pdbx_unique_axis             ? 
# 
_symmetry.entry_id                         6IZB 
_symmetry.cell_setting                     ? 
_symmetry.Int_Tables_number                178 
_symmetry.space_group_name_Hall            ? 
_symmetry.space_group_name_H-M             'P 61 2 2' 
_symmetry.pdbx_full_space_group_name_H-M   ? 
# 
_exptl.absorpt_coefficient_mu     ? 
_exptl.absorpt_correction_T_max   ? 
_exptl.absorpt_correction_T_min   ? 
_exptl.absorpt_correction_type    ? 
_exptl.absorpt_process_details    ? 
_exptl.entry_id                   6IZB 
_exptl.crystals_number            1 
_exptl.details                    ? 
_exptl.method                     'X-RAY DIFFRACTION' 
_exptl.method_details             ? 
# 
_exptl_crystal.colour                      ? 
_exptl_crystal.density_diffrn              ? 
_exptl_crystal.density_Matthews            2.82 
_exptl_crystal.density_method              ? 
_exptl_crystal.density_percent_sol         56.36 
_exptl_crystal.description                 ? 
_exptl_crystal.F_000                       ? 
_exptl_crystal.id                          1 
_exptl_crystal.preparation                 ? 
_exptl_crystal.size_max                    ? 
_exptl_crystal.size_mid                    ? 
_exptl_crystal.size_min                    ? 
_exptl_crystal.size_rad                    ? 
_exptl_crystal.colour_lustre               ? 
_exptl_crystal.colour_modifier             ? 
_exptl_crystal.colour_primary              ? 
_exptl_crystal.density_meas                ? 
_exptl_crystal.density_meas_esd            ? 
_exptl_crystal.density_meas_gt             ? 
_exptl_crystal.density_meas_lt             ? 
_exptl_crystal.density_meas_temp           ? 
_exptl_crystal.density_meas_temp_esd       ? 
_exptl_crystal.density_meas_temp_gt        ? 
_exptl_crystal.density_meas_temp_lt        ? 
_exptl_crystal.pdbx_crystal_image_url      ? 
_exptl_crystal.pdbx_crystal_image_format   ? 
_exptl_crystal.pdbx_mosaicity              ? 
_exptl_crystal.pdbx_mosaicity_esd          ? 
# 
_exptl_crystal_grow.apparatus       ? 
_exptl_crystal_grow.atmosphere      ? 
_exptl_crystal_grow.crystal_id      1 
_exptl_crystal_grow.details         ? 
_exptl_crystal_grow.method          'VAPOR DIFFUSION, HANGING DROP' 
_exptl_crystal_grow.method_ref      ? 
_exptl_crystal_grow.pH              6.5 
_exptl_crystal_grow.pressure        ? 
_exptl_crystal_grow.pressure_esd    ? 
_exptl_crystal_grow.seeding         ? 
_exptl_crystal_grow.seeding_ref     ? 
_exptl_crystal_grow.temp            296 
_exptl_crystal_grow.temp_details    ? 
_exptl_crystal_grow.temp_esd        ? 
_exptl_crystal_grow.time            ? 
_exptl_crystal_grow.pdbx_details    '0.1 M MES pH 6.5, 25 % (w/v) PEG 300' 
_exptl_crystal_grow.pdbx_pH_range   ? 
# 
_diffrn.ambient_environment              ? 
_diffrn.ambient_temp                     100 
_diffrn.ambient_temp_details             ? 
_diffrn.ambient_temp_esd                 ? 
_diffrn.crystal_id                       1 
_diffrn.crystal_support                  ? 
_diffrn.crystal_treatment                ? 
_diffrn.details                          ? 
_diffrn.id                               1 
_diffrn.ambient_pressure                 ? 
_diffrn.ambient_pressure_esd             ? 
_diffrn.ambient_pressure_gt              ? 
_diffrn.ambient_pressure_lt              ? 
_diffrn.ambient_temp_gt                  ? 
_diffrn.ambient_temp_lt                  ? 
_diffrn.pdbx_serial_crystal_experiment   N 
# 
_diffrn_detector.details                      ? 
_diffrn_detector.detector                     PIXEL 
_diffrn_detector.diffrn_id                    1 
_diffrn_detector.type                         'DECTRIS PILATUS3 R CdTe 300K' 
_diffrn_detector.area_resol_mean              ? 
_diffrn_detector.dtime                        ? 
_diffrn_detector.pdbx_frames_total            ? 
_diffrn_detector.pdbx_collection_time_total   ? 
_diffrn_detector.pdbx_collection_date         2011-05-21 
_diffrn_detector.pdbx_frequency               ? 
# 
_diffrn_radiation.collimation                      ? 
_diffrn_radiation.diffrn_id                        1 
_diffrn_radiation.filter_edge                      ? 
_diffrn_radiation.inhomogeneity                    ? 
_diffrn_radiation.monochromator                    ? 
_diffrn_radiation.polarisn_norm                    ? 
_diffrn_radiation.polarisn_ratio                   ? 
_diffrn_radiation.probe                            ? 
_diffrn_radiation.type                             ? 
_diffrn_radiation.xray_symbol                      ? 
_diffrn_radiation.wavelength_id                    1 
_diffrn_radiation.pdbx_monochromatic_or_laue_m_l   M 
_diffrn_radiation.pdbx_wavelength_list             ? 
_diffrn_radiation.pdbx_wavelength                  ? 
_diffrn_radiation.pdbx_diffrn_protocol             'SINGLE WAVELENGTH' 
_diffrn_radiation.pdbx_analyzer                    ? 
_diffrn_radiation.pdbx_scattering_type             x-ray 
# 
_diffrn_radiation_wavelength.id           1 
_diffrn_radiation_wavelength.wavelength   1.000 
_diffrn_radiation_wavelength.wt           1.0 
# 
_diffrn_source.current                     ? 
_diffrn_source.details                     ? 
_diffrn_source.diffrn_id                   1 
_diffrn_source.power                       ? 
_diffrn_source.size                        ? 
_diffrn_source.source                      'FREE ELECTRON LASER' 
_diffrn_source.target                      ? 
_diffrn_source.type                        'SwissFEL ARAMIS BEAMLINE ESA' 
_diffrn_source.voltage                     ? 
_diffrn_source.take-off_angle              ? 
_diffrn_source.pdbx_wavelength_list        1.000 
_diffrn_source.pdbx_wavelength             ? 
_diffrn_source.pdbx_synchrotron_beamline   ESA 
_diffrn_source.pdbx_synchrotron_site       'SwissFEL ARAMIS' 
# 
_reflns.B_iso_Wilson_estimate            ? 
_reflns.entry_id                         6IZB 
_reflns.data_reduction_details           ? 
_reflns.data_reduction_method            ? 
_reflns.d_resolution_high                1.90 
_reflns.d_resolution_low                 46.37 
_reflns.details                          ? 
_reflns.limit_h_max                      ? 
_reflns.limit_h_min                      ? 
_reflns.limit_k_max                      ? 
_reflns.limit_k_min                      ? 
_reflns.limit_l_max                      ? 
_reflns.limit_l_min                      ? 
_reflns.number_all                       ? 
_reflns.number_obs                       17029 
_reflns.observed_criterion               ? 
_reflns.observed_criterion_F_max         ? 
_reflns.observed_criterion_F_min         ? 
_reflns.observed_criterion_I_max         ? 
_reflns.observed_criterion_I_min         ? 
_reflns.observed_criterion_sigma_F       ? 
_reflns.observed_criterion_sigma_I       ? 
_reflns.percent_possible_obs             99.5 
_reflns.R_free_details                   ? 
_reflns.Rmerge_F_all                     ? 
_reflns.Rmerge_F_obs                     ? 
_reflns.Friedel_coverage                 ? 
_reflns.number_gt                        ? 
_reflns.threshold_expression             ? 
_reflns.pdbx_redundancy                  36.1 
_reflns.pdbx_Rmerge_I_obs                ? 
_reflns.pdbx_Rmerge_I_all                ? 
_reflns.pdbx_Rsym_value                  ? 
_reflns.pdbx_netI_over_av_sigmaI         ? 
_reflns.pdbx_netI_over_sigmaI            45.7 
_reflns.pdbx_res_netI_over_av_sigmaI_2   ? 
_reflns.pdbx_res_netI_over_sigmaI_2      ? 
_reflns.pdbx_chi_squared                 ? 
_reflns.pdbx_scaling_rejects             ? 
_reflns.pdbx_d_res_high_opt              ? 
_reflns.pdbx_d_res_low_opt               ? 
_reflns.pdbx_d_res_opt_method            ? 
_reflns.phase_calculation_details        ? 
_reflns.pdbx_Rrim_I_all                  ? 
_reflns.pdbx_Rpim_I_all                  ? 
_reflns.pdbx_d_opt                       ? 
_reflns.pdbx_number_measured_all         ? 
_reflns.pdbx_diffrn_id                   1 
_reflns.pdbx_ordinal                     1 
_reflns.pdbx_CC_half                     ? 
_reflns.pdbx_R_split                     ? 
# 
_reflns_shell.d_res_high                  1.90 
_reflns_shell.d_res_low                   1.97 
_reflns_shell.meanI_over_sigI_all         ? 
_reflns_shell.meanI_over_sigI_obs         ? 
_reflns_shell.number_measured_all         ? 
_reflns_shell.number_measured_obs         ? 
_reflns_shell.number_possible             ? 
_reflns_shell.number_unique_all           ? 
_reflns_shell.number_unique_obs           ? 
_reflns_shell.percent_possible_all        ? 
_reflns_shell.percent_possible_obs        ? 
_reflns_shell.Rmerge_F_all                ? 
_reflns_shell.Rmerge_F_obs                ? 
_reflns_shell.Rmerge_I_all                ? 
_reflns_shell.Rmerge_I_obs                ? 
_reflns_shell.meanI_over_sigI_gt          ? 
_reflns_shell.meanI_over_uI_all           ? 
_reflns_shell.meanI_over_uI_gt            ? 
_reflns_shell.number_measured_gt          ? 
_reflns_shell.number_unique_gt            ? 
_reflns_shell.percent_possible_gt         ? 
_reflns_shell.Rmerge_F_gt                 ? 
_reflns_shell.Rmerge_I_gt                 ? 
_reflns_shell.pdbx_redundancy             ? 
_reflns_shell.pdbx_Rsym_value             ? 
_reflns_shell.pdbx_chi_squared            ? 
_reflns_shell.pdbx_netI_over_sigmaI_all   ? 
_reflns_shell.pdbx_netI_over_sigmaI_obs   ? 
_reflns_shell.pdbx_Rrim_I_all             ? 
_reflns_shell.pdbx_Rpim_I_all             ? 
_reflns_shell.pdbx_rejects                ? 
_reflns_shell.pdbx_ordinal                1 
_reflns_shell.pdbx_diffrn_id              1 
_reflns_shell.pdbx_CC_half                ? 
_reflns_shell.pdbx_R_split                ? 
# 
_refine.aniso_B[1][1]                            ? 
_refine.aniso_B[1][2]                            ? 
_refine.aniso_B[1][3]                            ? 
_refine.aniso_B[2][2]                            ? 
_refine.aniso_B[2][3]                            ? 
_refine.aniso_B[3][3]                            ? 
_refine.B_iso_max                                ? 
_refine.B_iso_mean                               ? 
_refine.B_iso_min                                ? 
_refine.correlation_coeff_Fo_to_Fc               ? 
_refine.correlation_coeff_Fo_to_Fc_free          ? 
_refine.details                                  ? 
_refine.diff_density_max                         ? 
_refine.diff_density_max_esd                     ? 
_refine.diff_density_min                         ? 
_refine.diff_density_min_esd                     ? 
_refine.diff_density_rms                         ? 
_refine.diff_density_rms_esd                     ? 
_refine.entry_id                                 6IZB 
_refine.pdbx_refine_id                           'X-RAY DIFFRACTION' 
_refine.ls_abs_structure_details                 ? 
_refine.ls_abs_structure_Flack                   ? 
_refine.ls_abs_structure_Flack_esd               ? 
_refine.ls_abs_structure_Rogers                  ? 
_refine.ls_abs_structure_Rogers_esd              ? 
_refine.ls_d_res_high                            1.899 
_refine.ls_d_res_low                             46.366 
_refine.ls_extinction_coef                       ? 
_refine.ls_extinction_coef_esd                   ? 
_refine.ls_extinction_expression                 ? 
_refine.ls_extinction_method                     ? 
_refine.ls_goodness_of_fit_all                   ? 
_refine.ls_goodness_of_fit_all_esd               ? 
_refine.ls_goodness_of_fit_obs                   ? 
_refine.ls_goodness_of_fit_obs_esd               ? 
_refine.ls_hydrogen_treatment                    ? 
_refine.ls_matrix_type                           ? 
_refine.ls_number_constraints                    ? 
_refine.ls_number_parameters                     ? 
_refine.ls_number_reflns_all                     ? 
_refine.ls_number_reflns_obs                     17028 
_refine.ls_number_reflns_R_free                  852 
_refine.ls_number_reflns_R_work                  ? 
_refine.ls_number_restraints                     ? 
_refine.ls_percent_reflns_obs                    99.50 
_refine.ls_percent_reflns_R_free                 5.00 
_refine.ls_R_factor_all                          ? 
_refine.ls_R_factor_obs                          0.2209 
_refine.ls_R_factor_R_free                       0.2459 
_refine.ls_R_factor_R_free_error                 ? 
_refine.ls_R_factor_R_free_error_details         ? 
_refine.ls_R_factor_R_work                       0.2196 
_refine.ls_R_Fsqd_factor_obs                     ? 
_refine.ls_R_I_factor_obs                        ? 
_refine.ls_redundancy_reflns_all                 ? 
_refine.ls_redundancy_reflns_obs                 ? 
_refine.ls_restrained_S_all                      ? 
_refine.ls_restrained_S_obs                      ? 
_refine.ls_shift_over_esd_max                    ? 
_refine.ls_shift_over_esd_mean                   ? 
_refine.ls_structure_factor_coef                 ? 
_refine.ls_weighting_details                     ? 
_refine.ls_weighting_scheme                      ? 
_refine.ls_wR_factor_all                         ? 
_refine.ls_wR_factor_obs                         ? 
_refine.ls_wR_factor_R_free                      ? 
_refine.ls_wR_factor_R_work                      ? 
_refine.occupancy_max                            ? 
_refine.occupancy_min                            ? 
_refine.solvent_model_details                    'FLAT BULK SOLVENT MODEL' 
_refine.solvent_model_param_bsol                 ? 
_refine.solvent_model_param_ksol                 ? 
_refine.ls_R_factor_gt                           ? 
_refine.ls_goodness_of_fit_gt                    ? 
_refine.ls_goodness_of_fit_ref                   ? 
_refine.ls_shift_over_su_max                     ? 
_refine.ls_shift_over_su_max_lt                  ? 
_refine.ls_shift_over_su_mean                    ? 
_refine.ls_shift_over_su_mean_lt                 ? 
_refine.pdbx_ls_sigma_I                          ? 
_refine.pdbx_ls_sigma_F                          2.05 
_refine.pdbx_ls_sigma_Fsqd                       ? 
_refine.pdbx_data_cutoff_high_absF               ? 
_refine.pdbx_data_cutoff_high_rms_absF           ? 
_refine.pdbx_data_cutoff_low_absF                ? 
_refine.pdbx_isotropic_thermal_model             ? 
_refine.pdbx_ls_cross_valid_method               'FREE R-VALUE' 
_refine.pdbx_method_to_determine_struct          ? 
_refine.pdbx_starting_model                      ? 
_refine.pdbx_stereochemistry_target_values       ML 
_refine.pdbx_R_Free_selection_details            ? 
_refine.pdbx_stereochem_target_val_spec_case     ? 
_refine.pdbx_overall_ESU_R                       ? 
_refine.pdbx_overall_ESU_R_Free                  ? 
_refine.pdbx_solvent_vdw_probe_radii             1.11 
_refine.pdbx_solvent_ion_probe_radii             ? 
_refine.pdbx_solvent_shrinkage_radii             0.90 
_refine.pdbx_real_space_R                        ? 
_refine.pdbx_density_correlation                 ? 
_refine.pdbx_pd_number_of_powder_patterns        ? 
_refine.pdbx_pd_number_of_points                 ? 
_refine.pdbx_pd_meas_number_of_points            ? 
_refine.pdbx_pd_proc_ls_prof_R_factor            ? 
_refine.pdbx_pd_proc_ls_prof_wR_factor           ? 
_refine.pdbx_pd_Marquardt_correlation_coeff      ? 
_refine.pdbx_pd_Fsqrd_R_factor                   ? 
_refine.pdbx_pd_ls_matrix_band_width             ? 
_refine.pdbx_overall_phase_error                 25.30 
_refine.pdbx_overall_SU_R_free_Cruickshank_DPI   ? 
_refine.pdbx_overall_SU_R_free_Blow_DPI          ? 
_refine.pdbx_overall_SU_R_Blow_DPI               ? 
_refine.pdbx_TLS_residual_ADP_flag               ? 
_refine.pdbx_diffrn_id                           1 
_refine.overall_SU_B                             ? 
_refine.overall_SU_ML                            0.20 
_refine.overall_SU_R_Cruickshank_DPI             ? 
_refine.overall_SU_R_free                        ? 
_refine.overall_FOM_free_R_set                   ? 
_refine.overall_FOM_work_R_set                   ? 
_refine.pdbx_average_fsc_overall                 ? 
_refine.pdbx_average_fsc_work                    ? 
_refine.pdbx_average_fsc_free                    ? 
# 
_refine_hist.pdbx_refine_id                   'X-RAY DIFFRACTION' 
_refine_hist.cycle_id                         LAST 
_refine_hist.pdbx_number_atoms_protein        1217 
_refine_hist.pdbx_number_atoms_nucleic_acid   0 
_refine_hist.pdbx_number_atoms_ligand         0 
_refine_hist.number_atoms_solvent             91 
_refine_hist.number_atoms_total               1308 
_refine_hist.d_res_high                       1.899 
_refine_hist.d_res_low                        46.366 
# 
loop_
_refine_ls_restr.pdbx_refine_id 
_refine_ls_restr.criterion 
_refine_ls_restr.dev_ideal 
_refine_ls_restr.dev_ideal_target 
_refine_ls_restr.number 
_refine_ls_restr.rejects 
_refine_ls_restr.type 
_refine_ls_restr.weight 
_refine_ls_restr.pdbx_restraint_function 
'X-RAY DIFFRACTION' ? 0.019  ? 1242 ? f_bond_d           ? ? 
'X-RAY DIFFRACTION' ? 1.187  ? 1663 ? f_angle_d          ? ? 
'X-RAY DIFFRACTION' ? 18.322 ? 478  ? f_dihedral_angle_d ? ? 
'X-RAY DIFFRACTION' ? 0.069  ? 174  ? f_chiral_restr     ? ? 
'X-RAY DIFFRACTION' ? 0.009  ? 214  ? f_plane_restr      ? ? 
# 
loop_
_refine_ls_shell.pdbx_refine_id 
_refine_ls_shell.d_res_high 
_refine_ls_shell.d_res_low 
_refine_ls_shell.number_reflns_all 
_refine_ls_shell.number_reflns_obs 
_refine_ls_shell.number_reflns_R_free 
_refine_ls_shell.number_reflns_R_work 
_refine_ls_shell.percent_reflns_obs 
_refine_ls_shell.percent_reflns_R_free 
_refine_ls_shell.R_factor_all 
_refine_ls_shell.R_factor_obs 
_refine_ls_shell.R_factor_R_free 
_refine_ls_shell.R_factor_R_free_error 
_refine_ls_shell.R_factor_R_work 
_refine_ls_shell.redundancy_reflns_all 
_refine_ls_shell.redundancy_reflns_obs 
_refine_ls_shell.wR_factor_all 
_refine_ls_shell.wR_factor_obs 
_refine_ls_shell.wR_factor_R_free 
_refine_ls_shell.wR_factor_R_work 
_refine_ls_shell.pdbx_total_number_of_bins_used 
_refine_ls_shell.pdbx_phase_error 
_refine_ls_shell.pdbx_fsc_work 
_refine_ls_shell.pdbx_fsc_free 
'X-RAY DIFFRACTION' 1.8991 2.0181  . . 134 2543 97.00  . . . 0.2928 . 0.2531 . . . . . . . . . . 
'X-RAY DIFFRACTION' 2.0181 2.1739  . . 139 2655 100.00 . . . 0.2766 . 0.2372 . . . . . . . . . . 
'X-RAY DIFFRACTION' 2.1739 2.3927  . . 140 2662 100.00 . . . 0.2690 . 0.2210 . . . . . . . . . . 
'X-RAY DIFFRACTION' 2.3927 2.7389  . . 140 2676 100.00 . . . 0.2324 . 0.2194 . . . . . . . . . . 
'X-RAY DIFFRACTION' 2.7389 3.4505  . . 145 2728 100.00 . . . 0.2553 . 0.2221 . . . . . . . . . . 
'X-RAY DIFFRACTION' 3.4505 46.3794 . . 154 2912 100.00 . . . 0.2310 . 0.2115 . . . . . . . . . . 
# 
_struct.entry_id                     6IZB 
_struct.title                        'Flexible loop truncated human TCTP' 
_struct.pdbx_model_details           ? 
_struct.pdbx_formula_weight          ? 
_struct.pdbx_formula_weight_method   ? 
_struct.pdbx_model_type_details      ? 
_struct.pdbx_CASP_flag               N 
# 
_struct_keywords.entry_id        6IZB 
_struct_keywords.text            'alpha/beta fold, flexible loop truncated, dimer, disulfide bond, IMMUNE SYSTEM' 
_struct_keywords.pdbx_keywords   'IMMUNE SYSTEM' 
# 
loop_
_struct_asym.id 
_struct_asym.pdbx_blank_PDB_chainid_flag 
_struct_asym.pdbx_modified 
_struct_asym.entity_id 
_struct_asym.details 
A N N 1 ? 
B N N 2 ? 
# 
_struct_ref.id                         1 
_struct_ref.db_name                    UNP 
_struct_ref.db_code                    TCTP_HUMAN 
_struct_ref.pdbx_db_accession          P13693 
_struct_ref.pdbx_db_isoform            ? 
_struct_ref.entity_id                  1 
_struct_ref.pdbx_seq_one_letter_code   
;MIIYRDLISHDEMFSDIYKIREIADGLCLEVEGKMVSRTEGNIDDSLIGGNASAEGPEGEGTESTVITGVDIVMNHHLQE
TSFTKEAYKKYIKDYMKSIKGKLEEQRPERVKPFMTGAAEQIKHILANFKNYQFFIGENMNPDGMVALLDYREDGVTPYM
IFFKDGLEMEKC
;
_struct_ref.pdbx_align_begin           1 
# 
_struct_ref_seq.align_id                      1 
_struct_ref_seq.ref_id                        1 
_struct_ref_seq.pdbx_PDB_id_code              6IZB 
_struct_ref_seq.pdbx_strand_id                A 
_struct_ref_seq.seq_align_beg                 1 
_struct_ref_seq.pdbx_seq_align_beg_ins_code   ? 
_struct_ref_seq.seq_align_end                 145 
_struct_ref_seq.pdbx_seq_align_end_ins_code   ? 
_struct_ref_seq.pdbx_db_accession             P13693 
_struct_ref_seq.db_align_beg                  1 
_struct_ref_seq.pdbx_db_align_beg_ins_code    ? 
_struct_ref_seq.db_align_end                  172 
_struct_ref_seq.pdbx_db_align_end_ins_code    ? 
_struct_ref_seq.pdbx_auth_seq_align_beg       1 
_struct_ref_seq.pdbx_auth_seq_align_end       145 
# 
loop_
_struct_ref_seq_dif.align_id 
_struct_ref_seq_dif.pdbx_pdb_id_code 
_struct_ref_seq_dif.mon_id 
_struct_ref_seq_dif.pdbx_pdb_strand_id 
_struct_ref_seq_dif.seq_num 
_struct_ref_seq_dif.pdbx_pdb_ins_code 
_struct_ref_seq_dif.pdbx_seq_db_name 
_struct_ref_seq_dif.pdbx_seq_db_accession_code 
_struct_ref_seq_dif.db_mon_id 
_struct_ref_seq_dif.pdbx_seq_db_seq_num 
_struct_ref_seq_dif.details 
_struct_ref_seq_dif.pdbx_auth_seq_num 
_struct_ref_seq_dif.pdbx_ordinal 
1 6IZB ?   A ?   ? UNP P13693 SER 37 deletion         ?   1  
1 6IZB ?   A ?   ? UNP P13693 ARG 38 deletion         ?   2  
1 6IZB ?   A ?   ? UNP P13693 THR 39 deletion         ?   3  
1 6IZB ?   A ?   ? UNP P13693 GLU 40 deletion         ?   4  
1 6IZB ?   A ?   ? UNP P13693 GLY 41 deletion         ?   5  
1 6IZB ?   A ?   ? UNP P13693 ASN 42 deletion         ?   6  
1 6IZB ?   A ?   ? UNP P13693 ILE 43 deletion         ?   7  
1 6IZB ?   A ?   ? UNP P13693 ASP 44 deletion         ?   8  
1 6IZB ?   A ?   ? UNP P13693 ASP 45 deletion         ?   9  
1 6IZB ?   A ?   ? UNP P13693 SER 46 deletion         ?   10 
1 6IZB ?   A ?   ? UNP P13693 LEU 47 deletion         ?   11 
1 6IZB ?   A ?   ? UNP P13693 ILE 48 deletion         ?   12 
1 6IZB ?   A ?   ? UNP P13693 GLY 49 deletion         ?   13 
1 6IZB ?   A ?   ? UNP P13693 GLY 50 deletion         ?   14 
1 6IZB ?   A ?   ? UNP P13693 ASN 51 deletion         ?   15 
1 6IZB ?   A ?   ? UNP P13693 ALA 52 deletion         ?   16 
1 6IZB ?   A ?   ? UNP P13693 SER 53 deletion         ?   17 
1 6IZB ?   A ?   ? UNP P13693 ALA 54 deletion         ?   18 
1 6IZB ?   A ?   ? UNP P13693 GLU 55 deletion         ?   19 
1 6IZB ?   A ?   ? UNP P13693 GLY 56 deletion         ?   20 
1 6IZB ?   A ?   ? UNP P13693 PRO 57 deletion         ?   21 
1 6IZB ?   A ?   ? UNP P13693 GLU 58 deletion         ?   22 
1 6IZB ?   A ?   ? UNP P13693 GLY 59 deletion         ?   23 
1 6IZB ?   A ?   ? UNP P13693 GLU 60 deletion         ?   24 
1 6IZB ?   A ?   ? UNP P13693 GLY 61 deletion         ?   25 
1 6IZB ?   A ?   ? UNP P13693 THR 62 deletion         ?   26 
1 6IZB ?   A ?   ? UNP P13693 GLU 63 deletion         ?   27 
1 6IZB GLY A 38  ? UNP P13693 THR 65 conflict         38  28 
1 6IZB GLY A 39  ? UNP P13693 VAL 66 conflict         39  29 
1 6IZB LEU A 146 ? UNP P13693 ?   ?  'expression tag' 146 30 
1 6IZB GLU A 147 ? UNP P13693 ?   ?  'expression tag' 147 31 
1 6IZB HIS A 148 ? UNP P13693 ?   ?  'expression tag' 148 32 
1 6IZB HIS A 149 ? UNP P13693 ?   ?  'expression tag' 149 33 
1 6IZB HIS A 150 ? UNP P13693 ?   ?  'expression tag' 150 34 
1 6IZB HIS A 151 ? UNP P13693 ?   ?  'expression tag' 151 35 
1 6IZB HIS A 152 ? UNP P13693 ?   ?  'expression tag' 152 36 
1 6IZB HIS A 153 ? UNP P13693 ?   ?  'expression tag' 153 37 
# 
_pdbx_struct_assembly.id                   1 
_pdbx_struct_assembly.details              author_and_software_defined_assembly 
_pdbx_struct_assembly.method_details       PISA 
_pdbx_struct_assembly.oligomeric_details   dimeric 
_pdbx_struct_assembly.oligomeric_count     2 
# 
loop_
_pdbx_struct_assembly_prop.biol_id 
_pdbx_struct_assembly_prop.type 
_pdbx_struct_assembly_prop.value 
_pdbx_struct_assembly_prop.details 
1 'ABSA (A^2)' 2190  ? 
1 MORE         -10   ? 
1 'SSA (A^2)'  15420 ? 
# 
_pdbx_struct_assembly_gen.assembly_id       1 
_pdbx_struct_assembly_gen.oper_expression   1,2 
_pdbx_struct_assembly_gen.asym_id_list      A,B 
# 
_pdbx_struct_assembly_auth_evidence.id                     1 
_pdbx_struct_assembly_auth_evidence.assembly_id            1 
_pdbx_struct_assembly_auth_evidence.experimental_support   'gel filtration' 
_pdbx_struct_assembly_auth_evidence.details                ? 
# 
loop_
_pdbx_struct_oper_list.id 
_pdbx_struct_oper_list.type 
_pdbx_struct_oper_list.name 
_pdbx_struct_oper_list.symmetry_operation 
_pdbx_struct_oper_list.matrix[1][1] 
_pdbx_struct_oper_list.matrix[1][2] 
_pdbx_struct_oper_list.matrix[1][3] 
_pdbx_struct_oper_list.vector[1] 
_pdbx_struct_oper_list.matrix[2][1] 
_pdbx_struct_oper_list.matrix[2][2] 
_pdbx_struct_oper_list.matrix[2][3] 
_pdbx_struct_oper_list.vector[2] 
_pdbx_struct_oper_list.matrix[3][1] 
_pdbx_struct_oper_list.matrix[3][2] 
_pdbx_struct_oper_list.matrix[3][3] 
_pdbx_struct_oper_list.vector[3] 
1 'identity operation'         1_555  x,y,z            1.0000000000 0.0000000000  0.0000000000 0.0000000000   0.0000000000  1.0000000000  0.0000000000  0.0000000000   0.0000000000 0.0000000000  1.0000000000  0.0000000000   
2 'crystal symmetry operation' 10_444 -y-1,-x-1,-z-1/6 0.6272565186 -0.7695805310 0.1195619760 -12.2954688210 -0.7695805310 -0.6360412836 -0.0565446000 -27.8542246747 0.1195619760 -0.0565446000 -0.9912152350 -11.9451624680 
# 
loop_
_struct_conf.conf_type_id 
_struct_conf.id 
_struct_conf.pdbx_PDB_helix_id 
_struct_conf.beg_label_comp_id 
_struct_conf.beg_label_asym_id 
_struct_conf.beg_label_seq_id 
_struct_conf.pdbx_beg_PDB_ins_code 
_struct_conf.end_label_comp_id 
_struct_conf.end_label_asym_id 
_struct_conf.end_label_seq_id 
_struct_conf.pdbx_end_PDB_ins_code 
_struct_conf.beg_auth_comp_id 
_struct_conf.beg_auth_asym_id 
_struct_conf.beg_auth_seq_id 
_struct_conf.end_auth_comp_id 
_struct_conf.end_auth_asym_id 
_struct_conf.end_auth_seq_id 
_struct_conf.pdbx_PDB_helix_class 
_struct_conf.details 
_struct_conf.pdbx_PDB_helix_length 
HELX_P HELX_P1 AA1 ALA A 24  ? GLY A 26  ? ALA A 24  GLY A 26  5 ? 3  
HELX_P HELX_P2 AA2 ASP A 44  ? HIS A 49  ? ASP A 44  HIS A 49  1 ? 6  
HELX_P HELX_P3 AA3 THR A 57  ? ARG A 80  ? THR A 57  ARG A 80  1 ? 24 
HELX_P HELX_P4 AA4 ARG A 83  ? ASN A 101 ? ARG A 83  ASN A 101 1 ? 19 
HELX_P HELX_P5 AA5 PHE A 102 ? TYR A 105 ? PHE A 102 TYR A 105 5 ? 4  
# 
_struct_conf_type.id          HELX_P 
_struct_conf_type.criteria    ? 
_struct_conf_type.reference   ? 
# 
_struct_conn.id                            disulf1 
_struct_conn.conn_type_id                  disulf 
_struct_conn.pdbx_leaving_atom_flag        ? 
_struct_conn.pdbx_PDB_id                   ? 
_struct_conn.ptnr1_label_asym_id           A 
_struct_conn.ptnr1_label_comp_id           CYS 
_struct_conn.ptnr1_label_seq_id            145 
_struct_conn.ptnr1_label_atom_id           SG 
_struct_conn.pdbx_ptnr1_label_alt_id       ? 
_struct_conn.pdbx_ptnr1_PDB_ins_code       ? 
_struct_conn.pdbx_ptnr1_standard_comp_id   ? 
_struct_conn.ptnr1_symmetry                1_555 
_struct_conn.ptnr2_label_asym_id           A 
_struct_conn.ptnr2_label_comp_id           CYS 
_struct_conn.ptnr2_label_seq_id            145 
_struct_conn.ptnr2_label_atom_id           SG 
_struct_conn.pdbx_ptnr2_label_alt_id       ? 
_struct_conn.pdbx_ptnr2_PDB_ins_code       ? 
_struct_conn.ptnr1_auth_asym_id            A 
_struct_conn.ptnr1_auth_comp_id            CYS 
_struct_conn.ptnr1_auth_seq_id             145 
_struct_conn.ptnr2_auth_asym_id            A 
_struct_conn.ptnr2_auth_comp_id            CYS 
_struct_conn.ptnr2_auth_seq_id             145 
_struct_conn.ptnr2_symmetry                10_444 
_struct_conn.pdbx_ptnr3_label_atom_id      ? 
_struct_conn.pdbx_ptnr3_label_seq_id       ? 
_struct_conn.pdbx_ptnr3_label_comp_id      ? 
_struct_conn.pdbx_ptnr3_label_asym_id      ? 
_struct_conn.pdbx_ptnr3_label_alt_id       ? 
_struct_conn.pdbx_ptnr3_PDB_ins_code       ? 
_struct_conn.details                       ? 
_struct_conn.pdbx_dist_value               2.557 
_struct_conn.pdbx_value_order              ? 
_struct_conn.pdbx_role                     ? 
# 
_struct_conn_type.id          disulf 
_struct_conn_type.criteria    ? 
_struct_conn_type.reference   ? 
# 
_pdbx_modification_feature.ordinal                            1 
_pdbx_modification_feature.label_comp_id                      CYS 
_pdbx_modification_feature.label_asym_id                      A 
_pdbx_modification_feature.label_seq_id                       145 
_pdbx_modification_feature.label_alt_id                       ? 
_pdbx_modification_feature.modified_residue_label_comp_id     CYS 
_pdbx_modification_feature.modified_residue_label_asym_id     A 
_pdbx_modification_feature.modified_residue_label_seq_id      145 
_pdbx_modification_feature.modified_residue_label_alt_id      ? 
_pdbx_modification_feature.auth_comp_id                       CYS 
_pdbx_modification_feature.auth_asym_id                       A 
_pdbx_modification_feature.auth_seq_id                        145 
_pdbx_modification_feature.PDB_ins_code                       ? 
_pdbx_modification_feature.symmetry                           1_555 
_pdbx_modification_feature.modified_residue_auth_comp_id      CYS 
_pdbx_modification_feature.modified_residue_auth_asym_id      A 
_pdbx_modification_feature.modified_residue_auth_seq_id       145 
_pdbx_modification_feature.modified_residue_PDB_ins_code      ? 
_pdbx_modification_feature.modified_residue_symmetry          10_444 
_pdbx_modification_feature.comp_id_linking_atom               SG 
_pdbx_modification_feature.modified_residue_id_linking_atom   SG 
_pdbx_modification_feature.modified_residue_id                . 
_pdbx_modification_feature.ref_pcm_id                         . 
_pdbx_modification_feature.ref_comp_id                        . 
_pdbx_modification_feature.type                               None 
_pdbx_modification_feature.category                           'Disulfide bridge' 
# 
loop_
_struct_sheet.id 
_struct_sheet.type 
_struct_sheet.number_strands 
_struct_sheet.details 
AA1 ? 3 ? 
AA2 ? 6 ? 
AA3 ? 2 ? 
# 
loop_
_struct_sheet_order.sheet_id 
_struct_sheet_order.range_id_1 
_struct_sheet_order.range_id_2 
_struct_sheet_order.offset 
_struct_sheet_order.sense 
AA1 1 2 ? anti-parallel 
AA1 2 3 ? anti-parallel 
AA2 1 2 ? anti-parallel 
AA2 2 3 ? anti-parallel 
AA2 3 4 ? anti-parallel 
AA2 4 5 ? anti-parallel 
AA2 5 6 ? anti-parallel 
AA3 1 2 ? anti-parallel 
# 
loop_
_struct_sheet_range.sheet_id 
_struct_sheet_range.id 
_struct_sheet_range.beg_label_comp_id 
_struct_sheet_range.beg_label_asym_id 
_struct_sheet_range.beg_label_seq_id 
_struct_sheet_range.pdbx_beg_PDB_ins_code 
_struct_sheet_range.end_label_comp_id 
_struct_sheet_range.end_label_asym_id 
_struct_sheet_range.end_label_seq_id 
_struct_sheet_range.pdbx_end_PDB_ins_code 
_struct_sheet_range.beg_auth_comp_id 
_struct_sheet_range.beg_auth_asym_id 
_struct_sheet_range.beg_auth_seq_id 
_struct_sheet_range.end_auth_comp_id 
_struct_sheet_range.end_auth_asym_id 
_struct_sheet_range.end_auth_seq_id 
AA1 1 GLU A 12  ? SER A 15  ? GLU A 12  SER A 15  
AA1 2 ILE A 2   ? ASP A 6   ? ILE A 2   ASP A 6   
AA1 3 LEU A 140 ? LYS A 144 ? LEU A 140 LYS A 144 
AA2 1 LYS A 19  ? ILE A 23  ? LYS A 19  ILE A 23  
AA2 2 CYS A 28  ? GLU A 32  ? CYS A 28  GLU A 32  
AA2 3 PRO A 131 ? PHE A 136 ? PRO A 131 PHE A 136 
AA2 4 VAL A 119 ? TYR A 124 ? VAL A 119 TYR A 124 
AA2 5 GLN A 106 ? ILE A 109 ? GLN A 106 ILE A 109 
AA2 6 GLN A 52  ? THR A 54  ? GLN A 52  THR A 54  
AA3 1 MET A 35  ? VAL A 36  ? MET A 35  VAL A 36  
AA3 2 GLY A 42  ? VAL A 43  ? GLY A 42  VAL A 43  
# 
loop_
_pdbx_struct_sheet_hbond.sheet_id 
_pdbx_struct_sheet_hbond.range_id_1 
_pdbx_struct_sheet_hbond.range_id_2 
_pdbx_struct_sheet_hbond.range_1_label_atom_id 
_pdbx_struct_sheet_hbond.range_1_label_comp_id 
_pdbx_struct_sheet_hbond.range_1_label_asym_id 
_pdbx_struct_sheet_hbond.range_1_label_seq_id 
_pdbx_struct_sheet_hbond.range_1_PDB_ins_code 
_pdbx_struct_sheet_hbond.range_1_auth_atom_id 
_pdbx_struct_sheet_hbond.range_1_auth_comp_id 
_pdbx_struct_sheet_hbond.range_1_auth_asym_id 
_pdbx_struct_sheet_hbond.range_1_auth_seq_id 
_pdbx_struct_sheet_hbond.range_2_label_atom_id 
_pdbx_struct_sheet_hbond.range_2_label_comp_id 
_pdbx_struct_sheet_hbond.range_2_label_asym_id 
_pdbx_struct_sheet_hbond.range_2_label_seq_id 
_pdbx_struct_sheet_hbond.range_2_PDB_ins_code 
_pdbx_struct_sheet_hbond.range_2_auth_atom_id 
_pdbx_struct_sheet_hbond.range_2_auth_comp_id 
_pdbx_struct_sheet_hbond.range_2_auth_asym_id 
_pdbx_struct_sheet_hbond.range_2_auth_seq_id 
AA1 1 2 O MET A 13  ? O MET A 13  N TYR A 4   ? N TYR A 4   
AA1 2 3 N ARG A 5   ? N ARG A 5   O GLU A 141 ? O GLU A 141 
AA2 1 2 N ARG A 21  ? N ARG A 21  O GLU A 30  ? O GLU A 30  
AA2 2 3 N VAL A 31  ? N VAL A 31  O MET A 133 ? O MET A 133 
AA2 3 4 O TYR A 132 ? O TYR A 132 N ASP A 123 ? N ASP A 123 
AA2 4 5 O ALA A 120 ? O ALA A 120 N PHE A 108 ? N PHE A 108 
AA2 5 6 O PHE A 107 ? O PHE A 107 N THR A 54  ? N THR A 54  
AA3 1 2 N VAL A 36  ? N VAL A 36  O GLY A 42  ? O GLY A 42  
# 
_pdbx_entry_details.entry_id                   6IZB 
_pdbx_entry_details.compound_details           ? 
_pdbx_entry_details.source_details             ? 
_pdbx_entry_details.nonpolymer_details         ? 
_pdbx_entry_details.sequence_details           ? 
_pdbx_entry_details.has_ligand_of_interest     ? 
_pdbx_entry_details.has_protein_modification   Y 
# 
loop_
_pdbx_validate_torsion.id 
_pdbx_validate_torsion.PDB_model_num 
_pdbx_validate_torsion.auth_comp_id 
_pdbx_validate_torsion.auth_asym_id 
_pdbx_validate_torsion.auth_seq_id 
_pdbx_validate_torsion.PDB_ins_code 
_pdbx_validate_torsion.label_alt_id 
_pdbx_validate_torsion.phi 
_pdbx_validate_torsion.psi 
1 1 HIS A 10  ? ? 76.01  -6.21 
2 1 HIS A 148 ? ? -63.67 64.63 
# 
loop_
_pdbx_struct_special_symmetry.id 
_pdbx_struct_special_symmetry.PDB_model_num 
_pdbx_struct_special_symmetry.auth_asym_id 
_pdbx_struct_special_symmetry.auth_comp_id 
_pdbx_struct_special_symmetry.auth_seq_id 
_pdbx_struct_special_symmetry.PDB_ins_code 
_pdbx_struct_special_symmetry.label_asym_id 
_pdbx_struct_special_symmetry.label_comp_id 
_pdbx_struct_special_symmetry.label_seq_id 
1 1 A HOH 235 ? B HOH . 
2 1 A HOH 268 ? B HOH . 
3 1 A HOH 290 ? B HOH . 
# 
loop_
_pdbx_unobs_or_zero_occ_residues.id 
_pdbx_unobs_or_zero_occ_residues.PDB_model_num 
_pdbx_unobs_or_zero_occ_residues.polymer_flag 
_pdbx_unobs_or_zero_occ_residues.occupancy_flag 
_pdbx_unobs_or_zero_occ_residues.auth_asym_id 
_pdbx_unobs_or_zero_occ_residues.auth_comp_id 
_pdbx_unobs_or_zero_occ_residues.auth_seq_id 
_pdbx_unobs_or_zero_occ_residues.PDB_ins_code 
_pdbx_unobs_or_zero_occ_residues.label_asym_id 
_pdbx_unobs_or_zero_occ_residues.label_comp_id 
_pdbx_unobs_or_zero_occ_residues.label_seq_id 
1 1 Y 1 A HIS 150 ? A HIS 150 
2 1 Y 1 A HIS 151 ? A HIS 151 
3 1 Y 1 A HIS 152 ? A HIS 152 
4 1 Y 1 A HIS 153 ? A HIS 153 
# 
loop_
_chem_comp_atom.comp_id 
_chem_comp_atom.atom_id 
_chem_comp_atom.type_symbol 
_chem_comp_atom.pdbx_aromatic_flag 
_chem_comp_atom.pdbx_stereo_config 
_chem_comp_atom.pdbx_ordinal 
ALA N    N N N 1   
ALA CA   C N S 2   
ALA C    C N N 3   
ALA O    O N N 4   
ALA CB   C N N 5   
ALA OXT  O N N 6   
ALA H    H N N 7   
ALA H2   H N N 8   
ALA HA   H N N 9   
ALA HB1  H N N 10  
ALA HB2  H N N 11  
ALA HB3  H N N 12  
ALA HXT  H N N 13  
ARG N    N N N 14  
ARG CA   C N S 15  
ARG C    C N N 16  
ARG O    O N N 17  
ARG CB   C N N 18  
ARG CG   C N N 19  
ARG CD   C N N 20  
ARG NE   N N N 21  
ARG CZ   C N N 22  
ARG NH1  N N N 23  
ARG NH2  N N N 24  
ARG OXT  O N N 25  
ARG H    H N N 26  
ARG H2   H N N 27  
ARG HA   H N N 28  
ARG HB2  H N N 29  
ARG HB3  H N N 30  
ARG HG2  H N N 31  
ARG HG3  H N N 32  
ARG HD2  H N N 33  
ARG HD3  H N N 34  
ARG HE   H N N 35  
ARG HH11 H N N 36  
ARG HH12 H N N 37  
ARG HH21 H N N 38  
ARG HH22 H N N 39  
ARG HXT  H N N 40  
ASN N    N N N 41  
ASN CA   C N S 42  
ASN C    C N N 43  
ASN O    O N N 44  
ASN CB   C N N 45  
ASN CG   C N N 46  
ASN OD1  O N N 47  
ASN ND2  N N N 48  
ASN OXT  O N N 49  
ASN H    H N N 50  
ASN H2   H N N 51  
ASN HA   H N N 52  
ASN HB2  H N N 53  
ASN HB3  H N N 54  
ASN HD21 H N N 55  
ASN HD22 H N N 56  
ASN HXT  H N N 57  
ASP N    N N N 58  
ASP CA   C N S 59  
ASP C    C N N 60  
ASP O    O N N 61  
ASP CB   C N N 62  
ASP CG   C N N 63  
ASP OD1  O N N 64  
ASP OD2  O N N 65  
ASP OXT  O N N 66  
ASP H    H N N 67  
ASP H2   H N N 68  
ASP HA   H N N 69  
ASP HB2  H N N 70  
ASP HB3  H N N 71  
ASP HD2  H N N 72  
ASP HXT  H N N 73  
CYS N    N N N 74  
CYS CA   C N R 75  
CYS C    C N N 76  
CYS O    O N N 77  
CYS CB   C N N 78  
CYS SG   S N N 79  
CYS OXT  O N N 80  
CYS H    H N N 81  
CYS H2   H N N 82  
CYS HA   H N N 83  
CYS HB2  H N N 84  
CYS HB3  H N N 85  
CYS HG   H N N 86  
CYS HXT  H N N 87  
GLN N    N N N 88  
GLN CA   C N S 89  
GLN C    C N N 90  
GLN O    O N N 91  
GLN CB   C N N 92  
GLN CG   C N N 93  
GLN CD   C N N 94  
GLN OE1  O N N 95  
GLN NE2  N N N 96  
GLN OXT  O N N 97  
GLN H    H N N 98  
GLN H2   H N N 99  
GLN HA   H N N 100 
GLN HB2  H N N 101 
GLN HB3  H N N 102 
GLN HG2  H N N 103 
GLN HG3  H N N 104 
GLN HE21 H N N 105 
GLN HE22 H N N 106 
GLN HXT  H N N 107 
GLU N    N N N 108 
GLU CA   C N S 109 
GLU C    C N N 110 
GLU O    O N N 111 
GLU CB   C N N 112 
GLU CG   C N N 113 
GLU CD   C N N 114 
GLU OE1  O N N 115 
GLU OE2  O N N 116 
GLU OXT  O N N 117 
GLU H    H N N 118 
GLU H2   H N N 119 
GLU HA   H N N 120 
GLU HB2  H N N 121 
GLU HB3  H N N 122 
GLU HG2  H N N 123 
GLU HG3  H N N 124 
GLU HE2  H N N 125 
GLU HXT  H N N 126 
GLY N    N N N 127 
GLY CA   C N N 128 
GLY C    C N N 129 
GLY O    O N N 130 
GLY OXT  O N N 131 
GLY H    H N N 132 
GLY H2   H N N 133 
GLY HA2  H N N 134 
GLY HA3  H N N 135 
GLY HXT  H N N 136 
HIS N    N N N 137 
HIS CA   C N S 138 
HIS C    C N N 139 
HIS O    O N N 140 
HIS CB   C N N 141 
HIS CG   C Y N 142 
HIS ND1  N Y N 143 
HIS CD2  C Y N 144 
HIS CE1  C Y N 145 
HIS NE2  N Y N 146 
HIS OXT  O N N 147 
HIS H    H N N 148 
HIS H2   H N N 149 
HIS HA   H N N 150 
HIS HB2  H N N 151 
HIS HB3  H N N 152 
HIS HD1  H N N 153 
HIS HD2  H N N 154 
HIS HE1  H N N 155 
HIS HE2  H N N 156 
HIS HXT  H N N 157 
HOH O    O N N 158 
HOH H1   H N N 159 
HOH H2   H N N 160 
ILE N    N N N 161 
ILE CA   C N S 162 
ILE C    C N N 163 
ILE O    O N N 164 
ILE CB   C N S 165 
ILE CG1  C N N 166 
ILE CG2  C N N 167 
ILE CD1  C N N 168 
ILE OXT  O N N 169 
ILE H    H N N 170 
ILE H2   H N N 171 
ILE HA   H N N 172 
ILE HB   H N N 173 
ILE HG12 H N N 174 
ILE HG13 H N N 175 
ILE HG21 H N N 176 
ILE HG22 H N N 177 
ILE HG23 H N N 178 
ILE HD11 H N N 179 
ILE HD12 H N N 180 
ILE HD13 H N N 181 
ILE HXT  H N N 182 
LEU N    N N N 183 
LEU CA   C N S 184 
LEU C    C N N 185 
LEU O    O N N 186 
LEU CB   C N N 187 
LEU CG   C N N 188 
LEU CD1  C N N 189 
LEU CD2  C N N 190 
LEU OXT  O N N 191 
LEU H    H N N 192 
LEU H2   H N N 193 
LEU HA   H N N 194 
LEU HB2  H N N 195 
LEU HB3  H N N 196 
LEU HG   H N N 197 
LEU HD11 H N N 198 
LEU HD12 H N N 199 
LEU HD13 H N N 200 
LEU HD21 H N N 201 
LEU HD22 H N N 202 
LEU HD23 H N N 203 
LEU HXT  H N N 204 
LYS N    N N N 205 
LYS CA   C N S 206 
LYS C    C N N 207 
LYS O    O N N 208 
LYS CB   C N N 209 
LYS CG   C N N 210 
LYS CD   C N N 211 
LYS CE   C N N 212 
LYS NZ   N N N 213 
LYS OXT  O N N 214 
LYS H    H N N 215 
LYS H2   H N N 216 
LYS HA   H N N 217 
LYS HB2  H N N 218 
LYS HB3  H N N 219 
LYS HG2  H N N 220 
LYS HG3  H N N 221 
LYS HD2  H N N 222 
LYS HD3  H N N 223 
LYS HE2  H N N 224 
LYS HE3  H N N 225 
LYS HZ1  H N N 226 
LYS HZ2  H N N 227 
LYS HZ3  H N N 228 
LYS HXT  H N N 229 
MET N    N N N 230 
MET CA   C N S 231 
MET C    C N N 232 
MET O    O N N 233 
MET CB   C N N 234 
MET CG   C N N 235 
MET SD   S N N 236 
MET CE   C N N 237 
MET OXT  O N N 238 
MET H    H N N 239 
MET H2   H N N 240 
MET HA   H N N 241 
MET HB2  H N N 242 
MET HB3  H N N 243 
MET HG2  H N N 244 
MET HG3  H N N 245 
MET HE1  H N N 246 
MET HE2  H N N 247 
MET HE3  H N N 248 
MET HXT  H N N 249 
PHE N    N N N 250 
PHE CA   C N S 251 
PHE C    C N N 252 
PHE O    O N N 253 
PHE CB   C N N 254 
PHE CG   C Y N 255 
PHE CD1  C Y N 256 
PHE CD2  C Y N 257 
PHE CE1  C Y N 258 
PHE CE2  C Y N 259 
PHE CZ   C Y N 260 
PHE OXT  O N N 261 
PHE H    H N N 262 
PHE H2   H N N 263 
PHE HA   H N N 264 
PHE HB2  H N N 265 
PHE HB3  H N N 266 
PHE HD1  H N N 267 
PHE HD2  H N N 268 
PHE HE1  H N N 269 
PHE HE2  H N N 270 
PHE HZ   H N N 271 
PHE HXT  H N N 272 
PRO N    N N N 273 
PRO CA   C N S 274 
PRO C    C N N 275 
PRO O    O N N 276 
PRO CB   C N N 277 
PRO CG   C N N 278 
PRO CD   C N N 279 
PRO OXT  O N N 280 
PRO H    H N N 281 
PRO HA   H N N 282 
PRO HB2  H N N 283 
PRO HB3  H N N 284 
PRO HG2  H N N 285 
PRO HG3  H N N 286 
PRO HD2  H N N 287 
PRO HD3  H N N 288 
PRO HXT  H N N 289 
SER N    N N N 290 
SER CA   C N S 291 
SER C    C N N 292 
SER O    O N N 293 
SER CB   C N N 294 
SER OG   O N N 295 
SER OXT  O N N 296 
SER H    H N N 297 
SER H2   H N N 298 
SER HA   H N N 299 
SER HB2  H N N 300 
SER HB3  H N N 301 
SER HG   H N N 302 
SER HXT  H N N 303 
THR N    N N N 304 
THR CA   C N S 305 
THR C    C N N 306 
THR O    O N N 307 
THR CB   C N R 308 
THR OG1  O N N 309 
THR CG2  C N N 310 
THR OXT  O N N 311 
THR H    H N N 312 
THR H2   H N N 313 
THR HA   H N N 314 
THR HB   H N N 315 
THR HG1  H N N 316 
THR HG21 H N N 317 
THR HG22 H N N 318 
THR HG23 H N N 319 
THR HXT  H N N 320 
TYR N    N N N 321 
TYR CA   C N S 322 
TYR C    C N N 323 
TYR O    O N N 324 
TYR CB   C N N 325 
TYR CG   C Y N 326 
TYR CD1  C Y N 327 
TYR CD2  C Y N 328 
TYR CE1  C Y N 329 
TYR CE2  C Y N 330 
TYR CZ   C Y N 331 
TYR OH   O N N 332 
TYR OXT  O N N 333 
TYR H    H N N 334 
TYR H2   H N N 335 
TYR HA   H N N 336 
TYR HB2  H N N 337 
TYR HB3  H N N 338 
TYR HD1  H N N 339 
TYR HD2  H N N 340 
TYR HE1  H N N 341 
TYR HE2  H N N 342 
TYR HH   H N N 343 
TYR HXT  H N N 344 
VAL N    N N N 345 
VAL CA   C N S 346 
VAL C    C N N 347 
VAL O    O N N 348 
VAL CB   C N N 349 
VAL CG1  C N N 350 
VAL CG2  C N N 351 
VAL OXT  O N N 352 
VAL H    H N N 353 
VAL H2   H N N 354 
VAL HA   H N N 355 
VAL HB   H N N 356 
VAL HG11 H N N 357 
VAL HG12 H N N 358 
VAL HG13 H N N 359 
VAL HG21 H N N 360 
VAL HG22 H N N 361 
VAL HG23 H N N 362 
VAL HXT  H N N 363 
# 
loop_
_chem_comp_bond.comp_id 
_chem_comp_bond.atom_id_1 
_chem_comp_bond.atom_id_2 
_chem_comp_bond.value_order 
_chem_comp_bond.pdbx_aromatic_flag 
_chem_comp_bond.pdbx_stereo_config 
_chem_comp_bond.pdbx_ordinal 
ALA N   CA   sing N N 1   
ALA N   H    sing N N 2   
ALA N   H2   sing N N 3   
ALA CA  C    sing N N 4   
ALA CA  CB   sing N N 5   
ALA CA  HA   sing N N 6   
ALA C   O    doub N N 7   
ALA C   OXT  sing N N 8   
ALA CB  HB1  sing N N 9   
ALA CB  HB2  sing N N 10  
ALA CB  HB3  sing N N 11  
ALA OXT HXT  sing N N 12  
ARG N   CA   sing N N 13  
ARG N   H    sing N N 14  
ARG N   H2   sing N N 15  
ARG CA  C    sing N N 16  
ARG CA  CB   sing N N 17  
ARG CA  HA   sing N N 18  
ARG C   O    doub N N 19  
ARG C   OXT  sing N N 20  
ARG CB  CG   sing N N 21  
ARG CB  HB2  sing N N 22  
ARG CB  HB3  sing N N 23  
ARG CG  CD   sing N N 24  
ARG CG  HG2  sing N N 25  
ARG CG  HG3  sing N N 26  
ARG CD  NE   sing N N 27  
ARG CD  HD2  sing N N 28  
ARG CD  HD3  sing N N 29  
ARG NE  CZ   sing N N 30  
ARG NE  HE   sing N N 31  
ARG CZ  NH1  sing N N 32  
ARG CZ  NH2  doub N N 33  
ARG NH1 HH11 sing N N 34  
ARG NH1 HH12 sing N N 35  
ARG NH2 HH21 sing N N 36  
ARG NH2 HH22 sing N N 37  
ARG OXT HXT  sing N N 38  
ASN N   CA   sing N N 39  
ASN N   H    sing N N 40  
ASN N   H2   sing N N 41  
ASN CA  C    sing N N 42  
ASN CA  CB   sing N N 43  
ASN CA  HA   sing N N 44  
ASN C   O    doub N N 45  
ASN C   OXT  sing N N 46  
ASN CB  CG   sing N N 47  
ASN CB  HB2  sing N N 48  
ASN CB  HB3  sing N N 49  
ASN CG  OD1  doub N N 50  
ASN CG  ND2  sing N N 51  
ASN ND2 HD21 sing N N 52  
ASN ND2 HD22 sing N N 53  
ASN OXT HXT  sing N N 54  
ASP N   CA   sing N N 55  
ASP N   H    sing N N 56  
ASP N   H2   sing N N 57  
ASP CA  C    sing N N 58  
ASP CA  CB   sing N N 59  
ASP CA  HA   sing N N 60  
ASP C   O    doub N N 61  
ASP C   OXT  sing N N 62  
ASP CB  CG   sing N N 63  
ASP CB  HB2  sing N N 64  
ASP CB  HB3  sing N N 65  
ASP CG  OD1  doub N N 66  
ASP CG  OD2  sing N N 67  
ASP OD2 HD2  sing N N 68  
ASP OXT HXT  sing N N 69  
CYS N   CA   sing N N 70  
CYS N   H    sing N N 71  
CYS N   H2   sing N N 72  
CYS CA  C    sing N N 73  
CYS CA  CB   sing N N 74  
CYS CA  HA   sing N N 75  
CYS C   O    doub N N 76  
CYS C   OXT  sing N N 77  
CYS CB  SG   sing N N 78  
CYS CB  HB2  sing N N 79  
CYS CB  HB3  sing N N 80  
CYS SG  HG   sing N N 81  
CYS OXT HXT  sing N N 82  
GLN N   CA   sing N N 83  
GLN N   H    sing N N 84  
GLN N   H2   sing N N 85  
GLN CA  C    sing N N 86  
GLN CA  CB   sing N N 87  
GLN CA  HA   sing N N 88  
GLN C   O    doub N N 89  
GLN C   OXT  sing N N 90  
GLN CB  CG   sing N N 91  
GLN CB  HB2  sing N N 92  
GLN CB  HB3  sing N N 93  
GLN CG  CD   sing N N 94  
GLN CG  HG2  sing N N 95  
GLN CG  HG3  sing N N 96  
GLN CD  OE1  doub N N 97  
GLN CD  NE2  sing N N 98  
GLN NE2 HE21 sing N N 99  
GLN NE2 HE22 sing N N 100 
GLN OXT HXT  sing N N 101 
GLU N   CA   sing N N 102 
GLU N   H    sing N N 103 
GLU N   H2   sing N N 104 
GLU CA  C    sing N N 105 
GLU CA  CB   sing N N 106 
GLU CA  HA   sing N N 107 
GLU C   O    doub N N 108 
GLU C   OXT  sing N N 109 
GLU CB  CG   sing N N 110 
GLU CB  HB2  sing N N 111 
GLU CB  HB3  sing N N 112 
GLU CG  CD   sing N N 113 
GLU CG  HG2  sing N N 114 
GLU CG  HG3  sing N N 115 
GLU CD  OE1  doub N N 116 
GLU CD  OE2  sing N N 117 
GLU OE2 HE2  sing N N 118 
GLU OXT HXT  sing N N 119 
GLY N   CA   sing N N 120 
GLY N   H    sing N N 121 
GLY N   H2   sing N N 122 
GLY CA  C    sing N N 123 
GLY CA  HA2  sing N N 124 
GLY CA  HA3  sing N N 125 
GLY C   O    doub N N 126 
GLY C   OXT  sing N N 127 
GLY OXT HXT  sing N N 128 
HIS N   CA   sing N N 129 
HIS N   H    sing N N 130 
HIS N   H2   sing N N 131 
HIS CA  C    sing N N 132 
HIS CA  CB   sing N N 133 
HIS CA  HA   sing N N 134 
HIS C   O    doub N N 135 
HIS C   OXT  sing N N 136 
HIS CB  CG   sing N N 137 
HIS CB  HB2  sing N N 138 
HIS CB  HB3  sing N N 139 
HIS CG  ND1  sing Y N 140 
HIS CG  CD2  doub Y N 141 
HIS ND1 CE1  doub Y N 142 
HIS ND1 HD1  sing N N 143 
HIS CD2 NE2  sing Y N 144 
HIS CD2 HD2  sing N N 145 
HIS CE1 NE2  sing Y N 146 
HIS CE1 HE1  sing N N 147 
HIS NE2 HE2  sing N N 148 
HIS OXT HXT  sing N N 149 
HOH O   H1   sing N N 150 
HOH O   H2   sing N N 151 
ILE N   CA   sing N N 152 
ILE N   H    sing N N 153 
ILE N   H2   sing N N 154 
ILE CA  C    sing N N 155 
ILE CA  CB   sing N N 156 
ILE CA  HA   sing N N 157 
ILE C   O    doub N N 158 
ILE C   OXT  sing N N 159 
ILE CB  CG1  sing N N 160 
ILE CB  CG2  sing N N 161 
ILE CB  HB   sing N N 162 
ILE CG1 CD1  sing N N 163 
ILE CG1 HG12 sing N N 164 
ILE CG1 HG13 sing N N 165 
ILE CG2 HG21 sing N N 166 
ILE CG2 HG22 sing N N 167 
ILE CG2 HG23 sing N N 168 
ILE CD1 HD11 sing N N 169 
ILE CD1 HD12 sing N N 170 
ILE CD1 HD13 sing N N 171 
ILE OXT HXT  sing N N 172 
LEU N   CA   sing N N 173 
LEU N   H    sing N N 174 
LEU N   H2   sing N N 175 
LEU CA  C    sing N N 176 
LEU CA  CB   sing N N 177 
LEU CA  HA   sing N N 178 
LEU C   O    doub N N 179 
LEU C   OXT  sing N N 180 
LEU CB  CG   sing N N 181 
LEU CB  HB2  sing N N 182 
LEU CB  HB3  sing N N 183 
LEU CG  CD1  sing N N 184 
LEU CG  CD2  sing N N 185 
LEU CG  HG   sing N N 186 
LEU CD1 HD11 sing N N 187 
LEU CD1 HD12 sing N N 188 
LEU CD1 HD13 sing N N 189 
LEU CD2 HD21 sing N N 190 
LEU CD2 HD22 sing N N 191 
LEU CD2 HD23 sing N N 192 
LEU OXT HXT  sing N N 193 
LYS N   CA   sing N N 194 
LYS N   H    sing N N 195 
LYS N   H2   sing N N 196 
LYS CA  C    sing N N 197 
LYS CA  CB   sing N N 198 
LYS CA  HA   sing N N 199 
LYS C   O    doub N N 200 
LYS C   OXT  sing N N 201 
LYS CB  CG   sing N N 202 
LYS CB  HB2  sing N N 203 
LYS CB  HB3  sing N N 204 
LYS CG  CD   sing N N 205 
LYS CG  HG2  sing N N 206 
LYS CG  HG3  sing N N 207 
LYS CD  CE   sing N N 208 
LYS CD  HD2  sing N N 209 
LYS CD  HD3  sing N N 210 
LYS CE  NZ   sing N N 211 
LYS CE  HE2  sing N N 212 
LYS CE  HE3  sing N N 213 
LYS NZ  HZ1  sing N N 214 
LYS NZ  HZ2  sing N N 215 
LYS NZ  HZ3  sing N N 216 
LYS OXT HXT  sing N N 217 
MET N   CA   sing N N 218 
MET N   H    sing N N 219 
MET N   H2   sing N N 220 
MET CA  C    sing N N 221 
MET CA  CB   sing N N 222 
MET CA  HA   sing N N 223 
MET C   O    doub N N 224 
MET C   OXT  sing N N 225 
MET CB  CG   sing N N 226 
MET CB  HB2  sing N N 227 
MET CB  HB3  sing N N 228 
MET CG  SD   sing N N 229 
MET CG  HG2  sing N N 230 
MET CG  HG3  sing N N 231 
MET SD  CE   sing N N 232 
MET CE  HE1  sing N N 233 
MET CE  HE2  sing N N 234 
MET CE  HE3  sing N N 235 
MET OXT HXT  sing N N 236 
PHE N   CA   sing N N 237 
PHE N   H    sing N N 238 
PHE N   H2   sing N N 239 
PHE CA  C    sing N N 240 
PHE CA  CB   sing N N 241 
PHE CA  HA   sing N N 242 
PHE C   O    doub N N 243 
PHE C   OXT  sing N N 244 
PHE CB  CG   sing N N 245 
PHE CB  HB2  sing N N 246 
PHE CB  HB3  sing N N 247 
PHE CG  CD1  doub Y N 248 
PHE CG  CD2  sing Y N 249 
PHE CD1 CE1  sing Y N 250 
PHE CD1 HD1  sing N N 251 
PHE CD2 CE2  doub Y N 252 
PHE CD2 HD2  sing N N 253 
PHE CE1 CZ   doub Y N 254 
PHE CE1 HE1  sing N N 255 
PHE CE2 CZ   sing Y N 256 
PHE CE2 HE2  sing N N 257 
PHE CZ  HZ   sing N N 258 
PHE OXT HXT  sing N N 259 
PRO N   CA   sing N N 260 
PRO N   CD   sing N N 261 
PRO N   H    sing N N 262 
PRO CA  C    sing N N 263 
PRO CA  CB   sing N N 264 
PRO CA  HA   sing N N 265 
PRO C   O    doub N N 266 
PRO C   OXT  sing N N 267 
PRO CB  CG   sing N N 268 
PRO CB  HB2  sing N N 269 
PRO CB  HB3  sing N N 270 
PRO CG  CD   sing N N 271 
PRO CG  HG2  sing N N 272 
PRO CG  HG3  sing N N 273 
PRO CD  HD2  sing N N 274 
PRO CD  HD3  sing N N 275 
PRO OXT HXT  sing N N 276 
SER N   CA   sing N N 277 
SER N   H    sing N N 278 
SER N   H2   sing N N 279 
SER CA  C    sing N N 280 
SER CA  CB   sing N N 281 
SER CA  HA   sing N N 282 
SER C   O    doub N N 283 
SER C   OXT  sing N N 284 
SER CB  OG   sing N N 285 
SER CB  HB2  sing N N 286 
SER CB  HB3  sing N N 287 
SER OG  HG   sing N N 288 
SER OXT HXT  sing N N 289 
THR N   CA   sing N N 290 
THR N   H    sing N N 291 
THR N   H2   sing N N 292 
THR CA  C    sing N N 293 
THR CA  CB   sing N N 294 
THR CA  HA   sing N N 295 
THR C   O    doub N N 296 
THR C   OXT  sing N N 297 
THR CB  OG1  sing N N 298 
THR CB  CG2  sing N N 299 
THR CB  HB   sing N N 300 
THR OG1 HG1  sing N N 301 
THR CG2 HG21 sing N N 302 
THR CG2 HG22 sing N N 303 
THR CG2 HG23 sing N N 304 
THR OXT HXT  sing N N 305 
TYR N   CA   sing N N 306 
TYR N   H    sing N N 307 
TYR N   H2   sing N N 308 
TYR CA  C    sing N N 309 
TYR CA  CB   sing N N 310 
TYR CA  HA   sing N N 311 
TYR C   O    doub N N 312 
TYR C   OXT  sing N N 313 
TYR CB  CG   sing N N 314 
TYR CB  HB2  sing N N 315 
TYR CB  HB3  sing N N 316 
TYR CG  CD1  doub Y N 317 
TYR CG  CD2  sing Y N 318 
TYR CD1 CE1  sing Y N 319 
TYR CD1 HD1  sing N N 320 
TYR CD2 CE2  doub Y N 321 
TYR CD2 HD2  sing N N 322 
TYR CE1 CZ   doub Y N 323 
TYR CE1 HE1  sing N N 324 
TYR CE2 CZ   sing Y N 325 
TYR CE2 HE2  sing N N 326 
TYR CZ  OH   sing N N 327 
TYR OH  HH   sing N N 328 
TYR OXT HXT  sing N N 329 
VAL N   CA   sing N N 330 
VAL N   H    sing N N 331 
VAL N   H2   sing N N 332 
VAL CA  C    sing N N 333 
VAL CA  CB   sing N N 334 
VAL CA  HA   sing N N 335 
VAL C   O    doub N N 336 
VAL C   OXT  sing N N 337 
VAL CB  CG1  sing N N 338 
VAL CB  CG2  sing N N 339 
VAL CB  HB   sing N N 340 
VAL CG1 HG11 sing N N 341 
VAL CG1 HG12 sing N N 342 
VAL CG1 HG13 sing N N 343 
VAL CG2 HG21 sing N N 344 
VAL CG2 HG22 sing N N 345 
VAL CG2 HG23 sing N N 346 
VAL OXT HXT  sing N N 347 
# 
_atom_sites.entry_id                    6IZB 
_atom_sites.fract_transf_matrix[1][1]   -0.00507080 
_atom_sites.fract_transf_matrix[1][2]   0.01063884 
_atom_sites.fract_transf_matrix[1][3]   0.01178041 
_atom_sites.fract_transf_matrix[2][1]   0.00996004 
_atom_sites.fract_transf_matrix[2][2]   0.00353041 
_atom_sites.fract_transf_matrix[2][3]   0.01288498 
_atom_sites.fract_transf_matrix[3][1]   0.00271848 
_atom_sites.fract_transf_matrix[3][2]   0.00520032 
_atom_sites.fract_transf_matrix[3][3]   -0.00352623 
_atom_sites.fract_transf_vector[1]      -0.248766 
_atom_sites.fract_transf_vector[2]      -0.376546 
_atom_sites.fract_transf_vector[3]      -0.015251 
# 
loop_
_atom_type.symbol 
C 
N 
O 
S 
# 
loop_
_atom_site.group_PDB 
_atom_site.id 
_atom_site.type_symbol 
_atom_site.label_atom_id 
_atom_site.label_alt_id 
_atom_site.label_comp_id 
_atom_site.label_asym_id 
_atom_site.label_entity_id 
_atom_site.label_seq_id 
_atom_site.pdbx_PDB_ins_code 
_atom_site.Cartn_x 
_atom_site.Cartn_y 
_atom_site.Cartn_z 
_atom_site.occupancy 
_atom_site.B_iso_or_equiv 
_atom_site.pdbx_formal_charge 
_atom_site.auth_seq_id 
_atom_site.auth_comp_id 
_atom_site.auth_asym_id 
_atom_site.auth_atom_id 
_atom_site.pdbx_PDB_model_num 
ATOM   1    N N   . MET A 1 1   ? 1.531   -16.844 -10.823 1.00 31.88 ? 1   MET A N   1 
ATOM   2    C CA  . MET A 1 1   ? 1.070   -15.672 -10.087 1.00 29.03 ? 1   MET A CA  1 
ATOM   3    C C   . MET A 1 1   ? 2.250   -14.942 -9.436  1.00 31.12 ? 1   MET A C   1 
ATOM   4    O O   . MET A 1 1   ? 3.278   -15.554 -9.140  1.00 28.90 ? 1   MET A O   1 
ATOM   5    C CB  . MET A 1 1   ? 0.061   -16.068 -9.015  1.00 30.86 ? 1   MET A CB  1 
ATOM   6    C CG  . MET A 1 1   ? -0.807  -14.892 -8.576  1.00 30.30 ? 1   MET A CG  1 
ATOM   7    S SD  . MET A 1 1   ? -2.027  -15.305 -7.356  1.00 42.11 ? 1   MET A SD  1 
ATOM   8    C CE  . MET A 1 1   ? -3.091  -16.414 -8.294  1.00 32.35 ? 1   MET A CE  1 
ATOM   9    N N   . ILE A 1 2   ? 2.092   -13.642 -9.200  1.00 28.01 ? 2   ILE A N   1 
ATOM   10   C CA  . ILE A 1 2   ? 3.060   -12.844 -8.457  1.00 24.45 ? 2   ILE A CA  1 
ATOM   11   C C   . ILE A 1 2   ? 2.381   -12.296 -7.212  1.00 24.46 ? 2   ILE A C   1 
ATOM   12   O O   . ILE A 1 2   ? 1.313   -11.680 -7.304  1.00 25.95 ? 2   ILE A O   1 
ATOM   13   C CB  . ILE A 1 2   ? 3.621   -11.702 -9.318  1.00 30.10 ? 2   ILE A CB  1 
ATOM   14   C CG1 . ILE A 1 2   ? 4.311   -12.272 -10.556 1.00 31.86 ? 2   ILE A CG1 1 
ATOM   15   C CG2 . ILE A 1 2   ? 4.576   -10.835 -8.488  1.00 29.41 ? 2   ILE A CG2 1 
ATOM   16   C CD1 . ILE A 1 2   ? 4.913   -11.204 -11.460 1.00 38.35 ? 2   ILE A CD1 1 
ATOM   17   N N   . ILE A 1 3   ? 3.000   -12.517 -6.059  1.00 21.36 ? 3   ILE A N   1 
ATOM   18   C CA  . ILE A 1 3   ? 2.480   -12.081 -4.773  1.00 22.51 ? 3   ILE A CA  1 
ATOM   19   C C   . ILE A 1 3   ? 3.258   -10.842 -4.353  1.00 25.59 ? 3   ILE A C   1 
ATOM   20   O O   . ILE A 1 3   ? 4.493   -10.841 -4.417  1.00 24.57 ? 3   ILE A O   1 
ATOM   21   C CB  . ILE A 1 3   ? 2.621   -13.185 -3.710  1.00 22.96 ? 3   ILE A CB  1 
ATOM   22   C CG1 . ILE A 1 3   ? 2.035   -14.522 -4.199  1.00 29.04 ? 3   ILE A CG1 1 
ATOM   23   C CG2 . ILE A 1 3   ? 1.967   -12.754 -2.407  1.00 23.87 ? 3   ILE A CG2 1 
ATOM   24   C CD1 . ILE A 1 3   ? 0.656   -14.392 -4.776  1.00 32.05 ? 3   ILE A CD1 1 
ATOM   25   N N   . TYR A 1 4   ? 2.548   -9.804  -3.893  1.00 21.36 ? 4   TYR A N   1 
ATOM   26   C CA  . TYR A 1 4   ? 3.171   -8.575  -3.388  1.00 22.03 ? 4   TYR A CA  1 
ATOM   27   C C   . TYR A 1 4   ? 2.943   -8.520  -1.880  1.00 24.02 ? 4   TYR A C   1 
ATOM   28   O O   . TYR A 1 4   ? 1.795   -8.420  -1.425  1.00 21.32 ? 4   TYR A O   1 
ATOM   29   C CB  . TYR A 1 4   ? 2.595   -7.341  -4.094  1.00 21.41 ? 4   TYR A CB  1 
ATOM   30   C CG  . TYR A 1 4   ? 2.853   -7.340  -5.576  1.00 25.28 ? 4   TYR A CG  1 
ATOM   31   C CD1 . TYR A 1 4   ? 2.011   -8.020  -6.454  1.00 22.33 ? 4   TYR A CD1 1 
ATOM   32   C CD2 . TYR A 1 4   ? 3.947   -6.675  -6.107  1.00 31.46 ? 4   TYR A CD2 1 
ATOM   33   C CE1 . TYR A 1 4   ? 2.266   -8.036  -7.825  1.00 25.76 ? 4   TYR A CE1 1 
ATOM   34   C CE2 . TYR A 1 4   ? 4.200   -6.682  -7.474  1.00 33.43 ? 4   TYR A CE2 1 
ATOM   35   C CZ  . TYR A 1 4   ? 3.353   -7.362  -8.320  1.00 34.61 ? 4   TYR A CZ  1 
ATOM   36   O OH  . TYR A 1 4   ? 3.594   -7.368  -9.671  1.00 41.43 ? 4   TYR A OH  1 
ATOM   37   N N   . ARG A 1 5   ? 4.032   -8.628  -1.108  1.00 21.19 ? 5   ARG A N   1 
ATOM   38   C CA  . ARG A 1 5   ? 3.998   -8.652  0.347   1.00 18.45 ? 5   ARG A CA  1 
ATOM   39   C C   . ARG A 1 5   ? 4.590   -7.384  0.940   1.00 20.45 ? 5   ARG A C   1 
ATOM   40   O O   . ARG A 1 5   ? 5.534   -6.810  0.395   1.00 23.88 ? 5   ARG A O   1 
ATOM   41   C CB  . ARG A 1 5   ? 4.807   -9.820  0.922   1.00 28.56 ? 5   ARG A CB  1 
ATOM   42   C CG  . ARG A 1 5   ? 4.249   -11.180 0.638   1.00 27.99 ? 5   ARG A CG  1 
ATOM   43   C CD  . ARG A 1 5   ? 5.161   -12.246 1.230   1.00 33.21 ? 5   ARG A CD  1 
ATOM   44   N NE  . ARG A 1 5   ? 4.748   -13.545 0.728   1.00 35.55 ? 5   ARG A NE  1 
ATOM   45   C CZ  . ARG A 1 5   ? 3.939   -14.348 1.390   1.00 35.62 ? 5   ARG A CZ  1 
ATOM   46   N NH1 . ARG A 1 5   ? 3.486   -13.976 2.583   1.00 37.84 ? 5   ARG A NH1 1 
ATOM   47   N NH2 . ARG A 1 5   ? 3.586   -15.522 0.863   1.00 37.02 ? 5   ARG A NH2 1 
ATOM   48   N N   . ASP A 1 6   ? 4.036   -6.985  2.077   1.00 21.27 ? 6   ASP A N   1 
ATOM   49   C CA  . ASP A 1 6   ? 4.611   -5.926  2.893   1.00 23.32 ? 6   ASP A CA  1 
ATOM   50   C C   . ASP A 1 6   ? 6.014   -6.337  3.344   1.00 27.77 ? 6   ASP A C   1 
ATOM   51   O O   . ASP A 1 6   ? 6.172   -7.318  4.081   1.00 25.60 ? 6   ASP A O   1 
ATOM   52   C CB  . ASP A 1 6   ? 3.677   -5.669  4.077   1.00 25.04 ? 6   ASP A CB  1 
ATOM   53   C CG  . ASP A 1 6   ? 4.122   -4.528  4.970   1.00 27.18 ? 6   ASP A CG  1 
ATOM   54   O OD1 . ASP A 1 6   ? 5.345   -4.323  5.184   1.00 26.99 ? 6   ASP A OD1 1 
ATOM   55   O OD2 . ASP A 1 6   ? 3.219   -3.853  5.489   1.00 28.39 ? 6   ASP A OD2 1 
ATOM   56   N N   . LEU A 1 7   ? 7.028   -5.643  2.899   1.00 26.36 ? 7   LEU A N   1 
ATOM   57   C CA  . LEU A 1 7   ? 8.483   -5.884  3.105   1.00 29.39 ? 7   LEU A CA  1 
ATOM   58   C C   . LEU A 1 7   ? 8.808   -6.193  4.560   1.00 29.62 ? 7   LEU A C   1 
ATOM   59   O O   . LEU A 1 7   ? 9.667   -6.941  4.831   1.00 33.31 ? 7   LEU A O   1 
ATOM   60   C CB  . LEU A 1 7   ? 9.197   -4.601  2.681   1.00 31.28 ? 7   LEU A CB  1 
ATOM   61   C CG  . LEU A 1 7   ? 10.699  -4.525  2.843   1.00 37.80 ? 7   LEU A CG  1 
ATOM   62   C CD1 . LEU A 1 7   ? 11.385  -5.501  1.918   1.00 38.74 ? 7   LEU A CD1 1 
ATOM   63   C CD2 . LEU A 1 7   ? 11.163  -3.152  2.462   1.00 38.18 ? 7   LEU A CD2 1 
ATOM   64   N N   . ILE A 1 8   ? 8.115   -5.276  5.391   1.00 26.37 ? 8   ILE A N   1 
ATOM   65   C CA  . ILE A 1 8   ? 8.245   -5.204  6.867   1.00 30.39 ? 8   ILE A CA  1 
ATOM   66   C C   . ILE A 1 8   ? 7.386   -6.242  7.605   1.00 30.67 ? 8   ILE A C   1 
ATOM   67   O O   . ILE A 1 8   ? 7.902   -6.908  8.444   1.00 29.84 ? 8   ILE A O   1 
ATOM   68   C CB  . ILE A 1 8   ? 7.889   -3.805  7.403   1.00 32.06 ? 8   ILE A CB  1 
ATOM   69   C CG1 . ILE A 1 8   ? 8.715   -2.681  6.784   1.00 35.08 ? 8   ILE A CG1 1 
ATOM   70   C CG2 . ILE A 1 8   ? 7.963   -3.765  8.911   1.00 30.82 ? 8   ILE A CG2 1 
ATOM   71   C CD1 . ILE A 1 8   ? 10.176  -2.873  6.894   1.00 40.65 ? 8   ILE A CD1 1 
ATOM   72   N N   . SER A 1 9   ? 6.107   -6.308  7.317   1.00 24.94 ? 9   SER A N   1 
ATOM   73   C CA  . SER A 1 9   ? 5.211   -7.125  8.122   1.00 25.32 ? 9   SER A CA  1 
ATOM   74   C C   . SER A 1 9   ? 5.085   -8.562  7.624   1.00 23.74 ? 9   SER A C   1 
ATOM   75   O O   . SER A 1 9   ? 4.616   -9.409  8.384   1.00 27.29 ? 9   SER A O   1 
ATOM   76   C CB  . SER A 1 9   ? 3.817   -6.496  8.179   1.00 28.40 ? 9   SER A CB  1 
ATOM   77   O OG  . SER A 1 9   ? 3.115   -6.752  6.971   1.00 27.68 ? 9   SER A OG  1 
ATOM   78   N N   . HIS A 1 10  ? 5.461   -8.833  6.377   1.00 21.29 ? 10  HIS A N   1 
ATOM   79   C CA  . HIS A 1 10  ? 5.370   -10.095 5.635   1.00 27.21 ? 10  HIS A CA  1 
ATOM   80   C C   . HIS A 1 10  ? 3.955   -10.404 5.155   1.00 25.65 ? 10  HIS A C   1 
ATOM   81   O O   . HIS A 1 10  ? 3.777   -11.409 4.440   1.00 26.71 ? 10  HIS A O   1 
ATOM   82   C CB  . HIS A 1 10  ? 5.880   -11.309 6.438   1.00 27.43 ? 10  HIS A CB  1 
ATOM   83   C CG  . HIS A 1 10  ? 7.329   -11.210 6.814   1.00 30.41 ? 10  HIS A CG  1 
ATOM   84   N ND1 . HIS A 1 10  ? 7.805   -10.278 7.714   1.00 30.21 ? 10  HIS A ND1 1 
ATOM   85   C CD2 . HIS A 1 10  ? 8.406   -11.918 6.402   1.00 34.62 ? 10  HIS A CD2 1 
ATOM   86   C CE1 . HIS A 1 10  ? 9.114   -10.412 7.834   1.00 30.57 ? 10  HIS A CE1 1 
ATOM   87   N NE2 . HIS A 1 10  ? 9.505   -11.399 7.047   1.00 41.17 ? 10  HIS A NE2 1 
ATOM   88   N N   . ASP A 1 11  ? 2.948   -9.624  5.530   1.00 26.08 ? 11  ASP A N   1 
ATOM   89   C CA  . ASP A 1 11  ? 1.593   -9.911  5.070   1.00 25.30 ? 11  ASP A CA  1 
ATOM   90   C C   . ASP A 1 11  ? 1.480   -9.746  3.554   1.00 28.77 ? 11  ASP A C   1 
ATOM   91   O O   . ASP A 1 11  ? 2.093   -8.856  2.956   1.00 24.37 ? 11  ASP A O   1 
ATOM   92   C CB  . ASP A 1 11  ? 0.588   -8.990  5.762   1.00 27.95 ? 11  ASP A CB  1 
ATOM   93   C CG  . ASP A 1 11  ? 0.258   -9.410  7.169   1.00 29.58 ? 11  ASP A CG  1 
ATOM   94   O OD1 . ASP A 1 11  ? 0.441   -10.598 7.506   1.00 36.28 ? 11  ASP A OD1 1 
ATOM   95   O OD2 . ASP A 1 11  ? -0.202  -8.546  7.942   1.00 33.00 ? 11  ASP A OD2 1 
ATOM   96   N N   . GLU A 1 12  ? 0.681   -10.610 2.930   1.00 22.39 ? 12  GLU A N   1 
ATOM   97   C CA  . GLU A 1 12  ? 0.382   -10.462 1.513   1.00 21.44 ? 12  GLU A CA  1 
ATOM   98   C C   . GLU A 1 12  ? -0.572  -9.290  1.330   1.00 24.52 ? 12  GLU A C   1 
ATOM   99   O O   . GLU A 1 12  ? -1.613  -9.225  1.990   1.00 25.46 ? 12  GLU A O   1 
ATOM   100  C CB  . GLU A 1 12  ? -0.256  -11.751 0.962   1.00 25.97 ? 12  GLU A CB  1 
ATOM   101  C CG  . GLU A 1 12  ? 0.634   -12.960 1.106   1.00 28.65 ? 12  GLU A CG  1 
ATOM   102  C CD  . GLU A 1 12  ? -0.017  -14.264 0.620   1.00 34.98 ? 12  GLU A CD  1 
ATOM   103  O OE1 . GLU A 1 12  ? -1.161  -14.238 0.125   1.00 35.34 ? 12  GLU A OE1 1 
ATOM   104  O OE2 . GLU A 1 12  ? 0.634   -15.318 0.739   1.00 36.87 ? 12  GLU A OE2 1 
ATOM   105  N N   . MET A 1 13  ? -0.220  -8.367  0.442   1.00 22.14 ? 13  MET A N   1 
ATOM   106  C CA  . MET A 1 13  ? -1.020  -7.165  0.236   1.00 23.37 ? 13  MET A CA  1 
ATOM   107  C C   . MET A 1 13  ? -1.940  -7.271  -0.972  1.00 20.97 ? 13  MET A C   1 
ATOM   108  O O   . MET A 1 13  ? -3.073  -6.779  -0.916  1.00 20.70 ? 13  MET A O   1 
ATOM   109  C CB  . MET A 1 13  ? -0.101  -5.948  0.081   1.00 23.03 ? 13  MET A CB  1 
ATOM   110  C CG  . MET A 1 13  ? 0.814   -5.692  1.285   1.00 22.15 ? 13  MET A CG  1 
ATOM   111  S SD  . MET A 1 13  ? -0.115  -5.178  2.742   1.00 35.02 ? 13  MET A SD  1 
ATOM   112  C CE  . MET A 1 13  ? -0.105  -6.606  3.700   1.00 32.19 ? 13  MET A CE  1 
ATOM   113  N N   . PHE A 1 14  ? -1.462  -7.877  -2.057  1.00 19.92 ? 14  PHE A N   1 
ATOM   114  C CA  . PHE A 1 14  ? -2.250  -8.169  -3.254  1.00 20.24 ? 14  PHE A CA  1 
ATOM   115  C C   . PHE A 1 14  ? -1.426  -9.129  -4.109  1.00 22.79 ? 14  PHE A C   1 
ATOM   116  O O   . PHE A 1 14  ? -0.339  -9.555  -3.711  1.00 22.55 ? 14  PHE A O   1 
ATOM   117  C CB  . PHE A 1 14  ? -2.621  -6.889  -4.018  1.00 20.42 ? 14  PHE A CB  1 
ATOM   118  C CG  . PHE A 1 14  ? -1.439  -6.022  -4.366  1.00 18.05 ? 14  PHE A CG  1 
ATOM   119  C CD1 . PHE A 1 14  ? -0.874  -5.177  -3.421  1.00 21.51 ? 14  PHE A CD1 1 
ATOM   120  C CD2 . PHE A 1 14  ? -0.897  -6.055  -5.638  1.00 22.49 ? 14  PHE A CD2 1 
ATOM   121  C CE1 . PHE A 1 14  ? 0.211   -4.388  -3.752  1.00 20.81 ? 14  PHE A CE1 1 
ATOM   122  C CE2 . PHE A 1 14  ? 0.197   -5.263  -5.969  1.00 22.39 ? 14  PHE A CE2 1 
ATOM   123  C CZ  . PHE A 1 14  ? 0.742   -4.436  -5.026  1.00 20.76 ? 14  PHE A CZ  1 
ATOM   124  N N   . SER A 1 15  ? -1.966  -9.485  -5.275  1.00 23.78 ? 15  SER A N   1 
ATOM   125  C CA  . SER A 1 15  ? -1.279  -10.303 -6.268  1.00 21.69 ? 15  SER A CA  1 
ATOM   126  C C   . SER A 1 15  ? -1.631  -9.773  -7.645  1.00 25.30 ? 15  SER A C   1 
ATOM   127  O O   . SER A 1 15  ? -2.465  -8.875  -7.787  1.00 24.92 ? 15  SER A O   1 
ATOM   128  C CB  . SER A 1 15  ? -1.676  -11.780 -6.156  1.00 29.82 ? 15  SER A CB  1 
ATOM   129  O OG  . SER A 1 15  ? -2.993  -11.950 -6.671  1.00 27.51 ? 15  SER A OG  1 
ATOM   130  N N   . ASP A 1 16  ? -1.020  -10.355 -8.682  1.00 21.92 ? 16  ASP A N   1 
ATOM   131  C CA  . ASP A 1 16  ? -1.256  -9.833  -10.018 1.00 26.78 ? 16  ASP A CA  1 
ATOM   132  C C   . ASP A 1 16  ? -2.543  -10.365 -10.659 1.00 26.79 ? 16  ASP A C   1 
ATOM   133  O O   . ASP A 1 16  ? -2.647  -10.385 -11.887 1.00 27.33 ? 16  ASP A O   1 
ATOM   134  C CB  . ASP A 1 16  ? -0.047  -10.103 -10.934 1.00 28.67 ? 16  ASP A CB  1 
ATOM   135  C CG  . ASP A 1 16  ? 0.241   -11.579 -11.134 1.00 31.09 ? 16  ASP A CG  1 
ATOM   136  O OD1 . ASP A 1 16  ? -0.238  -12.410 -10.341 1.00 27.07 ? 16  ASP A OD1 1 
ATOM   137  O OD2 . ASP A 1 16  ? 0.983   -11.906 -12.091 1.00 37.89 ? 16  ASP A OD2 1 
ATOM   138  N N   . ILE A 1 17  ? -3.549  -10.750 -9.864  1.00 21.70 ? 17  ILE A N   1 
ATOM   139  C CA  . ILE A 1 17  ? -4.868  -10.976 -10.459 1.00 24.44 ? 17  ILE A CA  1 
ATOM   140  C C   . ILE A 1 17  ? -5.582  -9.668  -10.776 1.00 28.80 ? 17  ILE A C   1 
ATOM   141  O O   . ILE A 1 17  ? -6.599  -9.689  -11.480 1.00 26.93 ? 17  ILE A O   1 
ATOM   142  C CB  . ILE A 1 17  ? -5.784  -11.850 -9.569  1.00 24.67 ? 17  ILE A CB  1 
ATOM   143  C CG1 . ILE A 1 17  ? -6.069  -11.178 -8.234  1.00 24.66 ? 17  ILE A CG1 1 
ATOM   144  C CG2 . ILE A 1 17  ? -5.139  -13.225 -9.321  1.00 26.94 ? 17  ILE A CG2 1 
ATOM   145  C CD1 . ILE A 1 17  ? -7.021  -11.984 -7.303  1.00 24.17 ? 17  ILE A CD1 1 
ATOM   146  N N   . TYR A 1 18  ? -5.075  -8.535  -10.270 1.00 24.35 ? 18  TYR A N   1 
ATOM   147  C CA  . TYR A 1 18  ? -5.628  -7.204  -10.515 1.00 24.31 ? 18  TYR A CA  1 
ATOM   148  C C   . TYR A 1 18  ? -4.813  -6.459  -11.562 1.00 28.28 ? 18  TYR A C   1 
ATOM   149  O O   . TYR A 1 18  ? -3.644  -6.765  -11.809 1.00 28.64 ? 18  TYR A O   1 
ATOM   150  C CB  . TYR A 1 18  ? -5.657  -6.369  -9.224  1.00 23.40 ? 18  TYR A CB  1 
ATOM   151  C CG  . TYR A 1 18  ? -6.136  -7.151  -8.034  1.00 21.55 ? 18  TYR A CG  1 
ATOM   152  C CD1 . TYR A 1 18  ? -7.474  -7.504  -7.899  1.00 20.97 ? 18  TYR A CD1 1 
ATOM   153  C CD2 . TYR A 1 18  ? -5.245  -7.569  -7.055  1.00 23.51 ? 18  TYR A CD2 1 
ATOM   154  C CE1 . TYR A 1 18  ? -7.915  -8.245  -6.810  1.00 23.55 ? 18  TYR A CE1 1 
ATOM   155  C CE2 . TYR A 1 18  ? -5.673  -8.322  -5.968  1.00 19.53 ? 18  TYR A CE2 1 
ATOM   156  C CZ  . TYR A 1 18  ? -7.013  -8.660  -5.852  1.00 21.62 ? 18  TYR A CZ  1 
ATOM   157  O OH  . TYR A 1 18  ? -7.434  -9.411  -4.764  1.00 21.10 ? 18  TYR A OH  1 
ATOM   158  N N   . LYS A 1 19  ? -5.445  -5.459  -12.172 1.00 25.60 ? 19  LYS A N   1 
ATOM   159  C CA  . LYS A 1 19  ? -4.711  -4.511  -12.999 1.00 25.36 ? 19  LYS A CA  1 
ATOM   160  C C   . LYS A 1 19  ? -3.823  -3.661  -12.100 1.00 27.35 ? 19  LYS A C   1 
ATOM   161  O O   . LYS A 1 19  ? -4.304  -3.057  -11.140 1.00 29.33 ? 19  LYS A O   1 
ATOM   162  C CB  . LYS A 1 19  ? -5.661  -3.606  -13.786 1.00 25.25 ? 19  LYS A CB  1 
ATOM   163  C CG  . LYS A 1 19  ? -6.631  -4.323  -14.727 1.00 33.93 ? 19  LYS A CG  1 
ATOM   164  C CD  . LYS A 1 19  ? -7.514  -3.307  -15.463 1.00 37.39 ? 19  LYS A CD  1 
ATOM   165  C CE  . LYS A 1 19  ? -8.543  -3.987  -16.365 1.00 50.85 ? 19  LYS A CE  1 
ATOM   166  N NZ  . LYS A 1 19  ? -9.298  -2.990  -17.194 1.00 50.38 ? 19  LYS A NZ  1 
ATOM   167  N N   . ILE A 1 20  ? -2.535  -3.619  -12.417 1.00 26.19 ? 20  ILE A N   1 
ATOM   168  C CA  . ILE A 1 20  ? -1.532  -2.934  -11.613 1.00 27.04 ? 20  ILE A CA  1 
ATOM   169  C C   . ILE A 1 20  ? -0.753  -1.998  -12.522 1.00 28.68 ? 20  ILE A C   1 
ATOM   170  O O   . ILE A 1 20  ? -0.355  -2.391  -13.623 1.00 29.46 ? 20  ILE A O   1 
ATOM   171  C CB  . ILE A 1 20  ? -0.576  -3.943  -10.954 1.00 25.67 ? 20  ILE A CB  1 
ATOM   172  C CG1 . ILE A 1 20  ? -1.334  -4.835  -9.962  1.00 26.38 ? 20  ILE A CG1 1 
ATOM   173  C CG2 . ILE A 1 20  ? 0.612   -3.233  -10.294 1.00 27.10 ? 20  ILE A CG2 1 
ATOM   174  C CD1 . ILE A 1 20  ? -0.580  -6.112  -9.639  1.00 26.96 ? 20  ILE A CD1 1 
ATOM   175  N N   . ARG A 1 21  ? -0.504  -0.772  -12.063 1.00 25.81 ? 21  ARG A N   1 
ATOM   176  C CA  . ARG A 1 21  ? 0.391   0.102   -12.808 1.00 31.50 ? 21  ARG A CA  1 
ATOM   177  C C   . ARG A 1 21  ? 1.214   0.952   -11.850 1.00 30.51 ? 21  ARG A C   1 
ATOM   178  O O   . ARG A 1 21  ? 0.789   1.251   -10.731 1.00 27.09 ? 21  ARG A O   1 
ATOM   179  C CB  . ARG A 1 21  ? -0.366  1.003   -13.791 1.00 34.17 ? 21  ARG A CB  1 
ATOM   180  C CG  . ARG A 1 21  ? -1.277  1.989   -13.134 1.00 35.65 ? 21  ARG A CG  1 
ATOM   181  C CD  . ARG A 1 21  ? -1.953  2.886   -14.175 1.00 43.09 ? 21  ARG A CD  1 
ATOM   182  N NE  . ARG A 1 21  ? -2.861  3.822   -13.521 1.00 43.15 ? 21  ARG A NE  1 
ATOM   183  C CZ  . ARG A 1 21  ? -2.857  5.136   -13.712 1.00 45.44 ? 21  ARG A CZ  1 
ATOM   184  N NH1 . ARG A 1 21  ? -2.005  5.684   -14.572 1.00 49.17 ? 21  ARG A NH1 1 
ATOM   185  N NH2 . ARG A 1 21  ? -3.719  5.897   -13.052 1.00 46.28 ? 21  ARG A NH2 1 
ATOM   186  N N   . GLU A 1 22  ? 2.409   1.317   -12.302 1.00 29.74 ? 22  GLU A N   1 
ATOM   187  C CA  . GLU A 1 22  ? 3.261   2.227   -11.548 1.00 32.79 ? 22  GLU A CA  1 
ATOM   188  C C   . GLU A 1 22  ? 2.792   3.662   -11.733 1.00 36.34 ? 22  GLU A C   1 
ATOM   189  O O   . GLU A 1 22  ? 2.483   4.082   -12.850 1.00 38.85 ? 22  GLU A O   1 
ATOM   190  C CB  . GLU A 1 22  ? 4.707   2.116   -12.015 1.00 36.45 ? 22  GLU A CB  1 
ATOM   191  C CG  . GLU A 1 22  ? 5.443   0.911   -11.532 1.00 42.23 ? 22  GLU A CG  1 
ATOM   192  C CD  . GLU A 1 22  ? 6.935   1.061   -11.713 1.00 48.18 ? 22  GLU A CD  1 
ATOM   193  O OE1 . GLU A 1 22  ? 7.359   2.090   -12.282 1.00 50.35 ? 22  GLU A OE1 1 
ATOM   194  O OE2 . GLU A 1 22  ? 7.677   0.154   -11.289 1.00 54.26 ? 22  GLU A OE2 1 
ATOM   195  N N   . ILE A 1 23  ? 2.741   4.417   -10.634 1.00 31.39 ? 23  ILE A N   1 
ATOM   196  C CA  . ILE A 1 23  ? 2.400   5.829   -10.678 1.00 34.73 ? 23  ILE A CA  1 
ATOM   197  C C   . ILE A 1 23  ? 3.440   6.609   -9.875  1.00 40.05 ? 23  ILE A C   1 
ATOM   198  O O   . ILE A 1 23  ? 4.327   6.038   -9.236  1.00 33.18 ? 23  ILE A O   1 
ATOM   199  C CB  . ILE A 1 23  ? 0.974   6.121   -10.158 1.00 40.15 ? 23  ILE A CB  1 
ATOM   200  C CG1 . ILE A 1 23  ? 0.786   5.608   -8.730  1.00 33.52 ? 23  ILE A CG1 1 
ATOM   201  C CG2 . ILE A 1 23  ? -0.071  5.528   -11.097 1.00 37.94 ? 23  ILE A CG2 1 
ATOM   202  C CD1 . ILE A 1 23  ? -0.479  6.099   -8.068  1.00 34.33 ? 23  ILE A CD1 1 
ATOM   203  N N   . ALA A 1 24  ? 3.342   7.936   -9.963  1.00 41.09 ? 24  ALA A N   1 
ATOM   204  C CA  . ALA A 1 24  ? 4.183   8.850   -9.188  1.00 36.82 ? 24  ALA A CA  1 
ATOM   205  C C   . ALA A 1 24  ? 5.670   8.577   -9.411  1.00 38.47 ? 24  ALA A C   1 
ATOM   206  O O   . ALA A 1 24  ? 6.454   8.482   -8.465  1.00 39.50 ? 24  ALA A O   1 
ATOM   207  C CB  . ALA A 1 24  ? 3.826   8.779   -7.704  1.00 33.17 ? 24  ALA A CB  1 
ATOM   208  N N   . ASP A 1 25  ? 6.050   8.430   -10.682 1.00 41.69 ? 25  ASP A N   1 
ATOM   209  C CA  . ASP A 1 25  ? 7.449   8.239   -11.084 1.00 45.18 ? 25  ASP A CA  1 
ATOM   210  C C   . ASP A 1 25  ? 8.075   6.998   -10.452 1.00 45.83 ? 25  ASP A C   1 
ATOM   211  O O   . ASP A 1 25  ? 9.256   6.992   -10.089 1.00 47.04 ? 25  ASP A O   1 
ATOM   212  C CB  . ASP A 1 25  ? 8.293   9.475   -10.766 1.00 48.36 ? 25  ASP A CB  1 
ATOM   213  C CG  . ASP A 1 25  ? 7.906   10.672  -11.599 1.00 55.11 ? 25  ASP A CG  1 
ATOM   214  O OD1 . ASP A 1 25  ? 8.244   10.686  -12.801 1.00 60.37 ? 25  ASP A OD1 1 
ATOM   215  O OD2 . ASP A 1 25  ? 7.243   11.588  -11.061 1.00 58.10 ? 25  ASP A OD2 1 
ATOM   216  N N   . GLY A 1 26  ? 7.288   5.929   -10.332 1.00 41.75 ? 26  GLY A N   1 
ATOM   217  C CA  . GLY A 1 26  ? 7.774   4.681   -9.782  1.00 39.42 ? 26  GLY A CA  1 
ATOM   218  C C   . GLY A 1 26  ? 7.730   4.590   -8.276  1.00 35.25 ? 26  GLY A C   1 
ATOM   219  O O   . GLY A 1 26  ? 8.196   3.584   -7.718  1.00 35.32 ? 26  GLY A O   1 
ATOM   220  N N   . LEU A 1 27  ? 7.197   5.604   -7.597  1.00 27.40 ? 27  LEU A N   1 
ATOM   221  C CA  . LEU A 1 27  ? 7.115   5.561   -6.143  1.00 25.04 ? 27  LEU A CA  1 
ATOM   222  C C   . LEU A 1 27  ? 6.013   4.624   -5.661  1.00 24.66 ? 27  LEU A C   1 
ATOM   223  O O   . LEU A 1 27  ? 6.135   4.030   -4.579  1.00 25.12 ? 27  LEU A O   1 
ATOM   224  C CB  . LEU A 1 27  ? 6.862   6.962   -5.588  1.00 25.12 ? 27  LEU A CB  1 
ATOM   225  C CG  . LEU A 1 27  ? 6.851   7.066   -4.060  1.00 28.62 ? 27  LEU A CG  1 
ATOM   226  C CD1 . LEU A 1 27  ? 8.268   6.973   -3.494  1.00 27.60 ? 27  LEU A CD1 1 
ATOM   227  C CD2 . LEU A 1 27  ? 6.164   8.333   -3.573  1.00 32.75 ? 27  LEU A CD2 1 
ATOM   228  N N   . CYS A 1 28  ? 4.928   4.505   -6.422  1.00 25.67 ? 28  CYS A N   1 
ATOM   229  C CA  . CYS A 1 28  ? 3.724   3.841   -5.951  1.00 23.80 ? 28  CYS A CA  1 
ATOM   230  C C   . CYS A 1 28  ? 3.225   2.844   -6.982  1.00 25.52 ? 28  CYS A C   1 
ATOM   231  O O   . CYS A 1 28  ? 3.417   3.026   -8.188  1.00 27.88 ? 28  CYS A O   1 
ATOM   232  C CB  . CYS A 1 28  ? 2.619   4.851   -5.657  1.00 24.08 ? 28  CYS A CB  1 
ATOM   233  S SG  . CYS A 1 28  ? 2.930   5.903   -4.245  1.00 30.90 ? 28  CYS A SG  1 
ATOM   234  N N   . LEU A 1 29  ? 2.577   1.781   -6.491  1.00 27.03 ? 29  LEU A N   1 
ATOM   235  C CA  . LEU A 1 29  ? 1.799   0.879   -7.334  1.00 23.26 ? 29  LEU A CA  1 
ATOM   236  C C   . LEU A 1 29  ? 0.325   1.146   -7.082  1.00 25.18 ? 29  LEU A C   1 
ATOM   237  O O   . LEU A 1 29  ? -0.101  1.295   -5.930  1.00 24.17 ? 29  LEU A O   1 
ATOM   238  C CB  . LEU A 1 29  ? 2.123   -0.598  -7.073  1.00 23.49 ? 29  LEU A CB  1 
ATOM   239  C CG  . LEU A 1 29  ? 3.539   -1.038  -7.448  1.00 26.06 ? 29  LEU A CG  1 
ATOM   240  C CD1 . LEU A 1 29  ? 3.715   -2.548  -7.280  1.00 27.02 ? 29  LEU A CD1 1 
ATOM   241  C CD2 . LEU A 1 29  ? 3.855   -0.602  -8.863  1.00 30.54 ? 29  LEU A CD2 1 
ATOM   242  N N   . GLU A 1 30  ? -0.435  1.233   -8.163  1.00 26.45 ? 30  GLU A N   1 
ATOM   243  C CA  . GLU A 1 30  ? -1.872  1.434   -8.130  1.00 24.00 ? 30  GLU A CA  1 
ATOM   244  C C   . GLU A 1 30  ? -2.528  0.121   -8.528  1.00 23.23 ? 30  GLU A C   1 
ATOM   245  O O   . GLU A 1 30  ? -2.183  -0.446  -9.567  1.00 25.54 ? 30  GLU A O   1 
ATOM   246  C CB  . GLU A 1 30  ? -2.272  2.540   -9.106  1.00 26.78 ? 30  GLU A CB  1 
ATOM   247  C CG  . GLU A 1 30  ? -3.745  2.821   -9.159  1.00 33.43 ? 30  GLU A CG  1 
ATOM   248  C CD  . GLU A 1 30  ? -4.117  3.549   -10.431 1.00 40.89 ? 30  GLU A CD  1 
ATOM   249  O OE1 . GLU A 1 30  ? -4.242  2.865   -11.470 1.00 41.78 ? 30  GLU A OE1 1 
ATOM   250  O OE2 . GLU A 1 30  ? -4.253  4.797   -10.399 1.00 40.72 ? 30  GLU A OE2 1 
ATOM   251  N N   . VAL A 1 31  ? -3.461  -0.353  -7.714  1.00 24.55 ? 31  VAL A N   1 
ATOM   252  C CA  . VAL A 1 31  ? -4.031  -1.687  -7.873  1.00 22.95 ? 31  VAL A CA  1 
ATOM   253  C C   . VAL A 1 31  ? -5.536  -1.515  -8.008  1.00 21.44 ? 31  VAL A C   1 
ATOM   254  O O   . VAL A 1 31  ? -6.200  -1.072  -7.067  1.00 21.43 ? 31  VAL A O   1 
ATOM   255  C CB  . VAL A 1 31  ? -3.672  -2.595  -6.691  1.00 21.92 ? 31  VAL A CB  1 
ATOM   256  C CG1 . VAL A 1 31  ? -4.227  -4.002  -6.905  1.00 23.36 ? 31  VAL A CG1 1 
ATOM   257  C CG2 . VAL A 1 31  ? -2.131  -2.640  -6.517  1.00 20.22 ? 31  VAL A CG2 1 
ATOM   258  N N   . GLU A 1 32  ? -6.074  -1.846  -9.176  1.00 23.53 ? 32  GLU A N   1 
ATOM   259  C CA  . GLU A 1 32  ? -7.490  -1.627  -9.429  1.00 25.38 ? 32  GLU A CA  1 
ATOM   260  C C   . GLU A 1 32  ? -8.288  -2.855  -9.016  1.00 27.22 ? 32  GLU A C   1 
ATOM   261  O O   . GLU A 1 32  ? -7.974  -3.981  -9.427  1.00 26.46 ? 32  GLU A O   1 
ATOM   262  C CB  . GLU A 1 32  ? -7.737  -1.300  -10.901 1.00 27.87 ? 32  GLU A CB  1 
ATOM   263  C CG  . GLU A 1 32  ? -9.170  -0.871  -11.182 1.00 35.21 ? 32  GLU A CG  1 
ATOM   264  C CD  . GLU A 1 32  ? -9.340  -0.399  -12.601 1.00 39.85 ? 32  GLU A CD  1 
ATOM   265  O OE1 . GLU A 1 32  ? -8.954  0.759   -12.885 1.00 41.47 ? 32  GLU A OE1 1 
ATOM   266  O OE2 . GLU A 1 32  ? -9.834  -1.196  -13.431 1.00 40.83 ? 32  GLU A OE2 1 
ATOM   267  N N   . GLY A 1 33  ? -9.315  -2.638  -8.193  1.00 23.23 ? 33  GLY A N   1 
ATOM   268  C CA  . GLY A 1 33  ? -10.138 -3.701  -7.680  1.00 25.04 ? 33  GLY A CA  1 
ATOM   269  C C   . GLY A 1 33  ? -11.491 -3.781  -8.367  1.00 26.43 ? 33  GLY A C   1 
ATOM   270  O O   . GLY A 1 33  ? -11.771 -3.093  -9.350  1.00 24.95 ? 33  GLY A O   1 
ATOM   271  N N   . LYS A 1 34  ? -12.338 -4.637  -7.816  1.00 25.81 ? 34  LYS A N   1 
ATOM   272  C CA  . LYS A 1 34  ? -13.701 -4.833  -8.289  1.00 29.88 ? 34  LYS A CA  1 
ATOM   273  C C   . LYS A 1 34  ? -14.614 -4.757  -7.083  1.00 29.68 ? 34  LYS A C   1 
ATOM   274  O O   . LYS A 1 34  ? -14.229 -5.178  -5.990  1.00 24.43 ? 34  LYS A O   1 
ATOM   275  C CB  . LYS A 1 34  ? -13.849 -6.193  -9.007  1.00 31.63 ? 34  LYS A CB  1 
ATOM   276  C CG  . LYS A 1 34  ? -12.868 -6.384  -10.157 1.00 32.87 ? 34  LYS A CG  1 
ATOM   277  C CD  . LYS A 1 34  ? -13.025 -7.732  -10.874 1.00 33.70 ? 34  LYS A CD  1 
ATOM   278  C CE  . LYS A 1 34  ? -12.687 -8.936  -9.978  1.00 33.48 ? 34  LYS A CE  1 
ATOM   279  N NZ  . LYS A 1 34  ? -11.256 -8.952  -9.503  1.00 35.48 ? 34  LYS A NZ  1 
ATOM   280  N N   . MET A 1 35  ? -15.805 -4.193  -7.260  1.00 29.45 ? 35  MET A N   1 
ATOM   281  C CA  . MET A 1 35  ? -16.801 -4.255  -6.203  1.00 28.96 ? 35  MET A CA  1 
ATOM   282  C C   . MET A 1 35  ? -17.437 -5.636  -6.182  1.00 32.07 ? 35  MET A C   1 
ATOM   283  O O   . MET A 1 35  ? -17.783 -6.191  -7.224  1.00 33.39 ? 35  MET A O   1 
ATOM   284  C CB  . MET A 1 35  ? -17.884 -3.191  -6.392  1.00 31.64 ? 35  MET A CB  1 
ATOM   285  C CG  . MET A 1 35  ? -17.381 -1.782  -6.232  1.00 40.98 ? 35  MET A CG  1 
ATOM   286  S SD  . MET A 1 35  ? -16.434 -1.526  -4.715  1.00 46.61 ? 35  MET A SD  1 
ATOM   287  C CE  . MET A 1 35  ? -17.679 -1.827  -3.465  1.00 37.62 ? 35  MET A CE  1 
ATOM   288  N N   . VAL A 1 36  ? -17.584 -6.190  -4.973  1.00 31.66 ? 36  VAL A N   1 
ATOM   289  C CA  . VAL A 1 36  ? -18.190 -7.542  -4.789  1.00 44.29 ? 36  VAL A CA  1 
ATOM   290  C C   . VAL A 1 36  ? -19.577 -7.379  -4.158  1.00 52.91 ? 36  VAL A C   1 
ATOM   291  O O   . VAL A 1 36  ? -19.688 -6.650  -3.152  1.00 51.13 ? 36  VAL A O   1 
ATOM   292  C CB  . VAL A 1 36  ? -17.287 -8.452  -3.934  1.00 47.57 ? 36  VAL A CB  1 
ATOM   293  C CG1 . VAL A 1 36  ? -18.099 -9.443  -3.113  1.00 51.76 ? 36  VAL A CG1 1 
ATOM   294  C CG2 . VAL A 1 36  ? -16.253 -9.177  -4.781  1.00 38.34 ? 36  VAL A CG2 1 
ATOM   295  N N   . SER A 1 37  ? -20.588 -8.036  -4.734  1.00 52.19 ? 37  SER A N   1 
ATOM   296  C CA  . SER A 1 37  ? -21.980 -7.958  -4.215  1.00 52.85 ? 37  SER A CA  1 
ATOM   297  C C   . SER A 1 37  ? -22.304 -9.221  -3.410  1.00 60.69 ? 37  SER A C   1 
ATOM   298  O O   . SER A 1 37  ? -23.075 -9.120  -2.433  1.00 66.90 ? 37  SER A O   1 
ATOM   299  C CB  . SER A 1 37  ? -22.964 -7.753  -5.337  1.00 55.93 ? 37  SER A CB  1 
ATOM   300  O OG  . SER A 1 37  ? -22.669 -6.565  -6.056  1.00 54.61 ? 37  SER A OG  1 
ATOM   301  N N   . GLY A 1 38  ? -21.735 -10.362 -3.813  1.00 59.42 ? 38  GLY A N   1 
ATOM   302  C CA  . GLY A 1 38  ? -21.969 -11.644 -3.118  1.00 65.52 ? 38  GLY A CA  1 
ATOM   303  C C   . GLY A 1 38  ? -21.628 -11.551 -1.641  1.00 72.54 ? 38  GLY A C   1 
ATOM   304  O O   . GLY A 1 38  ? -20.508 -11.108 -1.320  1.00 70.13 ? 38  GLY A O   1 
ATOM   305  N N   . GLY A 1 39  ? -22.563 -11.954 -0.774  1.00 75.44 ? 39  GLY A N   1 
ATOM   306  C CA  . GLY A 1 39  ? -22.347 -11.909 0.686   1.00 75.62 ? 39  GLY A CA  1 
ATOM   307  C C   . GLY A 1 39  ? -22.457 -10.494 1.228   1.00 76.43 ? 39  GLY A C   1 
ATOM   308  O O   . GLY A 1 39  ? -23.594 -10.039 1.464   1.00 77.80 ? 39  GLY A O   1 
ATOM   309  N N   . ILE A 1 40  ? -21.316 -9.824  1.415   1.00 77.18 ? 40  ILE A N   1 
ATOM   310  C CA  . ILE A 1 40  ? -21.294 -8.427  1.943   1.00 75.38 ? 40  ILE A CA  1 
ATOM   311  C C   . ILE A 1 40  ? -20.584 -7.527  0.925   1.00 70.19 ? 40  ILE A C   1 
ATOM   312  O O   . ILE A 1 40  ? -19.439 -7.847  0.549   1.00 67.76 ? 40  ILE A O   1 
ATOM   313  C CB  . ILE A 1 40  ? -20.615 -8.373  3.326   1.00 75.70 ? 40  ILE A CB  1 
ATOM   314  C CG1 . ILE A 1 40  ? -21.431 -9.114  4.388   1.00 77.38 ? 40  ILE A CG1 1 
ATOM   315  C CG2 . ILE A 1 40  ? -20.334 -6.935  3.734   1.00 75.84 ? 40  ILE A CG2 1 
ATOM   316  C CD1 . ILE A 1 40  ? -22.908 -8.792  4.363   1.00 74.76 ? 40  ILE A CD1 1 
ATOM   317  N N   . THR A 1 41  ? -21.248 -6.446  0.502   1.00 70.64 ? 41  THR A N   1 
ATOM   318  C CA  . THR A 1 41  ? -20.666 -5.496  -0.485  1.00 65.63 ? 41  THR A CA  1 
ATOM   319  C C   . THR A 1 41  ? -19.310 -4.996  0.026   1.00 61.12 ? 41  THR A C   1 
ATOM   320  O O   . THR A 1 41  ? -19.254 -4.515  1.176   1.00 63.86 ? 41  THR A O   1 
ATOM   321  C CB  . THR A 1 41  ? -21.627 -4.334  -0.767  1.00 65.64 ? 41  THR A CB  1 
ATOM   322  O OG1 . THR A 1 41  ? -22.172 -3.898  0.480   1.00 73.70 ? 41  THR A OG1 1 
ATOM   323  C CG2 . THR A 1 41  ? -22.747 -4.712  -1.710  1.00 67.33 ? 41  THR A CG2 1 
ATOM   324  N N   . GLY A 1 42  ? -18.267 -5.108  -0.803  1.00 52.02 ? 42  GLY A N   1 
ATOM   325  C CA  . GLY A 1 42  ? -16.911 -4.661  -0.428  1.00 39.86 ? 42  GLY A CA  1 
ATOM   326  C C   . GLY A 1 42  ? -15.964 -4.698  -1.615  1.00 38.53 ? 42  GLY A C   1 
ATOM   327  O O   . GLY A 1 42  ? -16.398 -5.125  -2.703  1.00 38.78 ? 42  GLY A O   1 
ATOM   328  N N   . VAL A 1 43  ? -14.758 -4.399  -1.338  1.00 27.51 ? 43  VAL A N   1 
ATOM   329  C CA  . VAL A 1 43  ? -13.710 -4.266  -2.337  1.00 23.09 ? 43  VAL A CA  1 
ATOM   330  C C   . VAL A 1 43  ? -12.973 -5.597  -2.393  1.00 19.89 ? 43  VAL A C   1 
ATOM   331  O O   . VAL A 1 43  ? -12.678 -6.189  -1.346  1.00 24.63 ? 43  VAL A O   1 
ATOM   332  C CB  . VAL A 1 43  ? -12.770 -3.096  -2.006  1.00 29.73 ? 43  VAL A CB  1 
ATOM   333  C CG1 . VAL A 1 43  ? -11.642 -3.065  -2.982  1.00 26.72 ? 43  VAL A CG1 1 
ATOM   334  C CG2 . VAL A 1 43  ? -13.505 -1.769  -1.967  1.00 29.26 ? 43  VAL A CG2 1 
ATOM   335  N N   . ASP A 1 44  ? -12.817 -6.230  -3.581  1.00 24.78 ? 44  ASP A N   1 
ATOM   336  C CA  . ASP A 1 44  ? -12.309 -7.603  -3.546  1.00 25.21 ? 44  ASP A CA  1 
ATOM   337  C C   . ASP A 1 44  ? -10.885 -7.656  -2.999  1.00 24.25 ? 44  ASP A C   1 
ATOM   338  O O   . ASP A 1 44  ? -10.541 -8.592  -2.268  1.00 24.06 ? 44  ASP A O   1 
ATOM   339  C CB  . ASP A 1 44  ? -12.398 -8.276  -4.925  1.00 23.34 ? 44  ASP A CB  1 
ATOM   340  C CG  . ASP A 1 44  ? -11.656 -7.542  -6.024  1.00 29.18 ? 44  ASP A CG  1 
ATOM   341  O OD1 . ASP A 1 44  ? -11.211 -6.389  -5.849  1.00 26.36 ? 44  ASP A OD1 1 
ATOM   342  O OD2 . ASP A 1 44  ? -11.527 -8.143  -7.114  1.00 28.42 ? 44  ASP A OD2 1 
ATOM   343  N N   . ILE A 1 45  ? -10.049 -6.662  -3.325  1.00 24.60 ? 45  ILE A N   1 
ATOM   344  C CA  . ILE A 1 45  ? -8.668  -6.660  -2.827  1.00 22.75 ? 45  ILE A CA  1 
ATOM   345  C C   . ILE A 1 45  ? -8.656  -6.804  -1.313  1.00 22.58 ? 45  ILE A C   1 
ATOM   346  O O   . ILE A 1 45  ? -7.884  -7.587  -0.746  1.00 23.42 ? 45  ILE A O   1 
ATOM   347  C CB  . ILE A 1 45  ? -7.930  -5.376  -3.254  1.00 20.97 ? 45  ILE A CB  1 
ATOM   348  C CG1 . ILE A 1 45  ? -7.933  -5.200  -4.766  1.00 20.09 ? 45  ILE A CG1 1 
ATOM   349  C CG2 . ILE A 1 45  ? -6.490  -5.387  -2.712  1.00 21.86 ? 45  ILE A CG2 1 
ATOM   350  C CD1 . ILE A 1 45  ? -7.508  -3.759  -5.212  1.00 23.64 ? 45  ILE A CD1 1 
ATOM   351  N N   . VAL A 1 46  ? -9.511  -6.026  -0.641  1.00 21.40 ? 46  VAL A N   1 
ATOM   352  C CA  . VAL A 1 46  ? -9.566  -6.018  0.816   1.00 22.02 ? 46  VAL A CA  1 
ATOM   353  C C   . VAL A 1 46  ? -10.031 -7.368  1.340   1.00 23.72 ? 46  VAL A C   1 
ATOM   354  O O   . VAL A 1 46  ? -9.455  -7.921  2.285   1.00 21.57 ? 46  VAL A O   1 
ATOM   355  C CB  . VAL A 1 46  ? -10.490 -4.878  1.284   1.00 24.61 ? 46  VAL A CB  1 
ATOM   356  C CG1 . VAL A 1 46  ? -10.869 -5.024  2.738   1.00 25.06 ? 46  VAL A CG1 1 
ATOM   357  C CG2 . VAL A 1 46  ? -9.820  -3.520  1.016   1.00 23.02 ? 46  VAL A CG2 1 
ATOM   358  N N   . MET A 1 47  ? -11.080 -7.925  0.732   1.00 21.56 ? 47  MET A N   1 
ATOM   359  C CA  . MET A 1 47  ? -11.583 -9.216  1.191   1.00 23.77 ? 47  MET A CA  1 
ATOM   360  C C   . MET A 1 47  ? -10.607 -10.340 0.871   1.00 20.29 ? 47  MET A C   1 
ATOM   361  O O   . MET A 1 47  ? -10.361 -11.214 1.707   1.00 25.63 ? 47  MET A O   1 
ATOM   362  C CB  . MET A 1 47  ? -12.932 -9.509  0.539   1.00 24.29 ? 47  MET A CB  1 
ATOM   363  C CG  . MET A 1 47  ? -13.985 -8.439  0.793   1.00 33.70 ? 47  MET A CG  1 
ATOM   364  S SD  . MET A 1 47  ? -15.577 -8.969  0.118   1.00 39.31 ? 47  MET A SD  1 
ATOM   365  C CE  . MET A 1 47  ? -15.977 -10.293 1.245   1.00 42.57 ? 47  MET A CE  1 
ATOM   366  N N   . ASN A 1 48  ? -10.089 -10.345 -0.318  1.00 20.62 ? 48  ASN A N   1 
ATOM   367  C CA  . ASN A 1 48  ? -9.233  -11.452 -0.770  1.00 22.20 ? 48  ASN A CA  1 
ATOM   368  C C   . ASN A 1 48  ? -7.968  -11.597 0.090   1.00 26.41 ? 48  ASN A C   1 
ATOM   369  O O   . ASN A 1 48  ? -7.624  -12.687 0.390   1.00 22.80 ? 48  ASN A O   1 
ATOM   370  C CB  . ASN A 1 48  ? -8.876  -11.278 -2.230  1.00 19.73 ? 48  ASN A CB  1 
ATOM   371  C CG  . ASN A 1 48  ? -10.017 -11.474 -3.191  1.00 18.51 ? 48  ASN A CG  1 
ATOM   372  O OD1 . ASN A 1 48  ? -11.021 -12.037 -2.859  1.00 21.13 ? 48  ASN A OD1 1 
ATOM   373  N ND2 . ASN A 1 48  ? -9.801  -11.071 -4.403  1.00 19.90 ? 48  ASN A ND2 1 
ATOM   374  N N   . HIS A 1 49  ? -7.327  -10.492 0.433   1.00 21.62 ? 49  HIS A N   1 
ATOM   375  C CA  . HIS A 1 49  ? -6.056  -10.555 1.198   1.00 22.29 ? 49  HIS A CA  1 
ATOM   376  C C   . HIS A 1 49  ? -6.254  -10.255 2.682   1.00 28.10 ? 49  HIS A C   1 
ATOM   377  O O   . HIS A 1 49  ? -5.306  -10.114 3.352   1.00 22.73 ? 49  HIS A O   1 
ATOM   378  C CB  . HIS A 1 49  ? -5.019  -9.714  0.484   1.00 22.83 ? 49  HIS A CB  1 
ATOM   379  C CG  . HIS A 1 49  ? -5.007  -10.026 -0.964  1.00 18.95 ? 49  HIS A CG  1 
ATOM   380  N ND1 . HIS A 1 49  ? -4.426  -11.122 -1.454  1.00 22.29 ? 49  HIS A ND1 1 
ATOM   381  C CD2 . HIS A 1 49  ? -5.604  -9.440  -2.001  1.00 19.67 ? 49  HIS A CD2 1 
ATOM   382  C CE1 . HIS A 1 49  ? -4.619  -11.172 -2.723  1.00 20.99 ? 49  HIS A CE1 1 
ATOM   383  N NE2 . HIS A 1 49  ? -5.324  -10.162 -3.078  1.00 22.04 ? 49  HIS A NE2 1 
ATOM   384  N N   . HIS A 1 50  ? -7.494  -10.164 3.119   1.00 23.45 ? 50  HIS A N   1 
ATOM   385  C CA  . HIS A 1 50  ? -7.851  -9.933  4.532   1.00 22.32 ? 50  HIS A CA  1 
ATOM   386  C C   . HIS A 1 50  ? -7.243  -8.638  5.094   1.00 26.81 ? 50  HIS A C   1 
ATOM   387  O O   . HIS A 1 50  ? -6.835  -8.642  6.203   1.00 23.12 ? 50  HIS A O   1 
ATOM   388  C CB  . HIS A 1 50  ? -7.556  -11.168 5.382   1.00 28.80 ? 50  HIS A CB  1 
ATOM   389  C CG  . HIS A 1 50  ? -8.336  -12.374 4.981   1.00 37.36 ? 50  HIS A CG  1 
ATOM   390  N ND1 . HIS A 1 50  ? -8.366  -13.497 5.713   1.00 46.14 ? 50  HIS A ND1 1 
ATOM   391  C CD2 . HIS A 1 50  ? -9.109  -12.620 3.922   1.00 34.07 ? 50  HIS A CD2 1 
ATOM   392  C CE1 . HIS A 1 50  ? -9.105  -14.383 5.103   1.00 43.65 ? 50  HIS A CE1 1 
ATOM   393  N NE2 . HIS A 1 50  ? -9.558  -13.873 4.028   1.00 40.13 ? 50  HIS A NE2 1 
ATOM   394  N N   . LEU A 1 51  ? -7.198  -7.609  4.278   1.00 23.04 ? 51  LEU A N   1 
ATOM   395  C CA  . LEU A 1 51  ? -6.727  -6.277  4.708   1.00 23.34 ? 51  LEU A CA  1 
ATOM   396  C C   . LEU A 1 51  ? -7.707  -5.768  5.755   1.00 27.82 ? 51  LEU A C   1 
ATOM   397  O O   . LEU A 1 51  ? -8.875  -5.988  5.622   1.00 26.62 ? 51  LEU A O   1 
ATOM   398  C CB  . LEU A 1 51  ? -6.638  -5.344  3.513   1.00 20.23 ? 51  LEU A CB  1 
ATOM   399  C CG  . LEU A 1 51  ? -5.736  -5.844  2.414   1.00 23.77 ? 51  LEU A CG  1 
ATOM   400  C CD1 . LEU A 1 51  ? -5.613  -4.853  1.303   1.00 21.68 ? 51  LEU A CD1 1 
ATOM   401  C CD2 . LEU A 1 51  ? -4.389  -6.223  2.985   1.00 25.76 ? 51  LEU A CD2 1 
ATOM   402  N N   . GLN A 1 52  ? -7.191  -5.053  6.725   1.00 24.72 ? 52  GLN A N   1 
ATOM   403  C CA  . GLN A 1 52  ? -7.972  -4.580  7.862   1.00 23.68 ? 52  GLN A CA  1 
ATOM   404  C C   . GLN A 1 52  ? -8.099  -3.066  7.795   1.00 28.92 ? 52  GLN A C   1 
ATOM   405  O O   . GLN A 1 52  ? -7.088  -2.367  7.691   1.00 24.02 ? 52  GLN A O   1 
ATOM   406  C CB  . GLN A 1 52  ? -7.305  -5.002  9.172   1.00 26.27 ? 52  GLN A CB  1 
ATOM   407  C CG  . GLN A 1 52  ? -7.153  -6.517  9.298   1.00 30.33 ? 52  GLN A CG  1 
ATOM   408  C CD  . GLN A 1 52  ? -8.504  -7.213  9.349   1.00 32.41 ? 52  GLN A CD  1 
ATOM   409  O OE1 . GLN A 1 52  ? -9.378  -6.832  10.125  1.00 32.43 ? 52  GLN A OE1 1 
ATOM   410  N NE2 . GLN A 1 52  ? -8.688  -8.224  8.504   1.00 36.21 ? 52  GLN A NE2 1 
ATOM   411  N N   . GLU A 1 53  ? -9.322  -2.559  7.865   1.00 26.57 ? 53  GLU A N   1 
ATOM   412  C CA  . GLU A 1 53  ? -9.495  -1.096  7.820   1.00 29.44 ? 53  GLU A CA  1 
ATOM   413  C C   . GLU A 1 53  ? -8.949  -0.518  9.107   1.00 30.81 ? 53  GLU A C   1 
ATOM   414  O O   . GLU A 1 53  ? -9.114  -1.105  10.102  1.00 30.37 ? 53  GLU A O   1 
ATOM   415  C CB  . GLU A 1 53  ? -10.939 -0.639  7.710   1.00 30.00 ? 53  GLU A CB  1 
ATOM   416  C CG  . GLU A 1 53  ? -11.032 0.831   7.383   1.00 30.00 ? 53  GLU A CG  1 
ATOM   417  C CD  . GLU A 1 53  ? -12.380 1.326   6.924   1.00 30.00 ? 53  GLU A CD  1 
ATOM   418  O OE1 . GLU A 1 53  ? -13.347 0.532   7.023   1.00 30.00 ? 53  GLU A OE1 1 
ATOM   419  O OE2 . GLU A 1 53  ? -12.486 2.495   6.465   1.00 30.00 ? 53  GLU A OE2 1 
ATOM   420  N N   . THR A 1 54  ? -8.270  0.594   9.021   1.00 28.94 ? 54  THR A N   1 
ATOM   421  C CA  . THR A 1 54  ? -7.794  1.177   10.277  1.00 29.63 ? 54  THR A CA  1 
ATOM   422  C C   . THR A 1 54  ? -8.144  2.658   10.346  1.00 34.32 ? 54  THR A C   1 
ATOM   423  O O   . THR A 1 54  ? -8.601  3.198   9.403   1.00 34.95 ? 54  THR A O   1 
ATOM   424  C CB  . THR A 1 54  ? -6.306  0.942   10.427  1.00 34.64 ? 54  THR A CB  1 
ATOM   425  O OG1 . THR A 1 54  ? -6.078  1.364   11.759  1.00 41.38 ? 54  THR A OG1 1 
ATOM   426  C CG2 . THR A 1 54  ? -5.492  1.745   9.455   1.00 34.92 ? 54  THR A CG2 1 
ATOM   427  N N   . SER A 1 55  ? -7.978  3.221   11.515  1.00 38.58 ? 55  SER A N   1 
ATOM   428  C CA  . SER A 1 55  ? -8.158  4.665   11.727  1.00 40.80 ? 55  SER A CA  1 
ATOM   429  C C   . SER A 1 55  ? -7.121  5.155   12.729  1.00 39.85 ? 55  SER A C   1 
ATOM   430  O O   . SER A 1 55  ? -6.447  4.418   13.293  1.00 44.34 ? 55  SER A O   1 
ATOM   431  C CB  . SER A 1 55  ? -9.553  5.074   12.025  1.00 42.63 ? 55  SER A CB  1 
ATOM   432  O OG  . SER A 1 55  ? -10.080 4.248   13.008  1.00 49.72 ? 55  SER A OG  1 
ATOM   433  N N   . PHE A 1 56  ? -7.062  6.457   12.658  1.00 41.37 ? 56  PHE A N   1 
ATOM   434  C CA  . PHE A 1 56  ? -6.166  7.252   13.467  1.00 39.24 ? 56  PHE A CA  1 
ATOM   435  C C   . PHE A 1 56  ? -6.413  8.695   13.109  1.00 41.21 ? 56  PHE A C   1 
ATOM   436  O O   . PHE A 1 56  ? -7.031  9.119   12.195  1.00 37.48 ? 56  PHE A O   1 
ATOM   437  C CB  . PHE A 1 56  ? -4.726  6.875   13.152  1.00 41.82 ? 56  PHE A CB  1 
ATOM   438  C CG  . PHE A 1 56  ? -4.460  6.511   11.720  1.00 42.41 ? 56  PHE A CG  1 
ATOM   439  C CD1 . PHE A 1 56  ? -4.486  7.452   10.724  1.00 41.74 ? 56  PHE A CD1 1 
ATOM   440  C CD2 . PHE A 1 56  ? -4.206  5.215   11.361  1.00 41.04 ? 56  PHE A CD2 1 
ATOM   441  C CE1 . PHE A 1 56  ? -4.247  7.107   9.410   1.00 40.91 ? 56  PHE A CE1 1 
ATOM   442  C CE2 . PHE A 1 56  ? -3.983  4.870   10.047  1.00 39.87 ? 56  PHE A CE2 1 
ATOM   443  C CZ  . PHE A 1 56  ? -4.013  5.810   9.071   1.00 38.74 ? 56  PHE A CZ  1 
ATOM   444  N N   . THR A 1 57  ? -5.958  9.411   14.058  1.00 42.81 ? 57  THR A N   1 
ATOM   445  C CA  . THR A 1 57  ? -5.810  10.858  14.152  1.00 44.03 ? 57  THR A CA  1 
ATOM   446  C C   . THR A 1 57  ? -4.578  11.229  13.365  1.00 43.81 ? 57  THR A C   1 
ATOM   447  O O   . THR A 1 57  ? -3.687  10.433  13.216  1.00 43.90 ? 57  THR A O   1 
ATOM   448  C CB  . THR A 1 57  ? -5.560  11.346  15.584  1.00 47.90 ? 57  THR A CB  1 
ATOM   449  O OG1 . THR A 1 57  ? -4.301  10.918  16.088  1.00 43.18 ? 57  THR A OG1 1 
ATOM   450  C CG2 . THR A 1 57  ? -6.630  10.964  16.578  1.00 45.55 ? 57  THR A CG2 1 
ATOM   451  N N   . LYS A 1 58  ? -4.547  12.467  12.972  1.00 44.32 ? 58  LYS A N   1 
ATOM   452  C CA  . LYS A 1 58  ? -3.426  12.947  12.175  1.00 42.99 ? 58  LYS A CA  1 
ATOM   453  C C   . LYS A 1 58  ? -2.124  12.864  12.956  1.00 43.87 ? 58  LYS A C   1 
ATOM   454  O O   . LYS A 1 58  ? -1.073  12.558  12.388  1.00 43.13 ? 58  LYS A O   1 
ATOM   455  C CB  . LYS A 1 58  ? -3.671  14.379  11.713  1.00 41.30 ? 58  LYS A CB  1 
ATOM   456  C CG  . LYS A 1 58  ? -4.560  14.475  10.504  1.00 42.87 ? 58  LYS A CG  1 
ATOM   457  C CD  . LYS A 1 58  ? -4.402  15.827  9.848   1.00 40.89 ? 58  LYS A CD  1 
ATOM   458  C CE  . LYS A 1 58  ? -5.538  16.096  8.907   1.00 39.75 ? 58  LYS A CE  1 
ATOM   459  N NZ  . LYS A 1 58  ? -5.519  17.501  8.445   1.00 38.50 ? 58  LYS A NZ  1 
ATOM   460  N N   . GLU A 1 59  ? -2.168  13.140  14.261  1.00 45.07 ? 59  GLU A N   1 
ATOM   461  C CA  . GLU A 1 59  ? -0.939  13.098  15.051  1.00 45.83 ? 59  GLU A CA  1 
ATOM   462  C C   . GLU A 1 59  ? -0.409  11.676  15.160  1.00 42.72 ? 59  GLU A C   1 
ATOM   463  O O   . GLU A 1 59  ? 0.808   11.451  15.105  1.00 39.73 ? 59  GLU A O   1 
ATOM   464  C CB  . GLU A 1 59  ? -1.175  13.694  16.441  1.00 47.30 ? 59  GLU A CB  1 
ATOM   465  C CG  . GLU A 1 59  ? -1.439  15.193  16.424  1.00 48.50 ? 59  GLU A CG  1 
ATOM   466  C CD  . GLU A 1 59  ? -0.324  15.984  15.755  1.00 56.83 ? 59  GLU A CD  1 
ATOM   467  O OE1 . GLU A 1 59  ? 0.845   15.845  16.178  1.00 60.82 ? 59  GLU A OE1 1 
ATOM   468  O OE2 . GLU A 1 59  ? -0.618  16.739  14.801  1.00 60.00 ? 59  GLU A OE2 1 
ATOM   469  N N   . ALA A 1 60  ? -1.307  10.703  15.303  1.00 41.58 ? 60  ALA A N   1 
ATOM   470  C CA  . ALA A 1 60  ? -0.886  9.310   15.305  1.00 41.18 ? 60  ALA A CA  1 
ATOM   471  C C   . ALA A 1 60  ? -0.290  8.924   13.957  1.00 36.62 ? 60  ALA A C   1 
ATOM   472  O O   . ALA A 1 60  ? 0.770   8.289   13.894  1.00 38.46 ? 60  ALA A O   1 
ATOM   473  C CB  . ALA A 1 60  ? -2.070  8.406   15.659  1.00 39.30 ? 60  ALA A CB  1 
ATOM   474  N N   . TYR A 1 61  ? -0.964  9.296   12.864  1.00 40.19 ? 61  TYR A N   1 
ATOM   475  C CA  . TYR A 1 61  ? -0.453  8.967   11.538  1.00 37.15 ? 61  TYR A CA  1 
ATOM   476  C C   . TYR A 1 61  ? 0.899   9.616   11.290  1.00 38.88 ? 61  TYR A C   1 
ATOM   477  O O   . TYR A 1 61  ? 1.806   8.981   10.736  1.00 35.13 ? 61  TYR A O   1 
ATOM   478  C CB  . TYR A 1 61  ? -1.443  9.392   10.456  1.00 33.32 ? 61  TYR A CB  1 
ATOM   479  C CG  . TYR A 1 61  ? -0.947  9.088   9.058   1.00 36.99 ? 61  TYR A CG  1 
ATOM   480  C CD1 . TYR A 1 61  ? -0.950  7.783   8.567   1.00 36.99 ? 61  TYR A CD1 1 
ATOM   481  C CD2 . TYR A 1 61  ? -0.462  10.098  8.232   1.00 36.41 ? 61  TYR A CD2 1 
ATOM   482  C CE1 . TYR A 1 61  ? -0.499  7.491   7.299   1.00 36.17 ? 61  TYR A CE1 1 
ATOM   483  C CE2 . TYR A 1 61  ? 0.001   9.820   6.958   1.00 34.32 ? 61  TYR A CE2 1 
ATOM   484  C CZ  . TYR A 1 61  ? -0.025  8.511   6.495   1.00 38.10 ? 61  TYR A CZ  1 
ATOM   485  O OH  . TYR A 1 61  ? 0.429   8.224   5.233   1.00 35.14 ? 61  TYR A OH  1 
ATOM   486  N N   . LYS A 1 62  ? 1.054   10.885  11.688  1.00 35.51 ? 62  LYS A N   1 
ATOM   487  C CA  . LYS A 1 62  ? 2.345   11.547  11.540  1.00 39.03 ? 62  LYS A CA  1 
ATOM   488  C C   . LYS A 1 62  ? 3.436   10.802  12.292  1.00 37.10 ? 62  LYS A C   1 
ATOM   489  O O   . LYS A 1 62  ? 4.552   10.646  11.786  1.00 39.27 ? 62  LYS A O   1 
ATOM   490  C CB  . LYS A 1 62  ? 2.260   12.997  12.024  1.00 39.77 ? 62  LYS A CB  1 
ATOM   491  C CG  . LYS A 1 62  ? 1.604   13.945  11.044  1.00 40.33 ? 62  LYS A CG  1 
ATOM   492  C CD  . LYS A 1 62  ? 1.622   15.379  11.578  1.00 45.55 ? 62  LYS A CD  1 
ATOM   493  C CE  . LYS A 1 62  ? 1.120   16.350  10.522  1.00 48.31 ? 62  LYS A CE  1 
ATOM   494  N NZ  . LYS A 1 62  ? 0.837   17.715  11.080  1.00 53.84 ? 62  LYS A NZ  1 
ATOM   495  N N   . LYS A 1 63  ? 3.140   10.343  13.509  1.00 38.49 ? 63  LYS A N   1 
ATOM   496  C CA  . LYS A 1 63  ? 4.134   9.577   14.253  1.00 37.46 ? 63  LYS A CA  1 
ATOM   497  C C   . LYS A 1 63  ? 4.429   8.257   13.557  1.00 36.82 ? 63  LYS A C   1 
ATOM   498  O O   . LYS A 1 63  ? 5.591   7.846   13.457  1.00 37.02 ? 63  LYS A O   1 
ATOM   499  C CB  . LYS A 1 63  ? 3.657   9.323   15.686  1.00 39.17 ? 63  LYS A CB  1 
ATOM   500  C CG  . LYS A 1 63  ? 4.676   8.580   16.547  1.00 45.00 ? 63  LYS A CG  1 
ATOM   501  C CD  . LYS A 1 63  ? 4.264   7.127   16.806  1.00 50.83 ? 63  LYS A CD  1 
ATOM   502  C CE  . LYS A 1 63  ? 5.233   6.418   17.752  1.00 49.11 ? 63  LYS A CE  1 
ATOM   503  N NZ  . LYS A 1 63  ? 6.614   6.320   17.188  1.00 50.26 ? 63  LYS A NZ  1 
ATOM   504  N N   . TYR A 1 64  ? 3.389   7.592   13.054  1.00 34.97 ? 64  TYR A N   1 
ATOM   505  C CA  . TYR A 1 64  ? 3.578   6.300   12.401  1.00 35.78 ? 64  TYR A CA  1 
ATOM   506  C C   . TYR A 1 64  ? 4.380   6.436   11.110  1.00 35.06 ? 64  TYR A C   1 
ATOM   507  O O   . TYR A 1 64  ? 5.322   5.671   10.867  1.00 35.52 ? 64  TYR A O   1 
ATOM   508  C CB  . TYR A 1 64  ? 2.221   5.647   12.115  1.00 33.23 ? 64  TYR A CB  1 
ATOM   509  C CG  . TYR A 1 64  ? 2.287   4.731   10.917  1.00 34.57 ? 64  TYR A CG  1 
ATOM   510  C CD1 . TYR A 1 64  ? 2.817   3.448   11.023  1.00 34.56 ? 64  TYR A CD1 1 
ATOM   511  C CD2 . TYR A 1 64  ? 1.861   5.161   9.668   1.00 34.42 ? 64  TYR A CD2 1 
ATOM   512  C CE1 . TYR A 1 64  ? 2.910   2.629   9.916   1.00 30.17 ? 64  TYR A CE1 1 
ATOM   513  C CE2 . TYR A 1 64  ? 1.955   4.357   8.568   1.00 31.34 ? 64  TYR A CE2 1 
ATOM   514  C CZ  . TYR A 1 64  ? 2.471   3.090   8.696   1.00 30.09 ? 64  TYR A CZ  1 
ATOM   515  O OH  . TYR A 1 64  ? 2.561   2.297   7.579   1.00 31.43 ? 64  TYR A OH  1 
ATOM   516  N N   . ILE A 1 65  ? 4.011   7.397   10.257  1.00 32.99 ? 65  ILE A N   1 
ATOM   517  C CA  . ILE A 1 65  ? 4.598   7.435   8.919   1.00 32.48 ? 65  ILE A CA  1 
ATOM   518  C C   . ILE A 1 65  ? 6.055   7.892   8.980   1.00 34.11 ? 65  ILE A C   1 
ATOM   519  O O   . ILE A 1 65  ? 6.877   7.501   8.138   1.00 30.35 ? 65  ILE A O   1 
ATOM   520  C CB  . ILE A 1 65  ? 3.722   8.310   7.994   1.00 32.45 ? 65  ILE A CB  1 
ATOM   521  C CG1 . ILE A 1 65  ? 4.027   8.030   6.518   1.00 31.66 ? 65  ILE A CG1 1 
ATOM   522  C CG2 . ILE A 1 65  ? 3.864   9.797   8.329   1.00 30.95 ? 65  ILE A CG2 1 
ATOM   523  C CD1 . ILE A 1 65  ? 3.644   6.637   6.045   1.00 31.00 ? 65  ILE A CD1 1 
ATOM   524  N N   . LYS A 1 66  ? 6.414   8.675   9.997   1.00 35.28 ? 66  LYS A N   1 
ATOM   525  C CA  . LYS A 1 66  ? 7.810   9.056   10.183  1.00 36.00 ? 66  LYS A CA  1 
ATOM   526  C C   . LYS A 1 66  ? 8.661   7.837   10.511  1.00 34.23 ? 66  LYS A C   1 
ATOM   527  O O   . LYS A 1 66  ? 9.747   7.658   9.948   1.00 32.73 ? 66  LYS A O   1 
ATOM   528  C CB  . LYS A 1 66  ? 7.915   10.103  11.295  1.00 43.51 ? 66  LYS A CB  1 
ATOM   529  C CG  . LYS A 1 66  ? 9.194   10.935  11.288  1.00 47.93 ? 66  LYS A CG  1 
ATOM   530  C CD  . LYS A 1 66  ? 9.231   11.898  12.474  1.00 48.63 ? 66  LYS A CD  1 
ATOM   531  C CE  . LYS A 1 66  ? 7.892   12.610  12.659  1.00 56.20 ? 66  LYS A CE  1 
ATOM   532  N NZ  . LYS A 1 66  ? 7.807   13.363  13.952  1.00 61.92 ? 66  LYS A NZ  1 
ATOM   533  N N   . ASP A 1 67  ? 8.165   6.971   11.402  1.00 32.46 ? 67  ASP A N   1 
ATOM   534  C CA  . ASP A 1 67  ? 8.872   5.730   11.699  1.00 36.25 ? 67  ASP A CA  1 
ATOM   535  C C   . ASP A 1 67  ? 8.879   4.795   10.497  1.00 31.20 ? 67  ASP A C   1 
ATOM   536  O O   . ASP A 1 67  ? 9.903   4.171   10.206  1.00 31.60 ? 67  ASP A O   1 
ATOM   537  C CB  . ASP A 1 67  ? 8.250   5.039   12.911  1.00 35.88 ? 67  ASP A CB  1 
ATOM   538  C CG  . ASP A 1 67  ? 8.516   5.781   14.206  1.00 45.01 ? 67  ASP A CG  1 
ATOM   539  O OD1 . ASP A 1 67  ? 9.609   6.378   14.337  1.00 49.45 ? 67  ASP A OD1 1 
ATOM   540  O OD2 . ASP A 1 67  ? 7.625   5.779   15.085  1.00 48.94 ? 67  ASP A OD2 1 
ATOM   541  N N   . TYR A 1 68  ? 7.751   4.674   9.788   1.00 32.48 ? 68  TYR A N   1 
ATOM   542  C CA  . TYR A 1 68  ? 7.717   3.823   8.598   1.00 27.43 ? 68  TYR A CA  1 
ATOM   543  C C   . TYR A 1 68  ? 8.746   4.278   7.567   1.00 29.23 ? 68  TYR A C   1 
ATOM   544  O O   . TYR A 1 68  ? 9.488   3.467   7.005   1.00 28.02 ? 68  TYR A O   1 
ATOM   545  C CB  . TYR A 1 68  ? 6.311   3.820   7.977   1.00 25.52 ? 68  TYR A CB  1 
ATOM   546  C CG  . TYR A 1 68  ? 6.214   2.914   6.762   1.00 26.83 ? 68  TYR A CG  1 
ATOM   547  C CD1 . TYR A 1 68  ? 6.212   1.527   6.907   1.00 26.93 ? 68  TYR A CD1 1 
ATOM   548  C CD2 . TYR A 1 68  ? 6.147   3.437   5.479   1.00 28.19 ? 68  TYR A CD2 1 
ATOM   549  C CE1 . TYR A 1 68  ? 6.148   0.688   5.804   1.00 26.15 ? 68  TYR A CE1 1 
ATOM   550  C CE2 . TYR A 1 68  ? 6.083   2.611   4.371   1.00 25.17 ? 68  TYR A CE2 1 
ATOM   551  C CZ  . TYR A 1 68  ? 6.079   1.242   4.540   1.00 26.34 ? 68  TYR A CZ  1 
ATOM   552  O OH  . TYR A 1 68  ? 6.015   0.439   3.433   1.00 22.27 ? 68  TYR A OH  1 
ATOM   553  N N   . MET A 1 69  ? 8.792   5.578   7.287   1.00 28.37 ? 69  MET A N   1 
ATOM   554  C CA  . MET A 1 69  ? 9.770   6.083   6.326   1.00 29.16 ? 69  MET A CA  1 
ATOM   555  C C   . MET A 1 69  ? 11.194  5.770   6.757   1.00 29.25 ? 69  MET A C   1 
ATOM   556  O O   . MET A 1 69  ? 12.045  5.433   5.924   1.00 30.96 ? 69  MET A O   1 
ATOM   557  C CB  . MET A 1 69  ? 9.606   7.588   6.148   1.00 31.28 ? 69  MET A CB  1 
ATOM   558  C CG  . MET A 1 69  ? 8.444   7.981   5.295   1.00 36.57 ? 69  MET A CG  1 
ATOM   559  S SD  . MET A 1 69  ? 8.484   9.770   5.100   1.00 50.78 ? 69  MET A SD  1 
ATOM   560  C CE  . MET A 1 69  ? 10.084  10.015  4.338   1.00 45.01 ? 69  MET A CE  1 
ATOM   561  N N   . LYS A 1 70  ? 11.475  5.886   8.053   1.00 33.00 ? 70  LYS A N   1 
ATOM   562  C CA  . LYS A 1 70  ? 12.787  5.499   8.561   1.00 31.74 ? 70  LYS A CA  1 
ATOM   563  C C   . LYS A 1 70  ? 13.083  4.030   8.283   1.00 34.10 ? 70  LYS A C   1 
ATOM   564  O O   . LYS A 1 70  ? 14.198  3.683   7.878   1.00 32.90 ? 70  LYS A O   1 
ATOM   565  C CB  . LYS A 1 70  ? 12.860  5.786   10.059  1.00 37.96 ? 70  LYS A CB  1 
ATOM   566  C CG  . LYS A 1 70  ? 13.926  4.999   10.795  1.00 44.09 ? 70  LYS A CG  1 
ATOM   567  C CD  . LYS A 1 70  ? 13.643  4.959   12.305  1.00 51.62 ? 70  LYS A CD  1 
ATOM   568  C CE  . LYS A 1 70  ? 12.388  4.138   12.624  1.00 43.80 ? 70  LYS A CE  1 
ATOM   569  N NZ  . LYS A 1 70  ? 12.539  2.706   12.217  1.00 43.00 ? 70  LYS A NZ  1 
ATOM   570  N N   . SER A 1 71  ? 12.106  3.146   8.515   1.00 31.20 ? 71  SER A N   1 
ATOM   571  C CA  . SER A 1 71  ? 12.341  1.725   8.286   1.00 33.67 ? 71  SER A CA  1 
ATOM   572  C C   . SER A 1 71  ? 12.662  1.461   6.824   1.00 29.74 ? 71  SER A C   1 
ATOM   573  O O   . SER A 1 71  ? 13.595  0.715   6.509   1.00 29.24 ? 71  SER A O   1 
ATOM   574  C CB  . SER A 1 71  ? 11.126  0.893   8.712   1.00 31.15 ? 71  SER A CB  1 
ATOM   575  O OG  . SER A 1 71  ? 10.849  1.024   10.092  1.00 38.33 ? 71  SER A OG  1 
ATOM   576  N N   . ILE A 1 72  ? 11.885  2.055   5.909   1.00 25.88 ? 72  ILE A N   1 
ATOM   577  C CA  . ILE A 1 72  ? 12.115  1.822   4.488   1.00 25.39 ? 72  ILE A CA  1 
ATOM   578  C C   . ILE A 1 72  ? 13.426  2.458   4.034   1.00 30.85 ? 72  ILE A C   1 
ATOM   579  O O   . ILE A 1 72  ? 14.157  1.885   3.220   1.00 27.80 ? 72  ILE A O   1 
ATOM   580  C CB  . ILE A 1 72  ? 10.923  2.337   3.663   1.00 25.92 ? 72  ILE A CB  1 
ATOM   581  C CG1 . ILE A 1 72  ? 9.670   1.548   4.044   1.00 23.16 ? 72  ILE A CG1 1 
ATOM   582  C CG2 . ILE A 1 72  ? 11.231  2.245   2.164   1.00 25.78 ? 72  ILE A CG2 1 
ATOM   583  C CD1 . ILE A 1 72  ? 9.799   0.044   3.805   1.00 24.69 ? 72  ILE A CD1 1 
ATOM   584  N N   . LYS A 1 73  ? 13.732  3.661   4.524   1.00 28.61 ? 73  LYS A N   1 
ATOM   585  C CA  . LYS A 1 73  ? 15.022  4.277   4.198   1.00 31.70 ? 73  LYS A CA  1 
ATOM   586  C C   . LYS A 1 73  ? 16.179  3.361   4.581   1.00 28.30 ? 73  LYS A C   1 
ATOM   587  O O   . LYS A 1 73  ? 17.108  3.153   3.789   1.00 34.74 ? 73  LYS A O   1 
ATOM   588  C CB  . LYS A 1 73  ? 15.147  5.633   4.900   1.00 33.49 ? 73  LYS A CB  1 
ATOM   589  C CG  . LYS A 1 73  ? 16.530  6.321   4.803   1.00 38.58 ? 73  LYS A CG  1 
ATOM   590  C CD  . LYS A 1 73  ? 16.453  7.758   5.366   1.00 39.38 ? 73  LYS A CD  1 
ATOM   591  C CE  . LYS A 1 73  ? 17.813  8.469   5.430   1.00 42.63 ? 73  LYS A CE  1 
ATOM   592  N NZ  . LYS A 1 73  ? 18.667  7.947   6.547   1.00 42.58 ? 73  LYS A NZ  1 
ATOM   593  N N   . GLY A 1 74  ? 16.130  2.787   5.783   1.00 33.70 ? 74  GLY A N   1 
ATOM   594  C CA  . GLY A 1 74  ? 17.201  1.907   6.209   1.00 32.95 ? 74  GLY A CA  1 
ATOM   595  C C   . GLY A 1 74  ? 17.327  0.675   5.335   1.00 36.50 ? 74  GLY A C   1 
ATOM   596  O O   . GLY A 1 74  ? 18.437  0.222   5.050   1.00 32.43 ? 74  GLY A O   1 
ATOM   597  N N   . LYS A 1 75  ? 16.191  0.115   4.896   1.00 34.25 ? 75  LYS A N   1 
ATOM   598  C CA  . LYS A 1 75  ? 16.229  -1.000  3.951   1.00 32.15 ? 75  LYS A CA  1 
ATOM   599  C C   . LYS A 1 75  ? 16.824  -0.580  2.616   1.00 33.11 ? 75  LYS A C   1 
ATOM   600  O O   . LYS A 1 75  ? 17.610  -1.326  2.018   1.00 34.60 ? 75  LYS A O   1 
ATOM   601  C CB  . LYS A 1 75  ? 14.819  -1.567  3.740   1.00 33.60 ? 75  LYS A CB  1 
ATOM   602  C CG  . LYS A 1 75  ? 14.229  -2.232  4.962   1.00 38.50 ? 75  LYS A CG  1 
ATOM   603  C CD  . LYS A 1 75  ? 14.945  -3.547  5.272   1.00 45.04 ? 75  LYS A CD  1 
ATOM   604  C CE  . LYS A 1 75  ? 14.434  -4.171  6.567   1.00 41.80 ? 75  LYS A CE  1 
ATOM   605  N NZ  . LYS A 1 75  ? 15.272  -5.350  6.960   1.00 44.13 ? 75  LYS A NZ  1 
ATOM   606  N N   . LEU A 1 76  ? 16.462  0.607   2.119   1.00 28.43 ? 76  LEU A N   1 
ATOM   607  C CA  . LEU A 1 76  ? 16.999  1.041   0.836   1.00 24.94 ? 76  LEU A CA  1 
ATOM   608  C C   . LEU A 1 76  ? 18.488  1.360   0.945   1.00 31.36 ? 76  LEU A C   1 
ATOM   609  O O   . LEU A 1 76  ? 19.257  1.086   0.020   1.00 32.17 ? 76  LEU A O   1 
ATOM   610  C CB  . LEU A 1 76  ? 16.224  2.254   0.306   1.00 26.81 ? 76  LEU A CB  1 
ATOM   611  C CG  . LEU A 1 76  ? 14.731  2.049   -0.006  1.00 28.65 ? 76  LEU A CG  1 
ATOM   612  C CD1 . LEU A 1 76  ? 14.072  3.370   -0.405  1.00 24.53 ? 76  LEU A CD1 1 
ATOM   613  C CD2 . LEU A 1 76  ? 14.571  1.024   -1.097  1.00 24.74 ? 76  LEU A CD2 1 
ATOM   614  N N   . GLU A 1 77  ? 18.913  1.951   2.061   1.00 30.30 ? 77  GLU A N   1 
ATOM   615  C CA  . GLU A 1 77  ? 20.342  2.202   2.232   1.00 35.67 ? 77  GLU A CA  1 
ATOM   616  C C   . GLU A 1 77  ? 21.129  0.902   2.166   1.00 40.50 ? 77  GLU A C   1 
ATOM   617  O O   . GLU A 1 77  ? 22.185  0.836   1.529   1.00 38.25 ? 77  GLU A O   1 
ATOM   618  C CB  . GLU A 1 77  ? 20.595  2.921   3.554   1.00 33.28 ? 77  GLU A CB  1 
ATOM   619  C CG  . GLU A 1 77  ? 20.071  4.329   3.561   1.00 33.30 ? 77  GLU A CG  1 
ATOM   620  C CD  . GLU A 1 77  ? 20.049  4.938   4.946   1.00 34.87 ? 77  GLU A CD  1 
ATOM   621  O OE1 . GLU A 1 77  ? 20.097  6.181   5.027   1.00 40.31 ? 77  GLU A OE1 1 
ATOM   622  O OE2 . GLU A 1 77  ? 19.980  4.190   5.945   1.00 36.66 ? 77  GLU A OE2 1 
ATOM   623  N N   . GLU A 1 78  ? 20.605  -0.152  2.787   1.00 40.42 ? 78  GLU A N   1 
ATOM   624  C CA  . GLU A 1 78  ? 21.330  -1.411  2.874   1.00 44.23 ? 78  GLU A CA  1 
ATOM   625  C C   . GLU A 1 78  ? 21.315  -2.177  1.557   1.00 43.25 ? 78  GLU A C   1 
ATOM   626  O O   . GLU A 1 78  ? 22.292  -2.857  1.235   1.00 44.52 ? 78  GLU A O   1 
ATOM   627  C CB  . GLU A 1 78  ? 20.739  -2.254  4.008   1.00 46.72 ? 78  GLU A CB  1 
ATOM   628  C CG  . GLU A 1 78  ? 20.633  -3.737  3.719   1.00 53.51 ? 78  GLU A CG  1 
ATOM   629  C CD  . GLU A 1 78  ? 19.670  -4.439  4.665   1.00 57.10 ? 78  GLU A CD  1 
ATOM   630  O OE1 . GLU A 1 78  ? 19.291  -3.827  5.691   1.00 57.56 ? 78  GLU A OE1 1 
ATOM   631  O OE2 . GLU A 1 78  ? 19.289  -5.595  4.379   1.00 60.73 ? 78  GLU A OE2 1 
ATOM   632  N N   . GLN A 1 79  ? 20.243  -2.061  0.771   1.00 41.71 ? 79  GLN A N   1 
ATOM   633  C CA  . GLN A 1 79  ? 20.036  -2.927  -0.385  1.00 42.01 ? 79  GLN A CA  1 
ATOM   634  C C   . GLN A 1 79  ? 19.921  -2.210  -1.724  1.00 42.68 ? 79  GLN A C   1 
ATOM   635  O O   . GLN A 1 79  ? 20.331  -2.784  -2.740  1.00 46.66 ? 79  GLN A O   1 
ATOM   636  C CB  . GLN A 1 79  ? 18.781  -3.796  -0.175  1.00 46.44 ? 79  GLN A CB  1 
ATOM   637  C CG  . GLN A 1 79  ? 19.058  -5.076  0.603   1.00 55.32 ? 79  GLN A CG  1 
ATOM   638  C CD  . GLN A 1 79  ? 17.795  -5.729  1.139   1.00 62.70 ? 79  GLN A CD  1 
ATOM   639  O OE1 . GLN A 1 79  ? 17.199  -5.252  2.109   1.00 60.35 ? 79  GLN A OE1 1 
ATOM   640  N NE2 . GLN A 1 79  ? 17.385  -6.829  0.517   1.00 66.89 ? 79  GLN A NE2 1 
ATOM   641  N N   . ARG A 1 80  ? 19.365  -0.997  -1.778  1.00 38.14 ? 80  ARG A N   1 
ATOM   642  C CA  . ARG A 1 80  ? 19.176  -0.280  -3.044  1.00 34.68 ? 80  ARG A CA  1 
ATOM   643  C C   . ARG A 1 80  ? 19.397  1.209   -2.823  1.00 37.27 ? 80  ARG A C   1 
ATOM   644  O O   . ARG A 1 80  ? 18.448  2.003   -2.865  1.00 34.03 ? 80  ARG A O   1 
ATOM   645  C CB  . ARG A 1 80  ? 17.772  -0.517  -3.613  1.00 41.92 ? 80  ARG A CB  1 
ATOM   646  C CG  . ARG A 1 80  ? 17.255  -1.959  -3.641  1.00 45.96 ? 80  ARG A CG  1 
ATOM   647  C CD  . ARG A 1 80  ? 15.760  -1.958  -3.997  1.00 47.37 ? 80  ARG A CD  1 
ATOM   648  N NE  . ARG A 1 80  ? 15.221  -3.281  -4.300  1.00 53.45 ? 80  ARG A NE  1 
ATOM   649  C CZ  . ARG A 1 80  ? 15.162  -3.796  -5.526  1.00 57.53 ? 80  ARG A CZ  1 
ATOM   650  N NH1 . ARG A 1 80  ? 15.623  -3.104  -6.563  1.00 54.99 ? 80  ARG A NH1 1 
ATOM   651  N NH2 . ARG A 1 80  ? 14.650  -5.004  -5.717  1.00 64.43 ? 80  ARG A NH2 1 
ATOM   652  N N   . PRO A 1 81  ? 20.648  1.630   -2.581  1.00 40.71 ? 81  PRO A N   1 
ATOM   653  C CA  . PRO A 1 81  ? 20.878  3.044   -2.208  1.00 32.21 ? 81  PRO A CA  1 
ATOM   654  C C   . PRO A 1 81  ? 20.448  4.050   -3.263  1.00 31.47 ? 81  PRO A C   1 
ATOM   655  O O   . PRO A 1 81  ? 20.118  5.193   -2.913  1.00 30.66 ? 81  PRO A O   1 
ATOM   656  C CB  . PRO A 1 81  ? 22.395  3.105   -1.950  1.00 36.63 ? 81  PRO A CB  1 
ATOM   657  C CG  . PRO A 1 81  ? 22.972  1.855   -2.610  1.00 34.75 ? 81  PRO A CG  1 
ATOM   658  C CD  . PRO A 1 81  ? 21.889  0.825   -2.561  1.00 34.61 ? 81  PRO A CD  1 
ATOM   659  N N   . GLU A 1 82  ? 20.438  3.679   -4.548  1.00 31.52 ? 82  GLU A N   1 
ATOM   660  C CA  . GLU A 1 82  ? 19.929  4.591   -5.571  1.00 33.61 ? 82  GLU A CA  1 
ATOM   661  C C   . GLU A 1 82  ? 18.450  4.946   -5.388  1.00 32.21 ? 82  GLU A C   1 
ATOM   662  O O   . GLU A 1 82  ? 17.978  5.887   -6.036  1.00 31.80 ? 82  GLU A O   1 
ATOM   663  C CB  . GLU A 1 82  ? 20.130  4.003   -6.974  1.00 39.13 ? 82  GLU A CB  1 
ATOM   664  C CG  . GLU A 1 82  ? 19.178  2.861   -7.343  1.00 42.09 ? 82  GLU A CG  1 
ATOM   665  C CD  . GLU A 1 82  ? 19.468  1.564   -6.592  1.00 42.82 ? 82  GLU A CD  1 
ATOM   666  O OE1 . GLU A 1 82  ? 20.497  1.493   -5.883  1.00 44.16 ? 82  GLU A OE1 1 
ATOM   667  O OE2 . GLU A 1 82  ? 18.668  0.606   -6.720  1.00 47.89 ? 82  GLU A OE2 1 
ATOM   668  N N   . ARG A 1 83  ? 17.711  4.232   -4.537  1.00 32.71 ? 83  ARG A N   1 
ATOM   669  C CA  . ARG A 1 83  ? 16.308  4.565   -4.295  1.00 32.63 ? 83  ARG A CA  1 
ATOM   670  C C   . ARG A 1 83  ? 16.102  5.504   -3.108  1.00 31.65 ? 83  ARG A C   1 
ATOM   671  O O   . ARG A 1 83  ? 14.982  5.984   -2.915  1.00 28.44 ? 83  ARG A O   1 
ATOM   672  C CB  . ARG A 1 83  ? 15.467  3.293   -4.052  1.00 31.51 ? 83  ARG A CB  1 
ATOM   673  C CG  . ARG A 1 83  ? 15.238  2.371   -5.263  1.00 34.10 ? 83  ARG A CG  1 
ATOM   674  C CD  . ARG A 1 83  ? 14.320  2.988   -6.309  1.00 37.70 ? 83  ARG A CD  1 
ATOM   675  N NE  . ARG A 1 83  ? 13.067  3.490   -5.745  1.00 34.53 ? 83  ARG A NE  1 
ATOM   676  C CZ  . ARG A 1 83  ? 12.398  4.525   -6.247  1.00 35.53 ? 83  ARG A CZ  1 
ATOM   677  N NH1 . ARG A 1 83  ? 12.864  5.153   -7.320  1.00 35.43 ? 83  ARG A NH1 1 
ATOM   678  N NH2 . ARG A 1 83  ? 11.270  4.941   -5.678  1.00 34.39 ? 83  ARG A NH2 1 
ATOM   679  N N   . VAL A 1 84  ? 17.135  5.764   -2.297  1.00 29.02 ? 84  VAL A N   1 
ATOM   680  C CA  . VAL A 1 84  ? 16.919  6.480   -1.037  1.00 28.87 ? 84  VAL A CA  1 
ATOM   681  C C   . VAL A 1 84  ? 16.396  7.886   -1.296  1.00 28.25 ? 84  VAL A C   1 
ATOM   682  O O   . VAL A 1 84  ? 15.380  8.302   -0.727  1.00 29.73 ? 84  VAL A O   1 
ATOM   683  C CB  . VAL A 1 84  ? 18.210  6.509   -0.197  1.00 28.87 ? 84  VAL A CB  1 
ATOM   684  C CG1 . VAL A 1 84  ? 18.050  7.483   0.962   1.00 31.65 ? 84  VAL A CG1 1 
ATOM   685  C CG2 . VAL A 1 84  ? 18.526  5.124   0.344   1.00 26.92 ? 84  VAL A CG2 1 
ATOM   686  N N   . LYS A 1 85  ? 17.084  8.653   -2.145  1.00 31.04 ? 85  LYS A N   1 
ATOM   687  C CA  . LYS A 1 85  ? 16.640  10.029  -2.362  1.00 31.36 ? 85  LYS A CA  1 
ATOM   688  C C   . LYS A 1 85  ? 15.296  10.083  -3.080  1.00 30.46 ? 85  LYS A C   1 
ATOM   689  O O   . LYS A 1 85  ? 14.420  10.854  -2.644  1.00 33.10 ? 85  LYS A O   1 
ATOM   690  C CB  . LYS A 1 85  ? 17.717  10.833  -3.101  1.00 34.44 ? 85  LYS A CB  1 
ATOM   691  C CG  . LYS A 1 85  ? 17.277  12.268  -3.357  1.00 38.40 ? 85  LYS A CG  1 
ATOM   692  C CD  . LYS A 1 85  ? 18.283  13.047  -4.192  1.00 46.92 ? 85  LYS A CD  1 
ATOM   693  C CE  . LYS A 1 85  ? 17.570  13.976  -5.166  1.00 50.18 ? 85  LYS A CE  1 
ATOM   694  N NZ  . LYS A 1 85  ? 17.076  13.237  -6.372  1.00 55.96 ? 85  LYS A NZ  1 
ATOM   695  N N   . PRO A 1 86  ? 15.059  9.330   -4.163  1.00 31.73 ? 86  PRO A N   1 
ATOM   696  C CA  . PRO A 1 86  ? 13.711  9.348   -4.766  1.00 32.73 ? 86  PRO A CA  1 
ATOM   697  C C   . PRO A 1 86  ? 12.613  8.956   -3.795  1.00 30.56 ? 86  PRO A C   1 
ATOM   698  O O   . PRO A 1 86  ? 11.533  9.568   -3.806  1.00 32.52 ? 86  PRO A O   1 
ATOM   699  C CB  . PRO A 1 86  ? 13.825  8.338   -5.920  1.00 32.95 ? 86  PRO A CB  1 
ATOM   700  C CG  . PRO A 1 86  ? 15.266  8.273   -6.233  1.00 31.12 ? 86  PRO A CG  1 
ATOM   701  C CD  . PRO A 1 86  ? 15.991  8.485   -4.940  1.00 27.85 ? 86  PRO A CD  1 
ATOM   702  N N   . PHE A 1 87  ? 12.857  7.954   -2.949  1.00 26.82 ? 87  PHE A N   1 
ATOM   703  C CA  . PHE A 1 87  ? 11.834  7.548   -1.992  1.00 30.41 ? 87  PHE A CA  1 
ATOM   704  C C   . PHE A 1 87  ? 11.589  8.639   -0.960  1.00 31.93 ? 87  PHE A C   1 
ATOM   705  O O   . PHE A 1 87  ? 10.439  9.020   -0.714  1.00 29.46 ? 87  PHE A O   1 
ATOM   706  C CB  . PHE A 1 87  ? 12.215  6.239   -1.301  1.00 24.97 ? 87  PHE A CB  1 
ATOM   707  C CG  . PHE A 1 87  ? 11.335  5.910   -0.135  1.00 29.61 ? 87  PHE A CG  1 
ATOM   708  C CD1 . PHE A 1 87  ? 10.054  5.397   -0.339  1.00 22.84 ? 87  PHE A CD1 1 
ATOM   709  C CD2 . PHE A 1 87  ? 11.754  6.153   1.159   1.00 27.51 ? 87  PHE A CD2 1 
ATOM   710  C CE1 . PHE A 1 87  ? 9.229   5.114   0.732   1.00 23.01 ? 87  PHE A CE1 1 
ATOM   711  C CE2 . PHE A 1 87  ? 10.928  5.875   2.237   1.00 31.31 ? 87  PHE A CE2 1 
ATOM   712  C CZ  . PHE A 1 87  ? 9.660   5.350   2.020   1.00 30.22 ? 87  PHE A CZ  1 
ATOM   713  N N   . MET A 1 88  ? 12.655  9.159   -0.342  1.00 28.55 ? 88  MET A N   1 
ATOM   714  C CA  . MET A 1 88  ? 12.454  10.159  0.702   1.00 32.79 ? 88  MET A CA  1 
ATOM   715  C C   . MET A 1 88  ? 11.774  11.400  0.144   1.00 28.47 ? 88  MET A C   1 
ATOM   716  O O   . MET A 1 88  ? 10.876  11.963  0.779   1.00 34.63 ? 88  MET A O   1 
ATOM   717  C CB  . MET A 1 88  ? 13.784  10.522  1.363   1.00 32.20 ? 88  MET A CB  1 
ATOM   718  C CG  . MET A 1 88  ? 14.401  9.393   2.170   1.00 31.00 ? 88  MET A CG  1 
ATOM   719  S SD  . MET A 1 88  ? 13.370  8.830   3.537   1.00 40.00 ? 88  MET A SD  1 
ATOM   720  C CE  . MET A 1 88  ? 13.705  10.124  4.742   1.00 46.78 ? 88  MET A CE  1 
ATOM   721  N N   . THR A 1 89  ? 12.167  11.831  -1.055  1.00 30.14 ? 89  THR A N   1 
ATOM   722  C CA  . THR A 1 89  ? 11.566  13.025  -1.640  1.00 29.97 ? 89  THR A CA  1 
ATOM   723  C C   . THR A 1 89  ? 10.145  12.743  -2.120  1.00 35.87 ? 89  THR A C   1 
ATOM   724  O O   . THR A 1 89  ? 9.213   13.502  -1.819  1.00 31.41 ? 89  THR A O   1 
ATOM   725  C CB  . THR A 1 89  ? 12.442  13.533  -2.788  1.00 33.81 ? 89  THR A CB  1 
ATOM   726  O OG1 . THR A 1 89  ? 13.733  13.895  -2.267  1.00 38.59 ? 89  THR A OG1 1 
ATOM   727  C CG2 . THR A 1 89  ? 11.812  14.745  -3.442  1.00 37.15 ? 89  THR A CG2 1 
ATOM   728  N N   . GLY A 1 90  ? 9.958   11.651  -2.862  1.00 27.42 ? 90  GLY A N   1 
ATOM   729  C CA  . GLY A 1 90  ? 8.629   11.329  -3.360  1.00 30.95 ? 90  GLY A CA  1 
ATOM   730  C C   . GLY A 1 90  ? 7.635   11.031  -2.254  1.00 29.12 ? 90  GLY A C   1 
ATOM   731  O O   . GLY A 1 90  ? 6.480   11.462  -2.316  1.00 29.82 ? 90  GLY A O   1 
ATOM   732  N N   . ALA A 1 91  ? 8.061   10.283  -1.228  1.00 27.24 ? 91  ALA A N   1 
ATOM   733  C CA  . ALA A 1 91  ? 7.155   9.928   -0.139  1.00 31.72 ? 91  ALA A CA  1 
ATOM   734  C C   . ALA A 1 91  ? 6.737   11.154  0.661   1.00 32.13 ? 91  ALA A C   1 
ATOM   735  O O   . ALA A 1 91  ? 5.582   11.255  1.094   1.00 28.78 ? 91  ALA A O   1 
ATOM   736  C CB  . ALA A 1 91  ? 7.809   8.900   0.782   1.00 27.74 ? 91  ALA A CB  1 
ATOM   737  N N   . ALA A 1 92  ? 7.671   12.081  0.892   1.00 30.49 ? 92  ALA A N   1 
ATOM   738  C CA  . ALA A 1 92  ? 7.318   13.327  1.568   1.00 32.61 ? 92  ALA A CA  1 
ATOM   739  C C   . ALA A 1 92  ? 6.182   14.050  0.847   1.00 26.47 ? 92  ALA A C   1 
ATOM   740  O O   . ALA A 1 92  ? 5.264   14.572  1.491   1.00 31.76 ? 92  ALA A O   1 
ATOM   741  C CB  . ALA A 1 92  ? 8.550   14.232  1.690   1.00 30.47 ? 92  ALA A CB  1 
ATOM   742  N N   . GLU A 1 93  ? 6.210   14.072  -0.487  1.00 27.94 ? 93  GLU A N   1 
ATOM   743  C CA  . GLU A 1 93  ? 5.135   14.734  -1.228  1.00 31.29 ? 93  GLU A CA  1 
ATOM   744  C C   . GLU A 1 93  ? 3.829   13.959  -1.121  1.00 33.57 ? 93  GLU A C   1 
ATOM   745  O O   . GLU A 1 93  ? 2.756   14.549  -0.947  1.00 27.49 ? 93  GLU A O   1 
ATOM   746  C CB  . GLU A 1 93  ? 5.521   14.903  -2.695  1.00 31.61 ? 93  GLU A CB  1 
ATOM   747  C CG  . GLU A 1 93  ? 6.672   15.872  -2.927  1.00 38.07 ? 93  GLU A CG  1 
ATOM   748  C CD  . GLU A 1 93  ? 6.392   17.246  -2.354  1.00 35.09 ? 93  GLU A CD  1 
ATOM   749  O OE1 . GLU A 1 93  ? 7.216   17.752  -1.557  1.00 37.73 ? 93  GLU A OE1 1 
ATOM   750  O OE2 . GLU A 1 93  ? 5.330   17.808  -2.689  1.00 38.75 ? 93  GLU A OE2 1 
ATOM   751  N N   . GLN A 1 94  ? 3.896   12.632  -1.241  1.00 31.37 ? 94  GLN A N   1 
ATOM   752  C CA  . GLN A 1 94  ? 2.686   11.833  -1.097  1.00 29.95 ? 94  GLN A CA  1 
ATOM   753  C C   . GLN A 1 94  ? 2.070   12.013  0.284   1.00 26.01 ? 94  GLN A C   1 
ATOM   754  O O   . GLN A 1 94  ? 0.845   12.119  0.419   1.00 30.46 ? 94  GLN A O   1 
ATOM   755  C CB  . GLN A 1 94  ? 3.009   10.359  -1.367  1.00 36.91 ? 94  GLN A CB  1 
ATOM   756  C CG  . GLN A 1 94  ? 1.969   9.646   -2.187  1.00 44.04 ? 94  GLN A CG  1 
ATOM   757  C CD  . GLN A 1 94  ? 1.583   10.408  -3.440  1.00 41.30 ? 94  GLN A CD  1 
ATOM   758  O OE1 . GLN A 1 94  ? 0.406   10.651  -3.676  1.00 50.44 ? 94  GLN A OE1 1 
ATOM   759  N NE2 . GLN A 1 94  ? 2.571   10.777  -4.257  1.00 47.02 ? 94  GLN A NE2 1 
ATOM   760  N N   . ILE A 1 95  ? 2.903   12.074  1.318   1.00 26.47 ? 95  ILE A N   1 
ATOM   761  C CA  . ILE A 1 95  ? 2.405   12.180  2.681   1.00 29.09 ? 95  ILE A CA  1 
ATOM   762  C C   . ILE A 1 95  ? 1.748   13.533  2.919   1.00 29.38 ? 95  ILE A C   1 
ATOM   763  O O   . ILE A 1 95  ? 0.759   13.636  3.657   1.00 25.10 ? 95  ILE A O   1 
ATOM   764  C CB  . ILE A 1 95  ? 3.552   11.925  3.669   1.00 30.49 ? 95  ILE A CB  1 
ATOM   765  C CG1 . ILE A 1 95  ? 3.909   10.442  3.679   1.00 35.33 ? 95  ILE A CG1 1 
ATOM   766  C CG2 . ILE A 1 95  ? 3.202   12.408  5.066   1.00 33.21 ? 95  ILE A CG2 1 
ATOM   767  C CD1 . ILE A 1 95  ? 5.284   10.215  4.234   1.00 33.87 ? 95  ILE A CD1 1 
ATOM   768  N N   . LYS A 1 96  ? 2.317   14.598  2.352   1.00 25.83 ? 96  LYS A N   1 
ATOM   769  C CA  . LYS A 1 96  ? 1.666   15.899  2.469   1.00 29.27 ? 96  LYS A CA  1 
ATOM   770  C C   . LYS A 1 96  ? 0.297   15.882  1.803   1.00 26.22 ? 96  LYS A C   1 
ATOM   771  O O   . LYS A 1 96  ? -0.661  16.457  2.329   1.00 28.40 ? 96  LYS A O   1 
ATOM   772  C CB  . LYS A 1 96  ? 2.558   16.992  1.874   1.00 26.24 ? 96  LYS A CB  1 
ATOM   773  C CG  . LYS A 1 96  ? 3.786   17.266  2.754   1.00 27.75 ? 96  LYS A CG  1 
ATOM   774  C CD  . LYS A 1 96  ? 4.635   18.436  2.236   1.00 32.63 ? 96  LYS A CD  1 
ATOM   775  C CE  . LYS A 1 96  ? 5.385   18.099  0.971   1.00 31.00 ? 96  LYS A CE  1 
ATOM   776  N NZ  . LYS A 1 96  ? 6.314   19.204  0.554   1.00 31.10 ? 96  LYS A NZ  1 
ATOM   777  N N   . HIS A 1 97  ? 0.182   15.222  0.643   1.00 26.76 ? 97  HIS A N   1 
ATOM   778  C CA  . HIS A 1 97  ? -1.120  15.107  -0.009  1.00 29.25 ? 97  HIS A CA  1 
ATOM   779  C C   . HIS A 1 97  ? -2.114  14.346  0.861   1.00 32.28 ? 97  HIS A C   1 
ATOM   780  O O   . HIS A 1 97  ? -3.275  14.758  0.996   1.00 32.09 ? 97  HIS A O   1 
ATOM   781  C CB  . HIS A 1 97  ? -0.985  14.425  -1.369  1.00 32.60 ? 97  HIS A CB  1 
ATOM   782  C CG  . HIS A 1 97  ? -2.295  13.935  -1.911  1.00 39.66 ? 97  HIS A CG  1 
ATOM   783  N ND1 . HIS A 1 97  ? -3.179  14.754  -2.582  1.00 39.08 ? 97  HIS A ND1 1 
ATOM   784  C CD2 . HIS A 1 97  ? -2.888  12.716  -1.845  1.00 42.70 ? 97  HIS A CD2 1 
ATOM   785  C CE1 . HIS A 1 97  ? -4.253  14.057  -2.917  1.00 46.43 ? 97  HIS A CE1 1 
ATOM   786  N NE2 . HIS A 1 97  ? -4.102  12.819  -2.482  1.00 39.93 ? 97  HIS A NE2 1 
ATOM   787  N N   . ILE A 1 98  ? -1.680  13.228  1.452   1.00 25.37 ? 98  ILE A N   1 
ATOM   788  C CA  . ILE A 1 98  ? -2.553  12.445  2.327   1.00 27.67 ? 98  ILE A CA  1 
ATOM   789  C C   . ILE A 1 98  ? -3.046  13.294  3.490   1.00 30.21 ? 98  ILE A C   1 
ATOM   790  O O   . ILE A 1 98  ? -4.229  13.270  3.842   1.00 29.66 ? 98  ILE A O   1 
ATOM   791  C CB  . ILE A 1 98  ? -1.818  11.188  2.834   1.00 28.03 ? 98  ILE A CB  1 
ATOM   792  C CG1 . ILE A 1 98  ? -1.522  10.223  1.678   1.00 28.64 ? 98  ILE A CG1 1 
ATOM   793  C CG2 . ILE A 1 98  ? -2.612  10.504  3.949   1.00 31.57 ? 98  ILE A CG2 1 
ATOM   794  C CD1 . ILE A 1 98  ? -0.631  9.045   2.071   1.00 28.58 ? 98  ILE A CD1 1 
ATOM   795  N N   . LEU A 1 99  ? -2.136  14.041  4.126   1.00 29.85 ? 99  LEU A N   1 
ATOM   796  C CA  . LEU A 1 99  ? -2.543  14.827  5.285   1.00 28.42 ? 99  LEU A CA  1 
ATOM   797  C C   . LEU A 1 99  ? -3.507  15.939  4.892   1.00 31.63 ? 99  LEU A C   1 
ATOM   798  O O   . LEU A 1 99  ? -4.378  16.307  5.688   1.00 34.57 ? 99  LEU A O   1 
ATOM   799  C CB  . LEU A 1 99  ? -1.321  15.412  5.993   1.00 33.89 ? 99  LEU A CB  1 
ATOM   800  C CG  . LEU A 1 99  ? -0.378  14.461  6.735   1.00 31.57 ? 99  LEU A CG  1 
ATOM   801  C CD1 . LEU A 1 99  ? 0.941   15.166  7.053   1.00 33.12 ? 99  LEU A CD1 1 
ATOM   802  C CD2 . LEU A 1 99  ? -1.010  13.933  8.014   1.00 32.92 ? 99  LEU A CD2 1 
ATOM   803  N N   . ALA A 1 100 ? -3.367  16.484  3.680   1.00 30.55 ? 100 ALA A N   1 
ATOM   804  C CA  . ALA A 1 100 ? -4.274  17.524  3.198   1.00 35.34 ? 100 ALA A CA  1 
ATOM   805  C C   . ALA A 1 100 ? -5.627  16.968  2.770   1.00 38.96 ? 100 ALA A C   1 
ATOM   806  O O   . ALA A 1 100 ? -6.596  17.727  2.656   1.00 41.37 ? 100 ALA A O   1 
ATOM   807  C CB  . ALA A 1 100 ? -3.638  18.275  2.027   1.00 32.42 ? 100 ALA A CB  1 
ATOM   808  N N   . ASN A 1 101 ? -5.721  15.666  2.535   1.00 40.27 ? 101 ASN A N   1 
ATOM   809  C CA  . ASN A 1 101 ? -6.937  15.033  2.042   1.00 35.72 ? 101 ASN A CA  1 
ATOM   810  C C   . ASN A 1 101 ? -7.325  13.878  2.953   1.00 34.46 ? 101 ASN A C   1 
ATOM   811  O O   . ASN A 1 101 ? -7.814  12.836  2.510   1.00 37.50 ? 101 ASN A O   1 
ATOM   812  C CB  . ASN A 1 101 ? -6.742  14.587  0.596   1.00 39.00 ? 101 ASN A CB  1 
ATOM   813  C CG  . ASN A 1 101 ? -6.416  15.748  -0.331  1.00 45.38 ? 101 ASN A CG  1 
ATOM   814  O OD1 . ASN A 1 101 ? -7.302  16.296  -0.988  1.00 46.18 ? 101 ASN A OD1 1 
ATOM   815  N ND2 . ASN A 1 101 ? -5.143  16.142  -0.377  1.00 40.55 ? 101 ASN A ND2 1 
ATOM   816  N N   . PHE A 1 102 ? -7.134  14.086  4.256   1.00 32.05 ? 102 PHE A N   1 
ATOM   817  C CA  . PHE A 1 102 ? -7.061  12.984  5.208   1.00 34.09 ? 102 PHE A CA  1 
ATOM   818  C C   . PHE A 1 102 ? -8.410  12.302  5.394   1.00 37.12 ? 102 PHE A C   1 
ATOM   819  O O   . PHE A 1 102 ? -8.475  11.076  5.518   1.00 35.39 ? 102 PHE A O   1 
ATOM   820  C CB  . PHE A 1 102 ? -6.532  13.501  6.535   1.00 34.24 ? 102 PHE A CB  1 
ATOM   821  C CG  . PHE A 1 102 ? -6.009  12.429  7.439   1.00 35.18 ? 102 PHE A CG  1 
ATOM   822  C CD1 . PHE A 1 102 ? -4.796  11.815  7.175   1.00 37.35 ? 102 PHE A CD1 1 
ATOM   823  C CD2 . PHE A 1 102 ? -6.720  12.042  8.560   1.00 38.69 ? 102 PHE A CD2 1 
ATOM   824  C CE1 . PHE A 1 102 ? -4.312  10.831  8.018   1.00 39.15 ? 102 PHE A CE1 1 
ATOM   825  C CE2 . PHE A 1 102 ? -6.236  11.061  9.403   1.00 43.33 ? 102 PHE A CE2 1 
ATOM   826  C CZ  . PHE A 1 102 ? -5.032  10.456  9.128   1.00 40.27 ? 102 PHE A CZ  1 
ATOM   827  N N   . LYS A 1 103 ? -9.494  13.077  5.424   1.00 30.84 ? 103 LYS A N   1 
ATOM   828  C CA  . LYS A 1 103 ? -10.822 12.513  5.607   1.00 33.39 ? 103 LYS A CA  1 
ATOM   829  C C   . LYS A 1 103 ? -11.365 11.867  4.343   1.00 32.94 ? 103 LYS A C   1 
ATOM   830  O O   . LYS A 1 103 ? -12.431 11.252  4.393   1.00 33.78 ? 103 LYS A O   1 
ATOM   831  C CB  . LYS A 1 103 ? -11.784 13.610  6.066   1.00 36.71 ? 103 LYS A CB  1 
ATOM   832  C CG  . LYS A 1 103 ? -12.119 14.581  4.943   1.00 38.07 ? 103 LYS A CG  1 
ATOM   833  C CD  . LYS A 1 103 ? -12.567 15.940  5.468   1.00 44.12 ? 103 LYS A CD  1 
ATOM   834  C CE  . LYS A 1 103 ? -13.695 16.491  4.614   1.00 47.46 ? 103 LYS A CE  1 
ATOM   835  N NZ  . LYS A 1 103 ? -14.881 15.587  4.721   1.00 53.04 ? 103 LYS A NZ  1 
ATOM   836  N N   . ASN A 1 104 ? -10.673 12.002  3.213   1.00 27.64 ? 104 ASN A N   1 
ATOM   837  C CA  . ASN A 1 104 ? -11.188 11.575  1.923   1.00 31.58 ? 104 ASN A CA  1 
ATOM   838  C C   . ASN A 1 104 ? -10.719 10.185  1.506   1.00 33.23 ? 104 ASN A C   1 
ATOM   839  O O   . ASN A 1 104 ? -11.159 9.690   0.467   1.00 36.20 ? 104 ASN A O   1 
ATOM   840  C CB  . ASN A 1 104 ? -10.800 12.593  0.858   1.00 34.12 ? 104 ASN A CB  1 
ATOM   841  C CG  . ASN A 1 104 ? -11.482 13.938  1.079   1.00 39.77 ? 104 ASN A CG  1 
ATOM   842  O OD1 . ASN A 1 104 ? -12.707 14.006  1.181   1.00 39.10 ? 104 ASN A OD1 1 
ATOM   843  N ND2 . ASN A 1 104 ? -10.693 14.999  1.196   1.00 39.87 ? 104 ASN A ND2 1 
ATOM   844  N N   . TYR A 1 105 ? -9.847  9.554   2.276   1.00 30.07 ? 105 TYR A N   1 
ATOM   845  C CA  . TYR A 1 105 ? -9.391  8.204   1.977   1.00 31.31 ? 105 TYR A CA  1 
ATOM   846  C C   . TYR A 1 105 ? -9.806  7.248   3.079   1.00 30.69 ? 105 TYR A C   1 
ATOM   847  O O   . TYR A 1 105 ? -10.087 7.646   4.211   1.00 28.30 ? 105 TYR A O   1 
ATOM   848  C CB  . TYR A 1 105 ? -7.865  8.155   1.807   1.00 31.78 ? 105 TYR A CB  1 
ATOM   849  C CG  . TYR A 1 105 ? -7.409  8.964   0.633   1.00 33.14 ? 105 TYR A CG  1 
ATOM   850  C CD1 . TYR A 1 105 ? -7.731  8.575   -0.659  1.00 37.20 ? 105 TYR A CD1 1 
ATOM   851  C CD2 . TYR A 1 105 ? -6.696  10.143  0.812   1.00 36.52 ? 105 TYR A CD2 1 
ATOM   852  C CE1 . TYR A 1 105 ? -7.340  9.327   -1.748  1.00 40.68 ? 105 TYR A CE1 1 
ATOM   853  C CE2 . TYR A 1 105 ? -6.296  10.900  -0.266  1.00 37.13 ? 105 TYR A CE2 1 
ATOM   854  C CZ  . TYR A 1 105 ? -6.620  10.492  -1.545  1.00 48.75 ? 105 TYR A CZ  1 
ATOM   855  O OH  . TYR A 1 105 ? -6.222  11.250  -2.625  1.00 47.54 ? 105 TYR A OH  1 
ATOM   856  N N   . GLN A 1 106 ? -9.826  5.967   2.735   1.00 28.26 ? 106 GLN A N   1 
ATOM   857  C CA  . GLN A 1 106 ? -9.857  4.907   3.724   1.00 26.21 ? 106 GLN A CA  1 
ATOM   858  C C   . GLN A 1 106 ? -8.480  4.257   3.777   1.00 23.87 ? 106 GLN A C   1 
ATOM   859  O O   . GLN A 1 106 ? -7.806  4.126   2.751   1.00 26.23 ? 106 GLN A O   1 
ATOM   860  C CB  . GLN A 1 106 ? -10.937 3.884   3.384   1.00 28.99 ? 106 GLN A CB  1 
ATOM   861  C CG  . GLN A 1 106 ? -12.325 4.501   3.428   1.00 33.24 ? 106 GLN A CG  1 
ATOM   862  C CD  . GLN A 1 106 ? -13.402 3.541   2.991   1.00 36.48 ? 106 GLN A CD  1 
ATOM   863  O OE1 . GLN A 1 106 ? -13.784 3.505   1.820   1.00 40.14 ? 106 GLN A OE1 1 
ATOM   864  N NE2 . GLN A 1 106 ? -13.902 2.758   3.933   1.00 35.96 ? 106 GLN A NE2 1 
ATOM   865  N N   . PHE A 1 107 ? -8.059  3.876   4.977   1.00 23.60 ? 107 PHE A N   1 
ATOM   866  C CA  . PHE A 1 107 ? -6.720  3.357   5.218   1.00 24.19 ? 107 PHE A CA  1 
ATOM   867  C C   . PHE A 1 107 ? -6.804  1.889   5.606   1.00 24.18 ? 107 PHE A C   1 
ATOM   868  O O   . PHE A 1 107 ? -7.643  1.513   6.428   1.00 26.28 ? 107 PHE A O   1 
ATOM   869  C CB  . PHE A 1 107 ? -6.040  4.138   6.331   1.00 27.01 ? 107 PHE A CB  1 
ATOM   870  C CG  . PHE A 1 107 ? -5.938  5.612   6.043   1.00 25.93 ? 107 PHE A CG  1 
ATOM   871  C CD1 . PHE A 1 107 ? -6.967  6.474   6.398   1.00 33.06 ? 107 PHE A CD1 1 
ATOM   872  C CD2 . PHE A 1 107 ? -4.821  6.122   5.419   1.00 29.63 ? 107 PHE A CD2 1 
ATOM   873  C CE1 . PHE A 1 107 ? -6.872  7.836   6.129   1.00 36.94 ? 107 PHE A CE1 1 
ATOM   874  C CE2 . PHE A 1 107 ? -4.719  7.485   5.152   1.00 34.52 ? 107 PHE A CE2 1 
ATOM   875  C CZ  . PHE A 1 107 ? -5.746  8.334   5.503   1.00 31.04 ? 107 PHE A CZ  1 
ATOM   876  N N   . PHE A 1 108 ? -5.907  1.074   5.051   1.00 22.59 ? 108 PHE A N   1 
ATOM   877  C CA  . PHE A 1 108 ? -5.913  -0.360  5.311   1.00 23.43 ? 108 PHE A CA  1 
ATOM   878  C C   . PHE A 1 108 ? -4.520  -0.839  5.662   1.00 24.02 ? 108 PHE A C   1 
ATOM   879  O O   . PHE A 1 108 ? -3.526  -0.313  5.155   1.00 22.65 ? 108 PHE A O   1 
ATOM   880  C CB  . PHE A 1 108 ? -6.433  -1.148  4.110   1.00 22.34 ? 108 PHE A CB  1 
ATOM   881  C CG  . PHE A 1 108 ? -7.896  -0.987  3.912   1.00 24.78 ? 108 PHE A CG  1 
ATOM   882  C CD1 . PHE A 1 108 ? -8.397  0.136   3.261   1.00 24.96 ? 108 PHE A CD1 1 
ATOM   883  C CD2 . PHE A 1 108 ? -8.777  -1.923  4.416   1.00 22.13 ? 108 PHE A CD2 1 
ATOM   884  C CE1 . PHE A 1 108 ? -9.772  0.315   3.113   1.00 22.63 ? 108 PHE A CE1 1 
ATOM   885  C CE2 . PHE A 1 108 ? -10.143 -1.758  4.263   1.00 23.77 ? 108 PHE A CE2 1 
ATOM   886  C CZ  . PHE A 1 108 ? -10.642 -0.639  3.614   1.00 24.43 ? 108 PHE A CZ  1 
ATOM   887  N N   . ILE A 1 109 ? -4.463  -1.860  6.526   1.00 24.94 ? 109 ILE A N   1 
ATOM   888  C CA  . ILE A 1 109 ? -3.207  -2.505  6.885   1.00 21.76 ? 109 ILE A CA  1 
ATOM   889  C C   . ILE A 1 109 ? -3.330  -4.008  6.639   1.00 24.25 ? 109 ILE A C   1 
ATOM   890  O O   . ILE A 1 109 ? -4.425  -4.545  6.459   1.00 22.88 ? 109 ILE A O   1 
ATOM   891  C CB  . ILE A 1 109 ? -2.805  -2.225  8.349   1.00 24.61 ? 109 ILE A CB  1 
ATOM   892  C CG1 . ILE A 1 109 ? -3.843  -2.777  9.320   1.00 24.16 ? 109 ILE A CG1 1 
ATOM   893  C CG2 . ILE A 1 109 ? -2.677  -0.737  8.586   1.00 33.92 ? 109 ILE A CG2 1 
ATOM   894  C CD1 . ILE A 1 109 ? -3.565  -2.417  10.773  1.00 33.35 ? 109 ILE A CD1 1 
ATOM   895  N N   . GLY A 1 110 ? -2.183  -4.686  6.616   1.00 22.89 ? 110 GLY A N   1 
ATOM   896  C CA  . GLY A 1 110 ? -2.189  -6.126  6.383   1.00 25.75 ? 110 GLY A CA  1 
ATOM   897  C C   . GLY A 1 110 ? -2.979  -6.888  7.434   1.00 24.53 ? 110 GLY A C   1 
ATOM   898  O O   . GLY A 1 110 ? -3.306  -6.378  8.500   1.00 24.38 ? 110 GLY A O   1 
ATOM   899  N N   . GLU A 1 111 ? -3.284  -8.152  7.115   1.00 26.07 ? 111 GLU A N   1 
ATOM   900  C CA  . GLU A 1 111 ? -4.156  -8.951  7.977   1.00 23.66 ? 111 GLU A CA  1 
ATOM   901  C C   . GLU A 1 111 ? -3.717  -8.942  9.437   1.00 26.21 ? 111 GLU A C   1 
ATOM   902  O O   . GLU A 1 111 ? -4.552  -8.883  10.345  1.00 29.72 ? 111 GLU A O   1 
ATOM   903  C CB  . GLU A 1 111 ? -4.205  -10.391 7.468   1.00 28.19 ? 111 GLU A CB  1 
ATOM   904  C CG  . GLU A 1 111 ? -5.013  -11.306 8.358   1.00 33.88 ? 111 GLU A CG  1 
ATOM   905  C CD  . GLU A 1 111 ? -5.349  -12.621 7.683   1.00 38.55 ? 111 GLU A CD  1 
ATOM   906  O OE1 . GLU A 1 111 ? -4.712  -12.952 6.659   1.00 34.47 ? 111 GLU A OE1 1 
ATOM   907  O OE2 . GLU A 1 111 ? -6.268  -13.312 8.175   1.00 45.25 ? 111 GLU A OE2 1 
ATOM   908  N N   . ASN A 1 112 ? -2.420  -9.043  9.690   1.00 24.97 ? 112 ASN A N   1 
ATOM   909  C CA  . ASN A 1 112 ? -1.943  -9.194  11.056  1.00 29.56 ? 112 ASN A CA  1 
ATOM   910  C C   . ASN A 1 112 ? -1.679  -7.871  11.766  1.00 34.25 ? 112 ASN A C   1 
ATOM   911  O O   . ASN A 1 112 ? -1.256  -7.884  12.927  1.00 32.88 ? 112 ASN A O   1 
ATOM   912  C CB  . ASN A 1 112 ? -0.702  -10.081 11.057  1.00 31.45 ? 112 ASN A CB  1 
ATOM   913  C CG  . ASN A 1 112 ? -1.044  -11.509 10.707  1.00 31.09 ? 112 ASN A CG  1 
ATOM   914  O OD1 . ASN A 1 112 ? -1.748  -12.182 11.468  1.00 35.46 ? 112 ASN A OD1 1 
ATOM   915  N ND2 . ASN A 1 112 ? -0.606  -11.966 9.539   1.00 31.11 ? 112 ASN A ND2 1 
ATOM   916  N N   . MET A 1 113 ? -1.940  -6.739  11.114  1.00 30.73 ? 113 MET A N   1 
ATOM   917  C CA  . MET A 1 113 ? -2.019  -5.437  11.785  1.00 31.21 ? 113 MET A CA  1 
ATOM   918  C C   . MET A 1 113 ? -0.741  -5.107  12.557  1.00 31.32 ? 113 MET A C   1 
ATOM   919  O O   . MET A 1 113 ? -0.786  -4.620  13.691  1.00 34.71 ? 113 MET A O   1 
ATOM   920  C CB  . MET A 1 113 ? -3.232  -5.372  12.721  1.00 30.04 ? 113 MET A CB  1 
ATOM   921  C CG  . MET A 1 113 ? -4.508  -5.950  12.129  1.00 33.97 ? 113 MET A CG  1 
ATOM   922  S SD  . MET A 1 113 ? -5.909  -5.819  13.257  1.00 49.68 ? 113 MET A SD  1 
ATOM   923  C CE  . MET A 1 113 ? -6.553  -4.215  12.811  1.00 38.51 ? 113 MET A CE  1 
ATOM   924  N N   . ASN A 1 114 ? 0.399   -5.376  11.955  1.00 30.92 ? 114 ASN A N   1 
ATOM   925  C CA  . ASN A 1 114 ? 1.657   -4.973  12.569  1.00 33.07 ? 114 ASN A CA  1 
ATOM   926  C C   . ASN A 1 114 ? 1.794   -3.456  12.509  1.00 35.87 ? 114 ASN A C   1 
ATOM   927  O O   . ASN A 1 114 ? 1.727   -2.877  11.420  1.00 33.00 ? 114 ASN A O   1 
ATOM   928  C CB  . ASN A 1 114 ? 2.839   -5.622  11.861  1.00 32.44 ? 114 ASN A CB  1 
ATOM   929  C CG  . ASN A 1 114 ? 4.159   -5.333  12.555  1.00 40.40 ? 114 ASN A CG  1 
ATOM   930  O OD1 . ASN A 1 114 ? 4.436   -4.202  12.972  1.00 42.06 ? 114 ASN A OD1 1 
ATOM   931  N ND2 . ASN A 1 114 ? 4.972   -6.360  12.702  1.00 43.99 ? 114 ASN A ND2 1 
ATOM   932  N N   . PRO A 1 115 ? 2.027   -2.786  13.640  1.00 40.82 ? 115 PRO A N   1 
ATOM   933  C CA  . PRO A 1 115 ? 2.167   -1.318  13.619  1.00 38.44 ? 115 PRO A CA  1 
ATOM   934  C C   . PRO A 1 115 ? 3.346   -0.809  12.793  1.00 39.07 ? 115 PRO A C   1 
ATOM   935  O O   . PRO A 1 115 ? 3.333   0.355   12.371  1.00 40.33 ? 115 PRO A O   1 
ATOM   936  C CB  . PRO A 1 115 ? 2.326   -0.962  15.105  1.00 43.02 ? 115 PRO A CB  1 
ATOM   937  C CG  . PRO A 1 115 ? 2.799   -2.244  15.765  1.00 44.12 ? 115 PRO A CG  1 
ATOM   938  C CD  . PRO A 1 115 ? 2.106   -3.341  15.005  1.00 40.62 ? 115 PRO A CD  1 
ATOM   939  N N   . ASP A 1 116 ? 4.354   -1.632  12.525  1.00 34.56 ? 116 ASP A N   1 
ATOM   940  C CA  . ASP A 1 116 ? 5.491   -1.186  11.733  1.00 37.22 ? 116 ASP A CA  1 
ATOM   941  C C   . ASP A 1 116 ? 5.311   -1.415  10.236  1.00 33.27 ? 116 ASP A C   1 
ATOM   942  O O   . ASP A 1 116 ? 6.170   -0.994  9.455   1.00 30.01 ? 116 ASP A O   1 
ATOM   943  C CB  . ASP A 1 116 ? 6.769   -1.883  12.203  1.00 39.42 ? 116 ASP A CB  1 
ATOM   944  C CG  . ASP A 1 116 ? 7.096   -1.589  13.662  1.00 48.74 ? 116 ASP A CG  1 
ATOM   945  O OD1 . ASP A 1 116 ? 6.837   -0.455  14.122  1.00 52.17 ? 116 ASP A OD1 1 
ATOM   946  O OD2 . ASP A 1 116 ? 7.608   -2.495  14.353  1.00 55.31 ? 116 ASP A OD2 1 
ATOM   947  N N   . GLY A 1 117 ? 4.203   -2.007  9.844   1.00 31.49 ? 117 GLY A N   1 
ATOM   948  C CA  . GLY A 1 117 ? 3.965   -2.347  8.437   1.00 27.99 ? 117 GLY A CA  1 
ATOM   949  C C   . GLY A 1 117 ? 3.384   -1.214  7.633   1.00 31.37 ? 117 GLY A C   1 
ATOM   950  O O   . GLY A 1 117 ? 3.158   -0.218  8.175   1.00 27.86 ? 117 GLY A O   1 
ATOM   951  N N   . MET A 1 118 ? 3.101   -1.474  6.376   1.00 24.93 ? 118 MET A N   1 
ATOM   952  C CA  . MET A 1 118 ? 2.601   -0.454  5.454   1.00 25.20 ? 118 MET A CA  1 
ATOM   953  C C   . MET A 1 118 ? 1.116   -0.180  5.651   1.00 31.51 ? 118 MET A C   1 
ATOM   954  O O   . MET A 1 118 ? 0.396   -1.072  5.887   1.00 29.46 ? 118 MET A O   1 
ATOM   955  C CB  . MET A 1 118 ? 2.768   -0.945  4.020   1.00 26.80 ? 118 MET A CB  1 
ATOM   956  C CG  . MET A 1 118 ? 2.607   0.157   3.017   1.00 33.33 ? 118 MET A CG  1 
ATOM   957  S SD  . MET A 1 118 ? 2.407   -0.306  1.294   1.00 36.45 ? 118 MET A SD  1 
ATOM   958  C CE  . MET A 1 118 ? 3.807   -1.364  0.995   1.00 30.74 ? 118 MET A CE  1 
ATOM   959  N N   . VAL A 1 119 ? 0.731   1.067   5.494   1.00 27.33 ? 119 VAL A N   1 
ATOM   960  C CA  . VAL A 1 119 ? -0.690  1.479   5.458   1.00 25.87 ? 119 VAL A CA  1 
ATOM   961  C C   . VAL A 1 119 ? -0.993  1.821   4.002   1.00 27.83 ? 119 VAL A C   1 
ATOM   962  O O   . VAL A 1 119 ? -0.305  2.602   3.441   1.00 27.26 ? 119 VAL A O   1 
ATOM   963  C CB  . VAL A 1 119 ? -1.002  2.676   6.361   1.00 28.64 ? 119 VAL A CB  1 
ATOM   964  C CG1 . VAL A 1 119 ? -2.384  3.213   6.117   1.00 25.77 ? 119 VAL A CG1 1 
ATOM   965  C CG2 . VAL A 1 119 ? -0.806  2.354   7.816   1.00 32.98 ? 119 VAL A CG2 1 
ATOM   966  N N   . ALA A 1 120 ? -2.000  1.196   3.456   1.00 23.51 ? 120 ALA A N   1 
ATOM   967  C CA  . ALA A 1 120 ? -2.385  1.384   2.067   1.00 21.49 ? 120 ALA A CA  1 
ATOM   968  C C   . ALA A 1 120 ? -3.632  2.254   2.006   1.00 20.86 ? 120 ALA A C   1 
ATOM   969  O O   . ALA A 1 120 ? -4.402  2.315   2.962   1.00 24.79 ? 120 ALA A O   1 
ATOM   970  C CB  . ALA A 1 120 ? -2.658  0.042   1.385   1.00 22.04 ? 120 ALA A CB  1 
ATOM   971  N N   . LEU A 1 121 ? -3.822  2.928   0.875   1.00 22.50 ? 121 LEU A N   1 
ATOM   972  C CA  . LEU A 1 121 ? -4.940  3.845   0.695   1.00 24.85 ? 121 LEU A CA  1 
ATOM   973  C C   . LEU A 1 121 ? -5.967  3.234   -0.237  1.00 22.72 ? 121 LEU A C   1 
ATOM   974  O O   . LEU A 1 121 ? -5.602  2.647   -1.250  1.00 21.67 ? 121 LEU A O   1 
ATOM   975  C CB  . LEU A 1 121 ? -4.480  5.170   0.085   1.00 28.50 ? 121 LEU A CB  1 
ATOM   976  C CG  . LEU A 1 121 ? -4.451  6.389   0.992   1.00 41.41 ? 121 LEU A CG  1 
ATOM   977  C CD1 . LEU A 1 121 ? -3.572  6.097   2.182   1.00 33.25 ? 121 LEU A CD1 1 
ATOM   978  C CD2 . LEU A 1 121 ? -3.945  7.593   0.202   1.00 37.90 ? 121 LEU A CD2 1 
ATOM   979  N N   . LEU A 1 122 ? -7.244  3.436   0.077   1.00 23.47 ? 122 LEU A N   1 
ATOM   980  C CA  . LEU A 1 122 ? -8.347  3.026   -0.787  1.00 23.94 ? 122 LEU A CA  1 
ATOM   981  C C   . LEU A 1 122 ? -9.084  4.267   -1.278  1.00 25.61 ? 122 LEU A C   1 
ATOM   982  O O   . LEU A 1 122 ? -9.500  5.105   -0.471  1.00 23.89 ? 122 LEU A O   1 
ATOM   983  C CB  . LEU A 1 122 ? -9.325  2.112   -0.050  1.00 21.33 ? 122 LEU A CB  1 
ATOM   984  C CG  . LEU A 1 122 ? -10.671 1.891   -0.754  1.00 27.14 ? 122 LEU A CG  1 
ATOM   985  C CD1 . LEU A 1 122 ? -10.514 1.097   -2.047  1.00 26.81 ? 122 LEU A CD1 1 
ATOM   986  C CD2 . LEU A 1 122 ? -11.659 1.214   0.179   1.00 25.25 ? 122 LEU A CD2 1 
ATOM   987  N N   . ASP A 1 123 ? -9.249  4.369   -2.593  1.00 22.72 ? 123 ASP A N   1 
ATOM   988  C CA  . ASP A 1 123 ? -9.980  5.463   -3.231  1.00 28.00 ? 123 ASP A CA  1 
ATOM   989  C C   . ASP A 1 123 ? -10.881 4.850   -4.295  1.00 31.44 ? 123 ASP A C   1 
ATOM   990  O O   . ASP A 1 123 ? -10.849 3.639   -4.533  1.00 27.30 ? 123 ASP A O   1 
ATOM   991  C CB  . ASP A 1 123 ? -9.001  6.474   -3.836  1.00 26.49 ? 123 ASP A CB  1 
ATOM   992  C CG  . ASP A 1 123 ? -9.663  7.792   -4.222  1.00 34.32 ? 123 ASP A CG  1 
ATOM   993  O OD1 . ASP A 1 123 ? -10.797 8.065   -3.764  1.00 33.33 ? 123 ASP A OD1 1 
ATOM   994  O OD2 . ASP A 1 123 ? -9.030  8.541   -4.993  1.00 35.93 ? 123 ASP A OD2 1 
ATOM   995  N N   . TYR A 1 124 ? -11.658 5.689   -4.973  1.00 30.72 ? 124 TYR A N   1 
ATOM   996  C CA  . TYR A 1 124 ? -12.504 5.241   -6.071  1.00 31.62 ? 124 TYR A CA  1 
ATOM   997  C C   . TYR A 1 124 ? -12.244 6.080   -7.312  1.00 35.61 ? 124 TYR A C   1 
ATOM   998  O O   . TYR A 1 124 ? -11.924 7.273   -7.228  1.00 34.24 ? 124 TYR A O   1 
ATOM   999  C CB  . TYR A 1 124 ? -13.988 5.299   -5.682  1.00 33.28 ? 124 TYR A CB  1 
ATOM   1000 C CG  . TYR A 1 124 ? -14.369 4.219   -4.707  1.00 33.13 ? 124 TYR A CG  1 
ATOM   1001 C CD1 . TYR A 1 124 ? -14.142 4.379   -3.348  1.00 34.01 ? 124 TYR A CD1 1 
ATOM   1002 C CD2 . TYR A 1 124 ? -14.925 3.023   -5.147  1.00 33.11 ? 124 TYR A CD2 1 
ATOM   1003 C CE1 . TYR A 1 124 ? -14.470 3.388   -2.446  1.00 35.53 ? 124 TYR A CE1 1 
ATOM   1004 C CE2 . TYR A 1 124 ? -15.263 2.027   -4.250  1.00 34.04 ? 124 TYR A CE2 1 
ATOM   1005 C CZ  . TYR A 1 124 ? -15.030 2.213   -2.904  1.00 34.94 ? 124 TYR A CZ  1 
ATOM   1006 O OH  . TYR A 1 124 ? -15.354 1.227   -2.001  1.00 39.62 ? 124 TYR A OH  1 
ATOM   1007 N N   . ARG A 1 125 ? -12.378 5.440   -8.471  1.00 32.34 ? 125 ARG A N   1 
ATOM   1008 C CA  . ARG A 1 125 ? -12.237 6.138   -9.735  1.00 37.86 ? 125 ARG A CA  1 
ATOM   1009 C C   . ARG A 1 125 ? -13.340 7.189   -9.876  1.00 38.24 ? 125 ARG A C   1 
ATOM   1010 O O   . ARG A 1 125 ? -14.293 7.233   -9.101  1.00 38.56 ? 125 ARG A O   1 
ATOM   1011 C CB  . ARG A 1 125 ? -12.302 5.154   -10.898 1.00 38.55 ? 125 ARG A CB  1 
ATOM   1012 C CG  . ARG A 1 125 ? -11.243 4.055   -10.866 1.00 40.57 ? 125 ARG A CG  1 
ATOM   1013 C CD  . ARG A 1 125 ? -9.887  4.568   -11.314 1.00 41.44 ? 125 ARG A CD  1 
ATOM   1014 N NE  . ARG A 1 125 ? -8.941  3.475   -11.541 1.00 41.10 ? 125 ARG A NE  1 
ATOM   1015 C CZ  . ARG A 1 125 ? -7.628  3.583   -11.361 1.00 43.02 ? 125 ARG A CZ  1 
ATOM   1016 N NH1 . ARG A 1 125 ? -7.114  4.740   -10.950 1.00 37.71 ? 125 ARG A NH1 1 
ATOM   1017 N NH2 . ARG A 1 125 ? -6.830  2.541   -11.582 1.00 38.04 ? 125 ARG A NH2 1 
ATOM   1018 N N   . GLU A 1 126 ? -13.213 8.027   -10.905 1.00 41.92 ? 126 GLU A N   1 
ATOM   1019 C CA  . GLU A 1 126 ? -14.198 9.085   -11.112 1.00 47.09 ? 126 GLU A CA  1 
ATOM   1020 C C   . GLU A 1 126 ? -15.553 8.553   -11.562 1.00 47.81 ? 126 GLU A C   1 
ATOM   1021 O O   . GLU A 1 126 ? -16.501 9.339   -11.669 1.00 49.76 ? 126 GLU A O   1 
ATOM   1022 C CB  . GLU A 1 126 ? -13.678 10.107  -12.126 1.00 49.03 ? 126 GLU A CB  1 
ATOM   1023 C CG  . GLU A 1 126 ? -12.197 10.417  -11.972 1.00 54.66 ? 126 GLU A CG  1 
ATOM   1024 C CD  . GLU A 1 126 ? -11.871 11.877  -12.218 1.00 64.59 ? 126 GLU A CD  1 
ATOM   1025 O OE1 . GLU A 1 126 ? -11.755 12.629  -11.225 1.00 63.31 ? 126 GLU A OE1 1 
ATOM   1026 O OE2 . GLU A 1 126 ? -11.735 12.273  -13.399 1.00 62.55 ? 126 GLU A OE2 1 
ATOM   1027 N N   . ASP A 1 127 ? -15.672 7.252   -11.831 1.00 45.36 ? 127 ASP A N   1 
ATOM   1028 C CA  . ASP A 1 127 ? -16.977 6.666   -12.085 1.00 45.37 ? 127 ASP A CA  1 
ATOM   1029 C C   . ASP A 1 127 ? -17.754 6.408   -10.806 1.00 44.99 ? 127 ASP A C   1 
ATOM   1030 O O   . ASP A 1 127 ? -18.915 5.994   -10.878 1.00 47.18 ? 127 ASP A O   1 
ATOM   1031 C CB  . ASP A 1 127 ? -16.843 5.359   -12.884 1.00 43.86 ? 127 ASP A CB  1 
ATOM   1032 C CG  . ASP A 1 127 ? -15.994 4.299   -12.172 1.00 43.73 ? 127 ASP A CG  1 
ATOM   1033 O OD1 . ASP A 1 127 ? -15.880 4.338   -10.927 1.00 43.86 ? 127 ASP A OD1 1 
ATOM   1034 O OD2 . ASP A 1 127 ? -15.444 3.414   -12.868 1.00 43.07 ? 127 ASP A OD2 1 
ATOM   1035 N N   . GLY A 1 128 ? -17.133 6.613   -9.644  1.00 47.13 ? 128 GLY A N   1 
ATOM   1036 C CA  . GLY A 1 128 ? -17.783 6.409   -8.370  1.00 41.24 ? 128 GLY A CA  1 
ATOM   1037 C C   . GLY A 1 128 ? -17.961 4.969   -7.946  1.00 44.33 ? 128 GLY A C   1 
ATOM   1038 O O   . GLY A 1 128 ? -18.424 4.733   -6.823  1.00 46.93 ? 128 GLY A O   1 
ATOM   1039 N N   . VAL A 1 129 ? -17.602 3.995   -8.786  1.00 44.47 ? 129 VAL A N   1 
ATOM   1040 C CA  . VAL A 1 129 ? -17.902 2.596   -8.487  1.00 43.64 ? 129 VAL A CA  1 
ATOM   1041 C C   . VAL A 1 129 ? -16.650 1.721   -8.459  1.00 39.49 ? 129 VAL A C   1 
ATOM   1042 O O   . VAL A 1 129 ? -16.618 0.703   -7.760  1.00 41.49 ? 129 VAL A O   1 
ATOM   1043 C CB  . VAL A 1 129 ? -18.915 2.034   -9.502  1.00 45.32 ? 129 VAL A CB  1 
ATOM   1044 C CG1 . VAL A 1 129 ? -20.261 2.716   -9.343  1.00 48.69 ? 129 VAL A CG1 1 
ATOM   1045 C CG2 . VAL A 1 129 ? -18.400 2.217   -10.913 1.00 43.48 ? 129 VAL A CG2 1 
ATOM   1046 N N   . THR A 1 130 ? -15.616 2.095   -9.215  1.00 38.03 ? 130 THR A N   1 
ATOM   1047 C CA  . THR A 1 130 ? -14.434 1.253   -9.374  1.00 36.92 ? 130 THR A CA  1 
ATOM   1048 C C   . THR A 1 130 ? -13.420 1.558   -8.274  1.00 33.49 ? 130 THR A C   1 
ATOM   1049 O O   . THR A 1 130 ? -12.844 2.656   -8.275  1.00 31.82 ? 130 THR A O   1 
ATOM   1050 C CB  . THR A 1 130 ? -13.804 1.472   -10.744 1.00 38.69 ? 130 THR A CB  1 
ATOM   1051 O OG1 . THR A 1 130 ? -14.770 1.180   -11.758 1.00 38.95 ? 130 THR A OG1 1 
ATOM   1052 C CG2 . THR A 1 130 ? -12.569 0.569   -10.942 1.00 33.41 ? 130 THR A CG2 1 
ATOM   1053 N N   . PRO A 1 131 ? -13.141 0.635   -7.362  1.00 32.21 ? 131 PRO A N   1 
ATOM   1054 C CA  . PRO A 1 131 ? -12.168 0.919   -6.305  1.00 26.77 ? 131 PRO A CA  1 
ATOM   1055 C C   . PRO A 1 131 ? -10.738 0.716   -6.787  1.00 29.30 ? 131 PRO A C   1 
ATOM   1056 O O   . PRO A 1 131 ? -10.449 -0.054  -7.705  1.00 27.08 ? 131 PRO A O   1 
ATOM   1057 C CB  . PRO A 1 131 ? -12.534 -0.094  -5.215  1.00 30.52 ? 131 PRO A CB  1 
ATOM   1058 C CG  . PRO A 1 131 ? -13.032 -1.294  -5.996  1.00 30.39 ? 131 PRO A CG  1 
ATOM   1059 C CD  . PRO A 1 131 ? -13.710 -0.723  -7.246  1.00 30.31 ? 131 PRO A CD  1 
ATOM   1060 N N   . TYR A 1 132 ? -9.819  1.418   -6.131  1.00 27.91 ? 132 TYR A N   1 
ATOM   1061 C CA  . TYR A 1 132 ? -8.416  1.128   -6.374  1.00 23.28 ? 132 TYR A CA  1 
ATOM   1062 C C   . TYR A 1 132 ? -7.631  1.492   -5.123  1.00 23.52 ? 132 TYR A C   1 
ATOM   1063 O O   . TYR A 1 132 ? -8.101  2.247   -4.272  1.00 22.81 ? 132 TYR A O   1 
ATOM   1064 C CB  . TYR A 1 132 ? -7.886  1.846   -7.624  1.00 28.06 ? 132 TYR A CB  1 
ATOM   1065 C CG  . TYR A 1 132 ? -7.698  3.323   -7.436  1.00 33.25 ? 132 TYR A CG  1 
ATOM   1066 C CD1 . TYR A 1 132 ? -8.758  4.201   -7.619  1.00 29.23 ? 132 TYR A CD1 1 
ATOM   1067 C CD2 . TYR A 1 132 ? -6.459  3.846   -7.073  1.00 32.71 ? 132 TYR A CD2 1 
ATOM   1068 C CE1 . TYR A 1 132 ? -8.595  5.564   -7.440  1.00 33.56 ? 132 TYR A CE1 1 
ATOM   1069 C CE2 . TYR A 1 132 ? -6.289  5.208   -6.901  1.00 36.16 ? 132 TYR A CE2 1 
ATOM   1070 C CZ  . TYR A 1 132 ? -7.358  6.062   -7.087  1.00 36.78 ? 132 TYR A CZ  1 
ATOM   1071 O OH  . TYR A 1 132 ? -7.191  7.421   -6.908  1.00 45.04 ? 132 TYR A OH  1 
ATOM   1072 N N   . MET A 1 133 ? -6.447  0.894   -4.991  1.00 23.20 ? 133 MET A N   1 
ATOM   1073 C CA  . MET A 1 133 ? -5.654  1.048   -3.784  1.00 21.87 ? 133 MET A CA  1 
ATOM   1074 C C   . MET A 1 133 ? -4.240  1.446   -4.161  1.00 19.61 ? 133 MET A C   1 
ATOM   1075 O O   . MET A 1 133 ? -3.736  1.067   -5.218  1.00 23.26 ? 133 MET A O   1 
ATOM   1076 C CB  . MET A 1 133 ? -5.640  -0.246  -2.936  1.00 16.98 ? 133 MET A CB  1 
ATOM   1077 C CG  . MET A 1 133 ? -7.039  -0.658  -2.490  1.00 19.92 ? 133 MET A CG  1 
ATOM   1078 S SD  . MET A 1 133 ? -7.126  -1.963  -1.273  1.00 23.45 ? 133 MET A SD  1 
ATOM   1079 C CE  . MET A 1 133 ? -6.362  -1.169  0.164   1.00 21.66 ? 133 MET A CE  1 
ATOM   1080 N N   . ILE A 1 134 ? -3.597  2.208   -3.277  1.00 20.72 ? 134 ILE A N   1 
ATOM   1081 C CA  . ILE A 1 134 ? -2.264  2.749   -3.541  1.00 21.21 ? 134 ILE A CA  1 
ATOM   1082 C C   . ILE A 1 134 ? -1.307  2.253   -2.470  1.00 16.43 ? 134 ILE A C   1 
ATOM   1083 O O   . ILE A 1 134 ? -1.617  2.330   -1.278  1.00 20.07 ? 134 ILE A O   1 
ATOM   1084 C CB  . ILE A 1 134 ? -2.265  4.290   -3.568  1.00 25.90 ? 134 ILE A CB  1 
ATOM   1085 C CG1 . ILE A 1 134 ? -3.368  4.797   -4.489  1.00 30.29 ? 134 ILE A CG1 1 
ATOM   1086 C CG2 . ILE A 1 134 ? -0.910  4.791   -4.031  1.00 25.41 ? 134 ILE A CG2 1 
ATOM   1087 C CD1 . ILE A 1 134 ? -3.153  4.373   -5.925  1.00 33.60 ? 134 ILE A CD1 1 
ATOM   1088 N N   . PHE A 1 135 ? -0.133  1.783   -2.901  1.00 20.73 ? 135 PHE A N   1 
ATOM   1089 C CA  . PHE A 1 135 ? 0.881   1.198   -2.033  1.00 21.73 ? 135 PHE A CA  1 
ATOM   1090 C C   . PHE A 1 135 ? 2.232   1.838   -2.354  1.00 20.86 ? 135 PHE A C   1 
ATOM   1091 O O   . PHE A 1 135 ? 2.520   2.101   -3.518  1.00 23.17 ? 135 PHE A O   1 
ATOM   1092 C CB  . PHE A 1 135 ? 1.001   -0.329  -2.257  1.00 22.69 ? 135 PHE A CB  1 
ATOM   1093 C CG  . PHE A 1 135 ? -0.290  -1.088  -2.078  1.00 21.26 ? 135 PHE A CG  1 
ATOM   1094 C CD1 . PHE A 1 135 ? -1.230  -1.130  -3.098  1.00 23.13 ? 135 PHE A CD1 1 
ATOM   1095 C CD2 . PHE A 1 135 ? -0.544  -1.777  -0.907  1.00 21.26 ? 135 PHE A CD2 1 
ATOM   1096 C CE1 . PHE A 1 135 ? -2.422  -1.838  -2.922  1.00 19.53 ? 135 PHE A CE1 1 
ATOM   1097 C CE2 . PHE A 1 135 ? -1.726  -2.485  -0.731  1.00 20.65 ? 135 PHE A CE2 1 
ATOM   1098 C CZ  . PHE A 1 135 ? -2.658  -2.507  -1.738  1.00 21.48 ? 135 PHE A CZ  1 
ATOM   1099 N N   . PHE A 1 136 ? 3.082   2.029   -1.343  1.00 23.27 ? 136 PHE A N   1 
ATOM   1100 C CA  . PHE A 1 136 ? 4.472   2.400   -1.619  1.00 22.54 ? 136 PHE A CA  1 
ATOM   1101 C C   . PHE A 1 136 ? 5.230   1.221   -2.216  1.00 22.85 ? 136 PHE A C   1 
ATOM   1102 O O   . PHE A 1 136 ? 5.412   0.197   -1.547  1.00 22.57 ? 136 PHE A O   1 
ATOM   1103 C CB  . PHE A 1 136 ? 5.177   2.867   -0.346  1.00 25.08 ? 136 PHE A CB  1 
ATOM   1104 C CG  . PHE A 1 136 ? 4.713   4.192   0.137   1.00 24.17 ? 136 PHE A CG  1 
ATOM   1105 C CD1 . PHE A 1 136 ? 4.997   5.339   -0.584  1.00 28.86 ? 136 PHE A CD1 1 
ATOM   1106 C CD2 . PHE A 1 136 ? 3.969   4.294   1.299   1.00 29.23 ? 136 PHE A CD2 1 
ATOM   1107 C CE1 . PHE A 1 136 ? 4.550   6.581   -0.142  1.00 33.38 ? 136 PHE A CE1 1 
ATOM   1108 C CE2 . PHE A 1 136 ? 3.524   5.532   1.753   1.00 32.52 ? 136 PHE A CE2 1 
ATOM   1109 C CZ  . PHE A 1 136 ? 3.819   6.676   1.029   1.00 34.03 ? 136 PHE A CZ  1 
ATOM   1110 N N   . LYS A 1 137 ? 5.743   1.404   -3.433  1.00 22.77 ? 137 LYS A N   1 
ATOM   1111 C CA  . LYS A 1 137 ? 6.415   0.321   -4.144  1.00 22.24 ? 137 LYS A CA  1 
ATOM   1112 C C   . LYS A 1 137 ? 7.680   -0.122  -3.417  1.00 28.68 ? 137 LYS A C   1 
ATOM   1113 O O   . LYS A 1 137 ? 8.031   -1.311  -3.430  1.00 23.14 ? 137 LYS A O   1 
ATOM   1114 C CB  . LYS A 1 137 ? 6.736   0.755   -5.572  1.00 25.83 ? 137 LYS A CB  1 
ATOM   1115 C CG  . LYS A 1 137 ? 7.342   -0.356  -6.417  1.00 31.38 ? 137 LYS A CG  1 
ATOM   1116 C CD  . LYS A 1 137 ? 7.910   0.179   -7.707  1.00 38.07 ? 137 LYS A CD  1 
ATOM   1117 C CE  . LYS A 1 137 ? 8.627   -0.931  -8.471  1.00 47.09 ? 137 LYS A CE  1 
ATOM   1118 N NZ  . LYS A 1 137 ? 9.203   -0.420  -9.745  1.00 49.52 ? 137 LYS A NZ  1 
ATOM   1119 N N   . ASP A 1 138 ? 8.392   0.826   -2.796  1.00 25.59 ? 138 ASP A N   1 
ATOM   1120 C CA  . ASP A 1 138 ? 9.614   0.485   -2.077  1.00 26.69 ? 138 ASP A CA  1 
ATOM   1121 C C   . ASP A 1 138 ? 9.347   -0.280  -0.794  1.00 24.53 ? 138 ASP A C   1 
ATOM   1122 O O   . ASP A 1 138 ? 10.296  -0.793  -0.192  1.00 25.02 ? 138 ASP A O   1 
ATOM   1123 C CB  . ASP A 1 138 ? 10.407  1.752   -1.773  1.00 21.77 ? 138 ASP A CB  1 
ATOM   1124 C CG  . ASP A 1 138 ? 10.952  2.393   -3.030  1.00 26.94 ? 138 ASP A CG  1 
ATOM   1125 O OD1 . ASP A 1 138 ? 11.748  1.738   -3.746  1.00 30.17 ? 138 ASP A OD1 1 
ATOM   1126 O OD2 . ASP A 1 138 ? 10.549  3.527   -3.337  1.00 26.97 ? 138 ASP A OD2 1 
ATOM   1127 N N   . GLY A 1 139 ? 8.097   -0.347  -0.354  1.00 21.73 ? 139 GLY A N   1 
ATOM   1128 C CA  . GLY A 1 139 ? 7.717   -1.099  0.820   1.00 23.86 ? 139 GLY A CA  1 
ATOM   1129 C C   . GLY A 1 139 ? 7.179   -2.481  0.515   1.00 22.84 ? 139 GLY A C   1 
ATOM   1130 O O   . GLY A 1 139 ? 6.656   -3.141  1.422   1.00 24.93 ? 139 GLY A O   1 
ATOM   1131 N N   . LEU A 1 140 ? 7.310   -2.945  -0.720  1.00 21.90 ? 140 LEU A N   1 
ATOM   1132 C CA  . LEU A 1 140 ? 6.787   -4.234  -1.142  1.00 22.37 ? 140 LEU A CA  1 
ATOM   1133 C C   . LEU A 1 140 ? 7.917   -5.164  -1.546  1.00 27.00 ? 140 LEU A C   1 
ATOM   1134 O O   . LEU A 1 140 ? 8.944   -4.732  -2.086  1.00 27.12 ? 140 LEU A O   1 
ATOM   1135 C CB  . LEU A 1 140 ? 5.835   -4.091  -2.336  1.00 22.62 ? 140 LEU A CB  1 
ATOM   1136 C CG  . LEU A 1 140 ? 4.520   -3.342  -2.108  1.00 20.97 ? 140 LEU A CG  1 
ATOM   1137 C CD1 . LEU A 1 140 ? 3.833   -3.053  -3.446  1.00 23.62 ? 140 LEU A CD1 1 
ATOM   1138 C CD2 . LEU A 1 140 ? 3.591   -4.106  -1.148  1.00 20.56 ? 140 LEU A CD2 1 
ATOM   1139 N N   . GLU A 1 141 ? 7.686   -6.453  -1.322  1.00 23.50 ? 141 GLU A N   1 
ATOM   1140 C CA  . GLU A 1 141 ? 8.555   -7.512  -1.809  1.00 25.96 ? 141 GLU A CA  1 
ATOM   1141 C C   . GLU A 1 141 ? 7.733   -8.441  -2.687  1.00 29.16 ? 141 GLU A C   1 
ATOM   1142 O O   . GLU A 1 141 ? 6.654   -8.884  -2.279  1.00 25.16 ? 141 GLU A O   1 
ATOM   1143 C CB  . GLU A 1 141 ? 9.162   -8.274  -0.634  1.00 34.97 ? 141 GLU A CB  1 
ATOM   1144 C CG  . GLU A 1 141 ? 10.222  -9.259  -1.019  1.00 39.54 ? 141 GLU A CG  1 
ATOM   1145 C CD  . GLU A 1 141 ? 11.068  -9.620  0.172   1.00 50.65 ? 141 GLU A CD  1 
ATOM   1146 O OE1 . GLU A 1 141 ? 11.855  -8.755  0.613   1.00 51.30 ? 141 GLU A OE1 1 
ATOM   1147 O OE2 . GLU A 1 141 ? 10.922  -10.751 0.680   1.00 58.26 ? 141 GLU A OE2 1 
ATOM   1148 N N   . MET A 1 142 ? 8.234   -8.719  -3.887  1.00 25.08 ? 142 MET A N   1 
ATOM   1149 C CA  . MET A 1 142 ? 7.583   -9.638  -4.815  1.00 31.36 ? 142 MET A CA  1 
ATOM   1150 C C   . MET A 1 142 ? 8.005   -11.081 -4.567  1.00 35.71 ? 142 MET A C   1 
ATOM   1151 O O   . MET A 1 142 ? 9.182   -11.362 -4.316  1.00 33.93 ? 142 MET A O   1 
ATOM   1152 C CB  . MET A 1 142 ? 7.939   -9.283  -6.255  1.00 32.06 ? 142 MET A CB  1 
ATOM   1153 C CG  . MET A 1 142 ? 7.285   -8.042  -6.787  1.00 42.16 ? 142 MET A CG  1 
ATOM   1154 S SD  . MET A 1 142 ? 7.613   -7.828  -8.548  1.00 58.42 ? 142 MET A SD  1 
ATOM   1155 C CE  . MET A 1 142 ? 8.365   -9.395  -8.983  1.00 43.24 ? 142 MET A CE  1 
ATOM   1156 N N   . GLU A 1 143 ? 7.046   -12.002 -4.685  1.00 27.46 ? 143 GLU A N   1 
ATOM   1157 C CA  . GLU A 1 143 ? 7.331   -13.434 -4.755  1.00 28.15 ? 143 GLU A CA  1 
ATOM   1158 C C   . GLU A 1 143 ? 6.741   -13.947 -6.058  1.00 31.58 ? 143 GLU A C   1 
ATOM   1159 O O   . GLU A 1 143 ? 5.534   -13.807 -6.288  1.00 30.07 ? 143 GLU A O   1 
ATOM   1160 C CB  . GLU A 1 143 ? 6.759   -14.207 -3.557  1.00 30.83 ? 143 GLU A CB  1 
ATOM   1161 C CG  . GLU A 1 143 ? 7.053   -15.736 -3.657  1.00 34.29 ? 143 GLU A CG  1 
ATOM   1162 C CD  . GLU A 1 143 ? 6.512   -16.580 -2.494  1.00 43.08 ? 143 GLU A CD  1 
ATOM   1163 O OE1 . GLU A 1 143 ? 5.818   -16.044 -1.611  1.00 34.22 ? 143 GLU A OE1 1 
ATOM   1164 O OE2 . GLU A 1 143 ? 6.790   -17.803 -2.475  1.00 40.64 ? 143 GLU A OE2 1 
ATOM   1165 N N   . LYS A 1 144 ? 7.596   -14.485 -6.929  1.00 27.80 ? 144 LYS A N   1 
ATOM   1166 C CA  . LYS A 1 144 ? 7.163   -15.046 -8.201  1.00 30.97 ? 144 LYS A CA  1 
ATOM   1167 C C   . LYS A 1 144 ? 6.835   -16.518 -7.994  1.00 35.79 ? 144 LYS A C   1 
ATOM   1168 O O   . LYS A 1 144 ? 7.702   -17.313 -7.614  1.00 32.10 ? 144 LYS A O   1 
ATOM   1169 C CB  . LYS A 1 144 ? 8.230   -14.872 -9.284  1.00 37.97 ? 144 LYS A CB  1 
ATOM   1170 C CG  . LYS A 1 144 ? 8.350   -13.438 -9.806  1.00 40.43 ? 144 LYS A CG  1 
ATOM   1171 C CD  . LYS A 1 144 ? 9.246   -13.343 -11.046 1.00 48.62 ? 144 LYS A CD  1 
ATOM   1172 C CE  . LYS A 1 144 ? 10.704  -13.650 -10.722 1.00 47.51 ? 144 LYS A CE  1 
ATOM   1173 N NZ  . LYS A 1 144 ? 11.598  -13.616 -11.924 1.00 46.43 ? 144 LYS A NZ  1 
ATOM   1174 N N   . CYS A 1 145 ? 5.577   -16.874 -8.222  1.00 34.84 ? 145 CYS A N   1 
ATOM   1175 C CA  . CYS A 1 145 ? 5.093   -18.232 -8.003  1.00 38.19 ? 145 CYS A CA  1 
ATOM   1176 C C   . CYS A 1 145 ? 4.753   -18.813 -9.370  1.00 38.36 ? 145 CYS A C   1 
ATOM   1177 O O   . CYS A 1 145 ? 3.602   -18.778 -9.816  1.00 36.92 ? 145 CYS A O   1 
ATOM   1178 C CB  . CYS A 1 145 ? 3.886   -18.215 -7.047  1.00 40.07 ? 145 CYS A CB  1 
ATOM   1179 S SG  . CYS A 1 145 ? 4.246   -17.443 -5.433  1.00 55.22 ? 145 CYS A SG  1 
ATOM   1180 N N   . LEU A 1 146 ? 5.781   -19.340 -10.047 1.00 31.79 ? 146 LEU A N   1 
ATOM   1181 C CA  . LEU A 1 146 ? 5.645   -19.762 -11.435 1.00 36.74 ? 146 LEU A CA  1 
ATOM   1182 C C   . LEU A 1 146 ? 6.054   -21.223 -11.621 1.00 40.02 ? 146 LEU A C   1 
ATOM   1183 O O   . LEU A 1 146 ? 6.924   -21.541 -12.445 1.00 40.60 ? 146 LEU A O   1 
ATOM   1184 C CB  . LEU A 1 146 ? 6.484   -18.858 -12.345 1.00 38.14 ? 146 LEU A CB  1 
ATOM   1185 C CG  . LEU A 1 146 ? 6.329   -17.346 -12.132 1.00 38.17 ? 146 LEU A CG  1 
ATOM   1186 C CD1 . LEU A 1 146 ? 7.222   -16.570 -13.091 1.00 42.73 ? 146 LEU A CD1 1 
ATOM   1187 C CD2 . LEU A 1 146 ? 4.879   -16.926 -12.298 1.00 39.02 ? 146 LEU A CD2 1 
ATOM   1188 N N   . GLU A 1 147 ? 5.422   -22.118 -10.870 1.00 38.11 ? 147 GLU A N   1 
ATOM   1189 C CA  . GLU A 1 147 ? 5.741   -23.546 -10.907 1.00 40.39 ? 147 GLU A CA  1 
ATOM   1190 C C   . GLU A 1 147 ? 7.199   -23.807 -10.528 1.00 48.17 ? 147 GLU A C   1 
ATOM   1191 O O   . GLU A 1 147 ? 7.913   -24.536 -11.216 1.00 44.28 ? 147 GLU A O   1 
ATOM   1192 C CB  . GLU A 1 147 ? 5.440   -24.155 -12.280 1.00 40.69 ? 147 GLU A CB  1 
ATOM   1193 C CG  . GLU A 1 147 ? 3.999   -24.111 -12.733 1.00 40.05 ? 147 GLU A CG  1 
ATOM   1194 C CD  . GLU A 1 147 ? 3.735   -25.067 -13.891 1.00 40.50 ? 147 GLU A CD  1 
ATOM   1195 O OE1 . GLU A 1 147 ? 3.990   -24.698 -15.063 1.00 34.28 ? 147 GLU A OE1 1 
ATOM   1196 O OE2 . GLU A 1 147 ? 3.291   -26.200 -13.619 1.00 38.47 ? 147 GLU A OE2 1 
ATOM   1197 N N   . HIS A 1 148 ? 7.588   -23.276 -9.394  1.00 48.89 ? 148 HIS A N   1 
ATOM   1198 C CA  . HIS A 1 148 ? 8.879   -23.796 -8.937  1.00 56.21 ? 148 HIS A CA  1 
ATOM   1199 C C   . HIS A 1 148 ? 8.659   -25.309 -8.666  1.00 57.86 ? 148 HIS A C   1 
ATOM   1200 O O   . HIS A 1 148 ? 8.661   -25.637 -7.479  1.00 55.93 ? 148 HIS A O   1 
ATOM   1201 C CB  . HIS A 1 148 ? 9.415   -22.885 -7.815  1.00 54.68 ? 148 HIS A CB  1 
ATOM   1202 C CG  . HIS A 1 148 ? 8.706   -22.959 -6.502  1.00 56.65 ? 148 HIS A CG  1 
ATOM   1203 N ND1 . HIS A 1 148 ? 7.354   -22.716 -6.352  1.00 53.62 ? 148 HIS A ND1 1 
ATOM   1204 C CD2 . HIS A 1 148 ? 9.166   -23.252 -5.272  1.00 55.63 ? 148 HIS A CD2 1 
ATOM   1205 C CE1 . HIS A 1 148 ? 7.028   -22.835 -5.091  1.00 48.44 ? 148 HIS A CE1 1 
ATOM   1206 N NE2 . HIS A 1 148 ? 8.117   -23.166 -4.407  1.00 53.37 ? 148 HIS A NE2 1 
ATOM   1207 N N   . HIS A 1 149 ? 8.342   -26.190 -9.678  1.00 62.29 ? 149 HIS A N   1 
ATOM   1208 C CA  . HIS A 1 149 ? 8.344   -27.583 -9.235  1.00 57.32 ? 149 HIS A CA  1 
ATOM   1209 C C   . HIS A 1 149 ? 9.403   -27.884 -8.181  1.00 63.12 ? 149 HIS A C   1 
ATOM   1210 O O   . HIS A 1 149 ? 9.629   -29.044 -7.844  1.00 63.18 ? 149 HIS A O   1 
ATOM   1211 C CB  . HIS A 1 149 ? 8.539   -28.511 -10.443 1.00 64.38 ? 149 HIS A CB  1 
ATOM   1212 C CG  . HIS A 1 149 ? 7.472   -28.386 -11.491 1.00 61.20 ? 149 HIS A CG  1 
ATOM   1213 N ND1 . HIS A 1 149 ? 6.172   -28.802 -11.286 1.00 59.12 ? 149 HIS A ND1 1 
ATOM   1214 C CD2 . HIS A 1 149 ? 7.506   -27.874 -12.745 1.00 57.50 ? 149 HIS A CD2 1 
ATOM   1215 C CE1 . HIS A 1 149 ? 5.456   -28.560 -12.369 1.00 55.01 ? 149 HIS A CE1 1 
ATOM   1216 N NE2 . HIS A 1 149 ? 6.242   -27.998 -13.271 1.00 54.64 ? 149 HIS A NE2 1 
HETATM 1217 O O   . HOH B 2 .   ? -16.471 14.552  3.529   1.00 50.90 ? 201 HOH A O   1 
HETATM 1218 O O   . HOH B 2 .   ? 5.920   14.028  15.019  1.00 56.66 ? 202 HOH A O   1 
HETATM 1219 O O   . HOH B 2 .   ? 17.491  11.580  -8.009  1.00 51.32 ? 203 HOH A O   1 
HETATM 1220 O O   . HOH B 2 .   ? -12.079 -3.064  -11.757 1.00 39.57 ? 204 HOH A O   1 
HETATM 1221 O O   . HOH B 2 .   ? -11.871 5.681   -0.159  1.00 37.96 ? 205 HOH A O   1 
HETATM 1222 O O   . HOH B 2 .   ? -3.423  -13.182 0.023   1.00 29.37 ? 206 HOH A O   1 
HETATM 1223 O O   . HOH B 2 .   ? -7.722  18.754  -0.743  1.00 42.19 ? 207 HOH A O   1 
HETATM 1224 O O   . HOH B 2 .   ? -5.967  -13.788 10.629  1.00 46.89 ? 208 HOH A O   1 
HETATM 1225 O O   . HOH B 2 .   ? -7.672  10.960  -4.683  1.00 46.04 ? 209 HOH A O   1 
HETATM 1226 O O   . HOH B 2 .   ? 18.805  7.818   -7.478  1.00 38.61 ? 210 HOH A O   1 
HETATM 1227 O O   . HOH B 2 .   ? 6.470   -2.042  3.871   1.00 23.15 ? 211 HOH A O   1 
HETATM 1228 O O   . HOH B 2 .   ? -2.883  -11.456 13.685  1.00 49.64 ? 212 HOH A O   1 
HETATM 1229 O O   . HOH B 2 .   ? -6.642  -11.318 -13.519 1.00 36.41 ? 213 HOH A O   1 
HETATM 1230 O O   . HOH B 2 .   ? 21.302  7.888   3.442   1.00 39.12 ? 214 HOH A O   1 
HETATM 1231 O O   . HOH B 2 .   ? -10.286 8.700   6.630   1.00 39.60 ? 215 HOH A O   1 
HETATM 1232 O O   . HOH B 2 .   ? 7.895   3.617   -2.646  1.00 24.71 ? 216 HOH A O   1 
HETATM 1233 O O   . HOH B 2 .   ? -8.370  -5.465  -11.596 1.00 25.98 ? 217 HOH A O   1 
HETATM 1234 O O   . HOH B 2 .   ? -10.667 13.745  -15.362 1.00 54.89 ? 218 HOH A O   1 
HETATM 1235 O O   . HOH B 2 .   ? 2.733   3.399   5.142   1.00 32.72 ? 219 HOH A O   1 
HETATM 1236 O O   . HOH B 2 .   ? -13.891 -1.929  7.951   1.00 51.63 ? 220 HOH A O   1 
HETATM 1237 O O   . HOH B 2 .   ? 7.716   10.199  -6.827  1.00 39.00 ? 221 HOH A O   1 
HETATM 1238 O O   . HOH B 2 .   ? -9.970  4.101   7.271   1.00 32.14 ? 222 HOH A O   1 
HETATM 1239 O O   . HOH B 2 .   ? 7.968   0.889   10.202  1.00 37.18 ? 223 HOH A O   1 
HETATM 1240 O O   . HOH B 2 .   ? 19.587  7.830   -3.243  1.00 29.35 ? 224 HOH A O   1 
HETATM 1241 O O   . HOH B 2 .   ? -1.721  18.263  12.846  1.00 52.70 ? 225 HOH A O   1 
HETATM 1242 O O   . HOH B 2 .   ? 0.376   -6.139  9.095   1.00 36.71 ? 226 HOH A O   1 
HETATM 1243 O O   . HOH B 2 .   ? -4.284  0.137   -11.756 1.00 34.82 ? 227 HOH A O   1 
HETATM 1244 O O   . HOH B 2 .   ? -2.978  -9.225  4.497   1.00 22.51 ? 228 HOH A O   1 
HETATM 1245 O O   . HOH B 2 .   ? -4.404  9.421   -3.562  1.00 51.02 ? 229 HOH A O   1 
HETATM 1246 O O   . HOH B 2 .   ? 9.580   16.376  -1.336  1.00 35.33 ? 230 HOH A O   1 
HETATM 1247 O O   . HOH B 2 .   ? 10.394  9.354   -6.296  1.00 40.42 ? 231 HOH A O   1 
HETATM 1248 O O   . HOH B 2 .   ? 12.766  -0.823  -3.839  1.00 41.62 ? 232 HOH A O   1 
HETATM 1249 O O   . HOH B 2 .   ? 0.592   -3.724  6.654   1.00 30.79 ? 233 HOH A O   1 
HETATM 1250 O O   . HOH B 2 .   ? 0.535   5.516   4.368   1.00 36.49 ? 234 HOH A O   1 
HETATM 1251 O O   . HOH B 2 .   ? -11.834 -11.238 -6.391  0.50 27.96 ? 235 HOH A O   1 
HETATM 1252 O O   . HOH B 2 .   ? 1.883   -14.500 -12.868 1.00 37.48 ? 236 HOH A O   1 
HETATM 1253 O O   . HOH B 2 .   ? 10.482  7.193   -7.504  1.00 39.01 ? 237 HOH A O   1 
HETATM 1254 O O   . HOH B 2 .   ? 24.071  3.006   1.660   1.00 38.39 ? 238 HOH A O   1 
HETATM 1255 O O   . HOH B 2 .   ? -10.369 -3.990  -12.951 1.00 45.36 ? 239 HOH A O   1 
HETATM 1256 O O   . HOH B 2 .   ? 2.946   0.773   -15.090 1.00 42.40 ? 240 HOH A O   1 
HETATM 1257 O O   . HOH B 2 .   ? -10.842 -8.063  5.192   1.00 30.95 ? 241 HOH A O   1 
HETATM 1258 O O   . HOH B 2 .   ? -14.392 -3.638  1.441   1.00 39.92 ? 242 HOH A O   1 
HETATM 1259 O O   . HOH B 2 .   ? -0.235  18.632  4.213   1.00 33.74 ? 243 HOH A O   1 
HETATM 1260 O O   . HOH B 2 .   ? 6.685   4.728   -13.326 1.00 49.43 ? 244 HOH A O   1 
HETATM 1261 O O   . HOH B 2 .   ? 10.804  -7.461  -4.612  1.00 35.92 ? 245 HOH A O   1 
HETATM 1262 O O   . HOH B 2 .   ? -2.054  9.090   -3.120  1.00 44.97 ? 246 HOH A O   1 
HETATM 1263 O O   . HOH B 2 .   ? -13.291 3.911   -14.858 1.00 54.21 ? 247 HOH A O   1 
HETATM 1264 O O   . HOH B 2 .   ? -6.494  14.216  14.416  1.00 54.27 ? 248 HOH A O   1 
HETATM 1265 O O   . HOH B 2 .   ? 20.557  -2.176  -5.661  1.00 52.68 ? 249 HOH A O   1 
HETATM 1266 O O   . HOH B 2 .   ? -1.338  -7.388  -13.622 1.00 45.75 ? 250 HOH A O   1 
HETATM 1267 O O   . HOH B 2 .   ? -10.586 7.764   -12.331 1.00 52.04 ? 251 HOH A O   1 
HETATM 1268 O O   . HOH B 2 .   ? 12.647  -2.174  -1.451  1.00 43.64 ? 252 HOH A O   1 
HETATM 1269 O O   . HOH B 2 .   ? 5.783   2.765   11.477  1.00 43.16 ? 253 HOH A O   1 
HETATM 1270 O O   . HOH B 2 .   ? 9.362   -3.303  -10.600 1.00 54.00 ? 254 HOH A O   1 
HETATM 1271 O O   . HOH B 2 .   ? 10.308  -9.864  4.494   1.00 44.32 ? 255 HOH A O   1 
HETATM 1272 O O   . HOH B 2 .   ? -9.235  -7.943  -11.500 1.00 35.45 ? 256 HOH A O   1 
HETATM 1273 O O   . HOH B 2 .   ? -11.619 -4.522  7.743   1.00 42.85 ? 257 HOH A O   1 
HETATM 1274 O O   . HOH B 2 .   ? 10.328  -15.280 -5.898  1.00 43.35 ? 258 HOH A O   1 
HETATM 1275 O O   . HOH B 2 .   ? -5.631  -14.719 1.427   1.00 42.95 ? 259 HOH A O   1 
HETATM 1276 O O   . HOH B 2 .   ? -1.791  -5.175  -14.955 1.00 45.69 ? 260 HOH A O   1 
HETATM 1277 O O   . HOH B 2 .   ? -5.757  11.901  -5.624  1.00 52.34 ? 261 HOH A O   1 
HETATM 1278 O O   . HOH B 2 .   ? -4.509  14.780  15.487  1.00 50.81 ? 262 HOH A O   1 
HETATM 1279 O O   . HOH B 2 .   ? 1.956   9.316   -12.393 1.00 53.62 ? 263 HOH A O   1 
HETATM 1280 O O   . HOH B 2 .   ? 10.800  2.222   -9.253  1.00 47.63 ? 264 HOH A O   1 
HETATM 1281 O O   . HOH B 2 .   ? -0.702  -12.893 4.603   1.00 39.52 ? 265 HOH A O   1 
HETATM 1282 O O   . HOH B 2 .   ? -2.409  -16.582 1.845   1.00 40.22 ? 266 HOH A O   1 
HETATM 1283 O O   . HOH B 2 .   ? -8.289  7.745   -10.956 1.00 51.02 ? 267 HOH A O   1 
HETATM 1284 O O   . HOH B 2 .   ? -4.441  -14.734 -5.847  0.50 40.81 ? 268 HOH A O   1 
HETATM 1285 O O   . HOH B 2 .   ? -8.258  20.057  4.197   1.00 42.92 ? 269 HOH A O   1 
HETATM 1286 O O   . HOH B 2 .   ? 14.375  -3.719  -1.169  1.00 53.78 ? 270 HOH A O   1 
HETATM 1287 O O   . HOH B 2 .   ? 5.240   6.417   -13.133 1.00 49.24 ? 271 HOH A O   1 
HETATM 1288 O O   . HOH B 2 .   ? 5.610   11.932  -5.458  1.00 40.26 ? 272 HOH A O   1 
HETATM 1289 O O   . HOH B 2 .   ? -2.189  -13.645 -12.703 1.00 44.41 ? 273 HOH A O   1 
HETATM 1290 O O   . HOH B 2 .   ? 19.596  12.460  -8.383  1.00 54.98 ? 274 HOH A O   1 
HETATM 1291 O O   . HOH B 2 .   ? 6.835   20.699  -3.343  1.00 42.73 ? 275 HOH A O   1 
HETATM 1292 O O   . HOH B 2 .   ? -3.912  -16.099 5.873   1.00 48.04 ? 276 HOH A O   1 
HETATM 1293 O O   . HOH B 2 .   ? 12.868  -7.485  6.035   1.00 54.66 ? 277 HOH A O   1 
HETATM 1294 O O   . HOH B 2 .   ? -5.113  7.260   16.596  1.00 47.43 ? 278 HOH A O   1 
HETATM 1295 O O   . HOH B 2 .   ? -3.678  -13.265 3.334   1.00 42.60 ? 279 HOH A O   1 
HETATM 1296 O O   . HOH B 2 .   ? -0.212  5.379   1.304   1.00 43.64 ? 280 HOH A O   1 
HETATM 1297 O O   . HOH B 2 .   ? 20.303  14.739  -6.402  1.00 51.04 ? 281 HOH A O   1 
HETATM 1298 O O   . HOH B 2 .   ? 9.183   -3.909  -5.635  1.00 46.71 ? 282 HOH A O   1 
HETATM 1299 O O   . HOH B 2 .   ? 22.619  8.868   5.516   1.00 44.30 ? 283 HOH A O   1 
HETATM 1300 O O   . HOH B 2 .   ? 21.586  1.913   8.774   1.00 57.67 ? 284 HOH A O   1 
HETATM 1301 O O   . HOH B 2 .   ? 1.014   5.466   -0.613  1.00 40.53 ? 285 HOH A O   1 
HETATM 1302 O O   . HOH B 2 .   ? 21.004  8.811   -0.912  1.00 37.00 ? 286 HOH A O   1 
HETATM 1303 O O   . HOH B 2 .   ? -13.149 -7.803  4.414   1.00 43.36 ? 287 HOH A O   1 
HETATM 1304 O O   . HOH B 2 .   ? 7.483   -4.212  -8.066  1.00 49.34 ? 288 HOH A O   1 
HETATM 1305 O O   . HOH B 2 .   ? -13.057 -4.019  5.778   1.00 46.85 ? 289 HOH A O   1 
HETATM 1306 O O   . HOH B 2 .   ? 20.020  10.509  2.975   0.50 46.11 ? 290 HOH A O   1 
HETATM 1307 O O   . HOH B 2 .   ? -14.475 -1.484  2.211   1.00 50.76 ? 291 HOH A O   1 
# 
